data_5NA9
# 
_entry.id   5NA9 
# 
_audit_conform.dict_name       mmcif_pdbx.dic 
_audit_conform.dict_version    5.397 
_audit_conform.dict_location   http://mmcif.pdb.org/dictionaries/ascii/mmcif_pdbx.dic 
# 
loop_
_database_2.database_id 
_database_2.database_code 
_database_2.pdbx_database_accession 
_database_2.pdbx_DOI 
PDB   5NA9         pdb_00005na9 10.2210/pdb5na9/pdb 
WWPDB D_1200003761 ?            ?                   
# 
loop_
_pdbx_audit_revision_history.ordinal 
_pdbx_audit_revision_history.data_content_type 
_pdbx_audit_revision_history.major_revision 
_pdbx_audit_revision_history.minor_revision 
_pdbx_audit_revision_history.revision_date 
1 'Structure model' 1 0 2017-08-16 
2 'Structure model' 1 1 2024-01-17 
3 'Structure model' 1 2 2024-10-16 
# 
_pdbx_audit_revision_details.ordinal             1 
_pdbx_audit_revision_details.revision_ordinal    1 
_pdbx_audit_revision_details.data_content_type   'Structure model' 
_pdbx_audit_revision_details.provider            repository 
_pdbx_audit_revision_details.type                'Initial release' 
_pdbx_audit_revision_details.description         ? 
_pdbx_audit_revision_details.details             ? 
# 
loop_
_pdbx_audit_revision_group.ordinal 
_pdbx_audit_revision_group.revision_ordinal 
_pdbx_audit_revision_group.data_content_type 
_pdbx_audit_revision_group.group 
1 2 'Structure model' Advisory                 
2 2 'Structure model' 'Data collection'        
3 2 'Structure model' 'Database references'    
4 2 'Structure model' 'Derived calculations'   
5 2 'Structure model' 'Refinement description' 
6 3 'Structure model' 'Structure summary'      
# 
loop_
_pdbx_audit_revision_category.ordinal 
_pdbx_audit_revision_category.revision_ordinal 
_pdbx_audit_revision_category.data_content_type 
_pdbx_audit_revision_category.category 
1 2 'Structure model' chem_comp_atom                
2 2 'Structure model' chem_comp_bond                
3 2 'Structure model' database_2                    
4 2 'Structure model' pdbx_initial_refinement_model 
5 2 'Structure model' pdbx_struct_conn_angle        
6 2 'Structure model' pdbx_unobs_or_zero_occ_atoms  
7 2 'Structure model' struct_conn                   
8 3 'Structure model' pdbx_entry_details            
9 3 'Structure model' pdbx_modification_feature     
# 
loop_
_pdbx_audit_revision_item.ordinal 
_pdbx_audit_revision_item.revision_ordinal 
_pdbx_audit_revision_item.data_content_type 
_pdbx_audit_revision_item.item 
1  2 'Structure model' '_database_2.pdbx_DOI'                        
2  2 'Structure model' '_database_2.pdbx_database_accession'         
3  2 'Structure model' '_pdbx_struct_conn_angle.ptnr1_auth_comp_id'  
4  2 'Structure model' '_pdbx_struct_conn_angle.ptnr1_auth_seq_id'   
5  2 'Structure model' '_pdbx_struct_conn_angle.ptnr1_label_asym_id' 
6  2 'Structure model' '_pdbx_struct_conn_angle.ptnr1_label_comp_id' 
7  2 'Structure model' '_pdbx_struct_conn_angle.ptnr1_label_seq_id'  
8  2 'Structure model' '_pdbx_struct_conn_angle.ptnr1_symmetry'      
9  2 'Structure model' '_pdbx_struct_conn_angle.ptnr3_auth_comp_id'  
10 2 'Structure model' '_pdbx_struct_conn_angle.ptnr3_auth_seq_id'   
11 2 'Structure model' '_pdbx_struct_conn_angle.ptnr3_label_asym_id' 
12 2 'Structure model' '_pdbx_struct_conn_angle.ptnr3_label_comp_id' 
13 2 'Structure model' '_pdbx_struct_conn_angle.ptnr3_label_seq_id'  
14 2 'Structure model' '_pdbx_struct_conn_angle.ptnr3_symmetry'      
15 2 'Structure model' '_pdbx_struct_conn_angle.value'               
16 2 'Structure model' '_struct_conn.pdbx_dist_value'                
17 2 'Structure model' '_struct_conn.pdbx_ptnr1_label_alt_id'        
18 2 'Structure model' '_struct_conn.pdbx_ptnr2_label_alt_id'        
19 2 'Structure model' '_struct_conn.ptnr1_auth_comp_id'             
20 2 'Structure model' '_struct_conn.ptnr1_auth_seq_id'              
21 2 'Structure model' '_struct_conn.ptnr1_label_asym_id'            
22 2 'Structure model' '_struct_conn.ptnr1_label_atom_id'            
23 2 'Structure model' '_struct_conn.ptnr1_label_comp_id'            
24 2 'Structure model' '_struct_conn.ptnr1_label_seq_id'             
25 2 'Structure model' '_struct_conn.ptnr2_auth_comp_id'             
26 2 'Structure model' '_struct_conn.ptnr2_auth_seq_id'              
27 2 'Structure model' '_struct_conn.ptnr2_label_asym_id'            
28 2 'Structure model' '_struct_conn.ptnr2_label_atom_id'            
29 2 'Structure model' '_struct_conn.ptnr2_label_comp_id'            
30 2 'Structure model' '_struct_conn.ptnr2_symmetry'                 
# 
_pdbx_database_status.status_code                     REL 
_pdbx_database_status.status_code_sf                  REL 
_pdbx_database_status.status_code_mr                  ? 
_pdbx_database_status.entry_id                        5NA9 
_pdbx_database_status.recvd_initial_deposition_date   2017-02-27 
_pdbx_database_status.SG_entry                        N 
_pdbx_database_status.deposit_site                    PDBE 
_pdbx_database_status.process_site                    PDBE 
_pdbx_database_status.status_code_cs                  ? 
_pdbx_database_status.methods_development_category    ? 
_pdbx_database_status.pdb_format_compatible           Y 
_pdbx_database_status.status_code_nmr_data            ? 
# 
loop_
_audit_author.name 
_audit_author.pdbx_ordinal 
_audit_author.identifier_ORCID 
'Ferraro, G.' 1 ? 
'Merlino, A.' 2 ? 
# 
_citation.abstract                  ? 
_citation.abstract_id_CAS           ? 
_citation.book_id_ISBN              ? 
_citation.book_publisher            ? 
_citation.book_publisher_city       ? 
_citation.book_title                ? 
_citation.coordinate_linkage        ? 
_citation.country                   US 
_citation.database_id_Medline       ? 
_citation.details                   ? 
_citation.id                        primary 
_citation.journal_abbrev            'J. Inorg. Biochem.' 
_citation.journal_id_ASTM           JIBIDJ 
_citation.journal_id_CSD            0525 
_citation.journal_id_ISSN           1873-3344 
_citation.journal_full              ? 
_citation.journal_issue             ? 
_citation.journal_volume            173 
_citation.language                  ? 
_citation.page_first                105 
_citation.page_last                 112 
_citation.title                     
'A comparison study on RNase A oligomerization induced by cisplatin, carboplatin and oxaliplatin.' 
_citation.year                      2017 
_citation.database_id_CSD           ? 
_citation.pdbx_database_id_DOI      10.1016/j.jinorgbio.2017.05.005 
_citation.pdbx_database_id_PubMed   28511060 
_citation.unpublished_flag          ? 
# 
loop_
_citation_author.citation_id 
_citation_author.name 
_citation_author.ordinal 
_citation_author.identifier_ORCID 
primary 'Picone, D.'     1 ? 
primary 'Donnarumma, F.' 2 ? 
primary 'Ferraro, G.'    3 ? 
primary 'Gotte, G.'      4 ? 
primary 'Fagagnini, A.'  5 ? 
primary 'Butera, G.'     6 ? 
primary 'Donadelli, M.'  7 ? 
primary 'Merlino, A.'    8 ? 
# 
loop_
_entity.id 
_entity.type 
_entity.src_method 
_entity.pdbx_description 
_entity.formula_weight 
_entity.pdbx_number_of_molecules 
_entity.pdbx_ec 
_entity.pdbx_mutation 
_entity.pdbx_fragment 
_entity.details 
1 polymer     nat 'Ribonuclease pancreatic' 13708.326 1   3.1.27.5 ? ? ? 
2 non-polymer syn carboplatin               371.248   1   ?        ? ? ? 
3 non-polymer syn 'CESIUM ION'              132.905   4   ?        ? ? ? 
4 non-polymer syn 'CHLORIDE ION'            35.453    9   ?        ? ? ? 
5 water       nat water                     18.015    215 ?        ? ? ? 
# 
_entity_name_com.entity_id   1 
_entity_name_com.name        'RNase 1,RNase A' 
# 
_entity_poly.entity_id                      1 
_entity_poly.type                           'polypeptide(L)' 
_entity_poly.nstd_linkage                   no 
_entity_poly.nstd_monomer                   no 
_entity_poly.pdbx_seq_one_letter_code       
;KETAAAKFERQHMDSSTSAASSSNYCNQMMKSRNLTKDRCKPVNTFVHESLADVQAVCSQKNVACKNGQTNCYQSYSTMS
ITDCRETGSSKYPNCAYKTTQANKHIIVACEGNPYVPVHFDASV
;
_entity_poly.pdbx_seq_one_letter_code_can   
;KETAAAKFERQHMDSSTSAASSSNYCNQMMKSRNLTKDRCKPVNTFVHESLADVQAVCSQKNVACKNGQTNCYQSYSTMS
ITDCRETGSSKYPNCAYKTTQANKHIIVACEGNPYVPVHFDASV
;
_entity_poly.pdbx_strand_id                 A 
_entity_poly.pdbx_target_identifier         ? 
# 
loop_
_pdbx_entity_nonpoly.entity_id 
_pdbx_entity_nonpoly.name 
_pdbx_entity_nonpoly.comp_id 
2 carboplatin    QPT 
3 'CESIUM ION'   CS  
4 'CHLORIDE ION' CL  
5 water          HOH 
# 
loop_
_entity_poly_seq.entity_id 
_entity_poly_seq.num 
_entity_poly_seq.mon_id 
_entity_poly_seq.hetero 
1 1   LYS n 
1 2   GLU n 
1 3   THR n 
1 4   ALA n 
1 5   ALA n 
1 6   ALA n 
1 7   LYS n 
1 8   PHE n 
1 9   GLU n 
1 10  ARG n 
1 11  GLN n 
1 12  HIS n 
1 13  MET n 
1 14  ASP n 
1 15  SER n 
1 16  SER n 
1 17  THR n 
1 18  SER n 
1 19  ALA n 
1 20  ALA n 
1 21  SER n 
1 22  SER n 
1 23  SER n 
1 24  ASN n 
1 25  TYR n 
1 26  CYS n 
1 27  ASN n 
1 28  GLN n 
1 29  MET n 
1 30  MET n 
1 31  LYS n 
1 32  SER n 
1 33  ARG n 
1 34  ASN n 
1 35  LEU n 
1 36  THR n 
1 37  LYS n 
1 38  ASP n 
1 39  ARG n 
1 40  CYS n 
1 41  LYS n 
1 42  PRO n 
1 43  VAL n 
1 44  ASN n 
1 45  THR n 
1 46  PHE n 
1 47  VAL n 
1 48  HIS n 
1 49  GLU n 
1 50  SER n 
1 51  LEU n 
1 52  ALA n 
1 53  ASP n 
1 54  VAL n 
1 55  GLN n 
1 56  ALA n 
1 57  VAL n 
1 58  CYS n 
1 59  SER n 
1 60  GLN n 
1 61  LYS n 
1 62  ASN n 
1 63  VAL n 
1 64  ALA n 
1 65  CYS n 
1 66  LYS n 
1 67  ASN n 
1 68  GLY n 
1 69  GLN n 
1 70  THR n 
1 71  ASN n 
1 72  CYS n 
1 73  TYR n 
1 74  GLN n 
1 75  SER n 
1 76  TYR n 
1 77  SER n 
1 78  THR n 
1 79  MET n 
1 80  SER n 
1 81  ILE n 
1 82  THR n 
1 83  ASP n 
1 84  CYS n 
1 85  ARG n 
1 86  GLU n 
1 87  THR n 
1 88  GLY n 
1 89  SER n 
1 90  SER n 
1 91  LYS n 
1 92  TYR n 
1 93  PRO n 
1 94  ASN n 
1 95  CYS n 
1 96  ALA n 
1 97  TYR n 
1 98  LYS n 
1 99  THR n 
1 100 THR n 
1 101 GLN n 
1 102 ALA n 
1 103 ASN n 
1 104 LYS n 
1 105 HIS n 
1 106 ILE n 
1 107 ILE n 
1 108 VAL n 
1 109 ALA n 
1 110 CYS n 
1 111 GLU n 
1 112 GLY n 
1 113 ASN n 
1 114 PRO n 
1 115 TYR n 
1 116 VAL n 
1 117 PRO n 
1 118 VAL n 
1 119 HIS n 
1 120 PHE n 
1 121 ASP n 
1 122 ALA n 
1 123 SER n 
1 124 VAL n 
# 
_entity_src_nat.entity_id                  1 
_entity_src_nat.pdbx_src_id                1 
_entity_src_nat.pdbx_alt_source_flag       sample 
_entity_src_nat.pdbx_beg_seq_num           1 
_entity_src_nat.pdbx_end_seq_num           124 
_entity_src_nat.common_name                Bovine 
_entity_src_nat.pdbx_organism_scientific   'Bos taurus' 
_entity_src_nat.pdbx_ncbi_taxonomy_id      9913 
_entity_src_nat.genus                      ? 
_entity_src_nat.species                    ? 
_entity_src_nat.strain                     ? 
_entity_src_nat.tissue                     ? 
_entity_src_nat.tissue_fraction            ? 
_entity_src_nat.pdbx_secretion             ? 
_entity_src_nat.pdbx_fragment              ? 
_entity_src_nat.pdbx_variant               ? 
_entity_src_nat.pdbx_cell_line             ? 
_entity_src_nat.pdbx_atcc                  ? 
_entity_src_nat.pdbx_cellular_location     ? 
_entity_src_nat.pdbx_organ                 ? 
_entity_src_nat.pdbx_organelle             ? 
_entity_src_nat.pdbx_cell                  ? 
_entity_src_nat.pdbx_plasmid_name          ? 
_entity_src_nat.pdbx_plasmid_details       ? 
_entity_src_nat.details                    ? 
# 
loop_
_chem_comp.id 
_chem_comp.type 
_chem_comp.mon_nstd_flag 
_chem_comp.name 
_chem_comp.pdbx_synonyms 
_chem_comp.formula 
_chem_comp.formula_weight 
ALA 'L-peptide linking' y ALANINE         ? 'C3 H7 N O2'        89.093  
ARG 'L-peptide linking' y ARGININE        ? 'C6 H15 N4 O2 1'    175.209 
ASN 'L-peptide linking' y ASPARAGINE      ? 'C4 H8 N2 O3'       132.118 
ASP 'L-peptide linking' y 'ASPARTIC ACID' ? 'C4 H7 N O4'        133.103 
CL  non-polymer         . 'CHLORIDE ION'  ? 'Cl -1'             35.453  
CS  non-polymer         . 'CESIUM ION'    ? 'Cs 1'              132.905 
CYS 'L-peptide linking' y CYSTEINE        ? 'C3 H7 N O2 S'      121.158 
GLN 'L-peptide linking' y GLUTAMINE       ? 'C5 H10 N2 O3'      146.144 
GLU 'L-peptide linking' y 'GLUTAMIC ACID' ? 'C5 H9 N O4'        147.129 
GLY 'peptide linking'   y GLYCINE         ? 'C2 H5 N O2'        75.067  
HIS 'L-peptide linking' y HISTIDINE       ? 'C6 H10 N3 O2 1'    156.162 
HOH non-polymer         . WATER           ? 'H2 O'              18.015  
ILE 'L-peptide linking' y ISOLEUCINE      ? 'C6 H13 N O2'       131.173 
LEU 'L-peptide linking' y LEUCINE         ? 'C6 H13 N O2'       131.173 
LYS 'L-peptide linking' y LYSINE          ? 'C6 H15 N2 O2 1'    147.195 
MET 'L-peptide linking' y METHIONINE      ? 'C5 H11 N O2 S'     149.211 
PHE 'L-peptide linking' y PHENYLALANINE   ? 'C9 H11 N O2'       165.189 
PRO 'L-peptide linking' y PROLINE         ? 'C5 H9 N O2'        115.130 
QPT non-polymer         . carboplatin     ? 'C6 H12 N2 O4 Pt 2' 371.248 
SER 'L-peptide linking' y SERINE          ? 'C3 H7 N O3'        105.093 
THR 'L-peptide linking' y THREONINE       ? 'C4 H9 N O3'        119.119 
TYR 'L-peptide linking' y TYROSINE        ? 'C9 H11 N O3'       181.189 
VAL 'L-peptide linking' y VALINE          ? 'C5 H11 N O2'       117.146 
# 
loop_
_pdbx_poly_seq_scheme.asym_id 
_pdbx_poly_seq_scheme.entity_id 
_pdbx_poly_seq_scheme.seq_id 
_pdbx_poly_seq_scheme.mon_id 
_pdbx_poly_seq_scheme.ndb_seq_num 
_pdbx_poly_seq_scheme.pdb_seq_num 
_pdbx_poly_seq_scheme.auth_seq_num 
_pdbx_poly_seq_scheme.pdb_mon_id 
_pdbx_poly_seq_scheme.auth_mon_id 
_pdbx_poly_seq_scheme.pdb_strand_id 
_pdbx_poly_seq_scheme.pdb_ins_code 
_pdbx_poly_seq_scheme.hetero 
A 1 1   LYS 1   1   1   LYS LYS A . n 
A 1 2   GLU 2   2   2   GLU GLU A . n 
A 1 3   THR 3   3   3   THR THR A . n 
A 1 4   ALA 4   4   4   ALA ALA A . n 
A 1 5   ALA 5   5   5   ALA ALA A . n 
A 1 6   ALA 6   6   6   ALA ALA A . n 
A 1 7   LYS 7   7   7   LYS LYS A . n 
A 1 8   PHE 8   8   8   PHE PHE A . n 
A 1 9   GLU 9   9   9   GLU GLU A . n 
A 1 10  ARG 10  10  10  ARG ARG A . n 
A 1 11  GLN 11  11  11  GLN GLN A . n 
A 1 12  HIS 12  12  12  HIS HIS A . n 
A 1 13  MET 13  13  13  MET MET A . n 
A 1 14  ASP 14  14  14  ASP ASP A . n 
A 1 15  SER 15  15  15  SER SER A . n 
A 1 16  SER 16  16  16  SER SER A . n 
A 1 17  THR 17  17  17  THR THR A . n 
A 1 18  SER 18  18  18  SER SER A . n 
A 1 19  ALA 19  19  19  ALA ALA A . n 
A 1 20  ALA 20  20  20  ALA ALA A . n 
A 1 21  SER 21  21  21  SER SER A . n 
A 1 22  SER 22  22  22  SER SER A . n 
A 1 23  SER 23  23  23  SER SER A . n 
A 1 24  ASN 24  24  24  ASN ASN A . n 
A 1 25  TYR 25  25  25  TYR TYR A . n 
A 1 26  CYS 26  26  26  CYS CYS A . n 
A 1 27  ASN 27  27  27  ASN ASN A . n 
A 1 28  GLN 28  28  28  GLN GLN A . n 
A 1 29  MET 29  29  29  MET MET A . n 
A 1 30  MET 30  30  30  MET MET A . n 
A 1 31  LYS 31  31  31  LYS LYS A . n 
A 1 32  SER 32  32  32  SER SER A . n 
A 1 33  ARG 33  33  33  ARG ARG A . n 
A 1 34  ASN 34  34  34  ASN ASN A . n 
A 1 35  LEU 35  35  35  LEU LEU A . n 
A 1 36  THR 36  36  36  THR THR A . n 
A 1 37  LYS 37  37  37  LYS LYS A . n 
A 1 38  ASP 38  38  38  ASP ASP A . n 
A 1 39  ARG 39  39  39  ARG ARG A . n 
A 1 40  CYS 40  40  40  CYS CYS A . n 
A 1 41  LYS 41  41  41  LYS LYS A . n 
A 1 42  PRO 42  42  42  PRO PRO A . n 
A 1 43  VAL 43  43  43  VAL VAL A . n 
A 1 44  ASN 44  44  44  ASN ASN A . n 
A 1 45  THR 45  45  45  THR THR A . n 
A 1 46  PHE 46  46  46  PHE PHE A . n 
A 1 47  VAL 47  47  47  VAL VAL A . n 
A 1 48  HIS 48  48  48  HIS HIS A . n 
A 1 49  GLU 49  49  49  GLU GLU A . n 
A 1 50  SER 50  50  50  SER SER A . n 
A 1 51  LEU 51  51  51  LEU LEU A . n 
A 1 52  ALA 52  52  52  ALA ALA A . n 
A 1 53  ASP 53  53  53  ASP ASP A . n 
A 1 54  VAL 54  54  54  VAL VAL A . n 
A 1 55  GLN 55  55  55  GLN GLN A . n 
A 1 56  ALA 56  56  56  ALA ALA A . n 
A 1 57  VAL 57  57  57  VAL VAL A . n 
A 1 58  CYS 58  58  58  CYS CYS A . n 
A 1 59  SER 59  59  59  SER SER A . n 
A 1 60  GLN 60  60  60  GLN GLN A . n 
A 1 61  LYS 61  61  61  LYS LYS A . n 
A 1 62  ASN 62  62  62  ASN ASN A . n 
A 1 63  VAL 63  63  63  VAL VAL A . n 
A 1 64  ALA 64  64  64  ALA ALA A . n 
A 1 65  CYS 65  65  65  CYS CYS A . n 
A 1 66  LYS 66  66  66  LYS LYS A . n 
A 1 67  ASN 67  67  67  ASN ASN A . n 
A 1 68  GLY 68  68  68  GLY GLY A . n 
A 1 69  GLN 69  69  69  GLN GLN A . n 
A 1 70  THR 70  70  70  THR THR A . n 
A 1 71  ASN 71  71  71  ASN ASN A . n 
A 1 72  CYS 72  72  72  CYS CYS A . n 
A 1 73  TYR 73  73  73  TYR TYR A . n 
A 1 74  GLN 74  74  74  GLN GLN A . n 
A 1 75  SER 75  75  75  SER SER A . n 
A 1 76  TYR 76  76  76  TYR TYR A . n 
A 1 77  SER 77  77  77  SER SER A . n 
A 1 78  THR 78  78  78  THR THR A . n 
A 1 79  MET 79  79  79  MET MET A . n 
A 1 80  SER 80  80  80  SER SER A . n 
A 1 81  ILE 81  81  81  ILE ILE A . n 
A 1 82  THR 82  82  82  THR THR A . n 
A 1 83  ASP 83  83  83  ASP ASP A . n 
A 1 84  CYS 84  84  84  CYS CYS A . n 
A 1 85  ARG 85  85  85  ARG ARG A . n 
A 1 86  GLU 86  86  86  GLU GLU A . n 
A 1 87  THR 87  87  87  THR THR A . n 
A 1 88  GLY 88  88  88  GLY GLY A . n 
A 1 89  SER 89  89  89  SER SER A . n 
A 1 90  SER 90  90  90  SER SER A . n 
A 1 91  LYS 91  91  91  LYS LYS A . n 
A 1 92  TYR 92  92  92  TYR TYR A . n 
A 1 93  PRO 93  93  93  PRO PRO A . n 
A 1 94  ASN 94  94  94  ASN ASN A . n 
A 1 95  CYS 95  95  95  CYS CYS A . n 
A 1 96  ALA 96  96  96  ALA ALA A . n 
A 1 97  TYR 97  97  97  TYR TYR A . n 
A 1 98  LYS 98  98  98  LYS LYS A . n 
A 1 99  THR 99  99  99  THR THR A . n 
A 1 100 THR 100 100 100 THR THR A . n 
A 1 101 GLN 101 101 101 GLN GLN A . n 
A 1 102 ALA 102 102 102 ALA ALA A . n 
A 1 103 ASN 103 103 103 ASN ASN A . n 
A 1 104 LYS 104 104 104 LYS LYS A . n 
A 1 105 HIS 105 105 105 HIS HIS A . n 
A 1 106 ILE 106 106 106 ILE ILE A . n 
A 1 107 ILE 107 107 107 ILE ILE A . n 
A 1 108 VAL 108 108 108 VAL VAL A . n 
A 1 109 ALA 109 109 109 ALA ALA A . n 
A 1 110 CYS 110 110 110 CYS CYS A . n 
A 1 111 GLU 111 111 111 GLU GLU A . n 
A 1 112 GLY 112 112 112 GLY GLY A . n 
A 1 113 ASN 113 113 113 ASN ASN A . n 
A 1 114 PRO 114 114 114 PRO PRO A . n 
A 1 115 TYR 115 115 115 TYR TYR A . n 
A 1 116 VAL 116 116 116 VAL VAL A . n 
A 1 117 PRO 117 117 117 PRO PRO A . n 
A 1 118 VAL 118 118 118 VAL VAL A . n 
A 1 119 HIS 119 119 119 HIS HIS A . n 
A 1 120 PHE 120 120 120 PHE PHE A . n 
A 1 121 ASP 121 121 121 ASP ASP A . n 
A 1 122 ALA 122 122 122 ALA ALA A . n 
A 1 123 SER 123 123 123 SER SER A . n 
A 1 124 VAL 124 124 124 VAL VAL A . n 
# 
loop_
_pdbx_nonpoly_scheme.asym_id 
_pdbx_nonpoly_scheme.entity_id 
_pdbx_nonpoly_scheme.mon_id 
_pdbx_nonpoly_scheme.ndb_seq_num 
_pdbx_nonpoly_scheme.pdb_seq_num 
_pdbx_nonpoly_scheme.auth_seq_num 
_pdbx_nonpoly_scheme.pdb_mon_id 
_pdbx_nonpoly_scheme.auth_mon_id 
_pdbx_nonpoly_scheme.pdb_strand_id 
_pdbx_nonpoly_scheme.pdb_ins_code 
B 2 QPT 1   201 201 QPT QPT A . 
C 3 CS  1   202 202 CS  CS  A . 
D 3 CS  1   203 203 CS  CS  A . 
E 3 CS  1   204 204 CS  CS  A . 
F 3 CS  1   205 205 CS  CS  A . 
G 4 CL  1   206 206 CL  CL  A . 
H 4 CL  1   207 207 CL  CL  A . 
I 4 CL  1   208 208 CL  CL  A . 
J 4 CL  1   209 209 CL  CL  A . 
K 4 CL  1   210 210 CL  CL  A . 
L 4 CL  1   211 211 CL  CL  A . 
M 4 CL  1   212 212 CL  CL  A . 
N 4 CL  1   213 213 CL  CL  A . 
O 4 CL  1   214 214 CL  CL  A . 
P 5 HOH 1   301 301 HOH HOH A . 
P 5 HOH 2   302 302 HOH HOH A . 
P 5 HOH 3   303 303 HOH HOH A . 
P 5 HOH 4   304 304 HOH HOH A . 
P 5 HOH 5   305 305 HOH HOH A . 
P 5 HOH 6   306 306 HOH HOH A . 
P 5 HOH 7   307 307 HOH HOH A . 
P 5 HOH 8   308 308 HOH HOH A . 
P 5 HOH 9   309 309 HOH HOH A . 
P 5 HOH 10  310 310 HOH HOH A . 
P 5 HOH 11  311 311 HOH HOH A . 
P 5 HOH 12  312 312 HOH HOH A . 
P 5 HOH 13  313 313 HOH HOH A . 
P 5 HOH 14  314 314 HOH HOH A . 
P 5 HOH 15  315 315 HOH HOH A . 
P 5 HOH 16  316 316 HOH HOH A . 
P 5 HOH 17  317 317 HOH HOH A . 
P 5 HOH 18  318 318 HOH HOH A . 
P 5 HOH 19  319 319 HOH HOH A . 
P 5 HOH 20  320 320 HOH HOH A . 
P 5 HOH 21  321 321 HOH HOH A . 
P 5 HOH 22  322 322 HOH HOH A . 
P 5 HOH 23  323 323 HOH HOH A . 
P 5 HOH 24  324 324 HOH HOH A . 
P 5 HOH 25  325 325 HOH HOH A . 
P 5 HOH 26  326 326 HOH HOH A . 
P 5 HOH 27  327 327 HOH HOH A . 
P 5 HOH 28  328 328 HOH HOH A . 
P 5 HOH 29  329 329 HOH HOH A . 
P 5 HOH 30  330 330 HOH HOH A . 
P 5 HOH 31  331 331 HOH HOH A . 
P 5 HOH 32  332 332 HOH HOH A . 
P 5 HOH 33  333 333 HOH HOH A . 
P 5 HOH 34  334 334 HOH HOH A . 
P 5 HOH 35  335 335 HOH HOH A . 
P 5 HOH 36  336 336 HOH HOH A . 
P 5 HOH 37  337 337 HOH HOH A . 
P 5 HOH 38  338 338 HOH HOH A . 
P 5 HOH 39  339 339 HOH HOH A . 
P 5 HOH 40  340 340 HOH HOH A . 
P 5 HOH 41  341 341 HOH HOH A . 
P 5 HOH 42  342 342 HOH HOH A . 
P 5 HOH 43  343 343 HOH HOH A . 
P 5 HOH 44  344 344 HOH HOH A . 
P 5 HOH 45  345 345 HOH HOH A . 
P 5 HOH 46  346 346 HOH HOH A . 
P 5 HOH 47  347 347 HOH HOH A . 
P 5 HOH 48  348 348 HOH HOH A . 
P 5 HOH 49  349 349 HOH HOH A . 
P 5 HOH 50  350 350 HOH HOH A . 
P 5 HOH 51  351 351 HOH HOH A . 
P 5 HOH 52  352 352 HOH HOH A . 
P 5 HOH 53  353 353 HOH HOH A . 
P 5 HOH 54  354 354 HOH HOH A . 
P 5 HOH 55  355 355 HOH HOH A . 
P 5 HOH 56  356 356 HOH HOH A . 
P 5 HOH 57  357 357 HOH HOH A . 
P 5 HOH 58  358 358 HOH HOH A . 
P 5 HOH 59  359 359 HOH HOH A . 
P 5 HOH 60  360 360 HOH HOH A . 
P 5 HOH 61  361 361 HOH HOH A . 
P 5 HOH 62  362 362 HOH HOH A . 
P 5 HOH 63  363 363 HOH HOH A . 
P 5 HOH 64  364 364 HOH HOH A . 
P 5 HOH 65  365 365 HOH HOH A . 
P 5 HOH 66  366 366 HOH HOH A . 
P 5 HOH 67  367 367 HOH HOH A . 
P 5 HOH 68  368 368 HOH HOH A . 
P 5 HOH 69  369 369 HOH HOH A . 
P 5 HOH 70  370 370 HOH HOH A . 
P 5 HOH 71  371 371 HOH HOH A . 
P 5 HOH 72  372 372 HOH HOH A . 
P 5 HOH 73  373 373 HOH HOH A . 
P 5 HOH 74  374 374 HOH HOH A . 
P 5 HOH 75  375 375 HOH HOH A . 
P 5 HOH 76  376 376 HOH HOH A . 
P 5 HOH 77  377 377 HOH HOH A . 
P 5 HOH 78  378 378 HOH HOH A . 
P 5 HOH 79  379 379 HOH HOH A . 
P 5 HOH 80  380 380 HOH HOH A . 
P 5 HOH 81  381 381 HOH HOH A . 
P 5 HOH 82  382 382 HOH HOH A . 
P 5 HOH 83  383 383 HOH HOH A . 
P 5 HOH 84  384 384 HOH HOH A . 
P 5 HOH 85  385 385 HOH HOH A . 
P 5 HOH 86  386 386 HOH HOH A . 
P 5 HOH 87  387 387 HOH HOH A . 
P 5 HOH 88  388 388 HOH HOH A . 
P 5 HOH 89  389 389 HOH HOH A . 
P 5 HOH 90  390 390 HOH HOH A . 
P 5 HOH 91  391 391 HOH HOH A . 
P 5 HOH 92  392 392 HOH HOH A . 
P 5 HOH 93  393 393 HOH HOH A . 
P 5 HOH 94  394 394 HOH HOH A . 
P 5 HOH 95  395 395 HOH HOH A . 
P 5 HOH 96  396 396 HOH HOH A . 
P 5 HOH 97  397 397 HOH HOH A . 
P 5 HOH 98  398 398 HOH HOH A . 
P 5 HOH 99  399 399 HOH HOH A . 
P 5 HOH 100 400 400 HOH HOH A . 
P 5 HOH 101 401 401 HOH HOH A . 
P 5 HOH 102 402 402 HOH HOH A . 
P 5 HOH 103 403 403 HOH HOH A . 
P 5 HOH 104 404 404 HOH HOH A . 
P 5 HOH 105 405 405 HOH HOH A . 
P 5 HOH 106 406 406 HOH HOH A . 
P 5 HOH 107 407 407 HOH HOH A . 
P 5 HOH 108 408 408 HOH HOH A . 
P 5 HOH 109 409 409 HOH HOH A . 
P 5 HOH 110 410 410 HOH HOH A . 
P 5 HOH 111 411 411 HOH HOH A . 
P 5 HOH 112 412 412 HOH HOH A . 
P 5 HOH 113 413 413 HOH HOH A . 
P 5 HOH 114 414 414 HOH HOH A . 
P 5 HOH 115 415 415 HOH HOH A . 
P 5 HOH 116 416 416 HOH HOH A . 
P 5 HOH 117 417 417 HOH HOH A . 
P 5 HOH 118 418 418 HOH HOH A . 
P 5 HOH 119 419 419 HOH HOH A . 
P 5 HOH 120 420 420 HOH HOH A . 
P 5 HOH 121 421 421 HOH HOH A . 
P 5 HOH 122 422 422 HOH HOH A . 
P 5 HOH 123 423 423 HOH HOH A . 
P 5 HOH 124 424 424 HOH HOH A . 
P 5 HOH 125 425 425 HOH HOH A . 
P 5 HOH 126 426 426 HOH HOH A . 
P 5 HOH 127 427 427 HOH HOH A . 
P 5 HOH 128 428 428 HOH HOH A . 
P 5 HOH 129 429 429 HOH HOH A . 
P 5 HOH 130 430 430 HOH HOH A . 
P 5 HOH 131 431 431 HOH HOH A . 
P 5 HOH 132 432 432 HOH HOH A . 
P 5 HOH 133 433 434 HOH HOH A . 
P 5 HOH 134 434 433 HOH HOH A . 
P 5 HOH 135 435 435 HOH HOH A . 
P 5 HOH 136 436 436 HOH HOH A . 
P 5 HOH 137 437 437 HOH HOH A . 
P 5 HOH 138 438 438 HOH HOH A . 
P 5 HOH 139 439 439 HOH HOH A . 
P 5 HOH 140 440 440 HOH HOH A . 
P 5 HOH 141 441 441 HOH HOH A . 
P 5 HOH 142 442 442 HOH HOH A . 
P 5 HOH 143 443 443 HOH HOH A . 
P 5 HOH 144 444 444 HOH HOH A . 
P 5 HOH 145 445 445 HOH HOH A . 
P 5 HOH 146 446 446 HOH HOH A . 
P 5 HOH 147 447 447 HOH HOH A . 
P 5 HOH 148 448 448 HOH HOH A . 
P 5 HOH 149 449 449 HOH HOH A . 
P 5 HOH 150 450 450 HOH HOH A . 
P 5 HOH 151 451 451 HOH HOH A . 
P 5 HOH 152 452 452 HOH HOH A . 
P 5 HOH 153 453 453 HOH HOH A . 
P 5 HOH 154 454 454 HOH HOH A . 
P 5 HOH 155 455 455 HOH HOH A . 
P 5 HOH 156 456 456 HOH HOH A . 
P 5 HOH 157 457 457 HOH HOH A . 
P 5 HOH 158 458 458 HOH HOH A . 
P 5 HOH 159 459 459 HOH HOH A . 
P 5 HOH 160 460 460 HOH HOH A . 
P 5 HOH 161 461 461 HOH HOH A . 
P 5 HOH 162 462 462 HOH HOH A . 
P 5 HOH 163 463 463 HOH HOH A . 
P 5 HOH 164 464 464 HOH HOH A . 
P 5 HOH 165 465 465 HOH HOH A . 
P 5 HOH 166 466 466 HOH HOH A . 
P 5 HOH 167 467 467 HOH HOH A . 
P 5 HOH 168 468 468 HOH HOH A . 
P 5 HOH 169 469 469 HOH HOH A . 
P 5 HOH 170 470 470 HOH HOH A . 
P 5 HOH 171 471 471 HOH HOH A . 
P 5 HOH 172 472 472 HOH HOH A . 
P 5 HOH 173 473 473 HOH HOH A . 
P 5 HOH 174 474 474 HOH HOH A . 
P 5 HOH 175 475 475 HOH HOH A . 
P 5 HOH 176 476 476 HOH HOH A . 
P 5 HOH 177 477 477 HOH HOH A . 
P 5 HOH 178 478 478 HOH HOH A . 
P 5 HOH 179 479 479 HOH HOH A . 
P 5 HOH 180 480 480 HOH HOH A . 
P 5 HOH 181 481 481 HOH HOH A . 
P 5 HOH 182 482 482 HOH HOH A . 
P 5 HOH 183 483 483 HOH HOH A . 
P 5 HOH 184 484 484 HOH HOH A . 
P 5 HOH 185 485 485 HOH HOH A . 
P 5 HOH 186 486 486 HOH HOH A . 
P 5 HOH 187 487 487 HOH HOH A . 
P 5 HOH 188 488 488 HOH HOH A . 
P 5 HOH 189 489 489 HOH HOH A . 
P 5 HOH 190 490 490 HOH HOH A . 
P 5 HOH 191 491 491 HOH HOH A . 
P 5 HOH 192 492 492 HOH HOH A . 
P 5 HOH 193 493 493 HOH HOH A . 
P 5 HOH 194 494 494 HOH HOH A . 
P 5 HOH 195 495 495 HOH HOH A . 
P 5 HOH 196 496 496 HOH HOH A . 
P 5 HOH 197 497 497 HOH HOH A . 
P 5 HOH 198 498 498 HOH HOH A . 
P 5 HOH 199 499 499 HOH HOH A . 
P 5 HOH 200 500 500 HOH HOH A . 
P 5 HOH 201 501 501 HOH HOH A . 
P 5 HOH 202 502 502 HOH HOH A . 
P 5 HOH 203 503 503 HOH HOH A . 
P 5 HOH 204 504 504 HOH HOH A . 
P 5 HOH 205 505 505 HOH HOH A . 
P 5 HOH 206 506 506 HOH HOH A . 
P 5 HOH 207 507 507 HOH HOH A . 
P 5 HOH 208 508 508 HOH HOH A . 
P 5 HOH 209 509 509 HOH HOH A . 
P 5 HOH 210 510 510 HOH HOH A . 
P 5 HOH 211 511 511 HOH HOH A . 
P 5 HOH 212 512 512 HOH HOH A . 
P 5 HOH 213 513 513 HOH HOH A . 
P 5 HOH 214 514 514 HOH HOH A . 
P 5 HOH 215 515 515 HOH HOH A . 
# 
loop_
_pdbx_unobs_or_zero_occ_atoms.id 
_pdbx_unobs_or_zero_occ_atoms.PDB_model_num 
_pdbx_unobs_or_zero_occ_atoms.polymer_flag 
_pdbx_unobs_or_zero_occ_atoms.occupancy_flag 
_pdbx_unobs_or_zero_occ_atoms.auth_asym_id 
_pdbx_unobs_or_zero_occ_atoms.auth_comp_id 
_pdbx_unobs_or_zero_occ_atoms.auth_seq_id 
_pdbx_unobs_or_zero_occ_atoms.PDB_ins_code 
_pdbx_unobs_or_zero_occ_atoms.auth_atom_id 
_pdbx_unobs_or_zero_occ_atoms.label_alt_id 
_pdbx_unobs_or_zero_occ_atoms.label_asym_id 
_pdbx_unobs_or_zero_occ_atoms.label_comp_id 
_pdbx_unobs_or_zero_occ_atoms.label_seq_id 
_pdbx_unobs_or_zero_occ_atoms.label_atom_id 
1 1 Y 1 A LYS 104 ? CD ? A LYS 104 CD 
2 1 Y 1 A LYS 104 ? CE ? A LYS 104 CE 
3 1 Y 1 A LYS 104 ? NZ ? A LYS 104 NZ 
# 
loop_
_software.citation_id 
_software.classification 
_software.compiler_name 
_software.compiler_version 
_software.contact_author 
_software.contact_author_email 
_software.date 
_software.description 
_software.dependencies 
_software.hardware 
_software.language 
_software.location 
_software.mods 
_software.name 
_software.os 
_software.os_version 
_software.type 
_software.version 
_software.pdbx_ordinal 
? refinement       ? ? ? ? ? ? ? ? ? ? ? REFMAC   ? ? ? 5.8.0103 1 
? 'data reduction' ? ? ? ? ? ? ? ? ? ? ? HKL-2000 ? ? ? .        2 
? 'data scaling'   ? ? ? ? ? ? ? ? ? ? ? HKL-2000 ? ? ? .        3 
? phasing          ? ? ? ? ? ? ? ? ? ? ? PHASER   ? ? ? .        4 
# 
_cell.entry_id           5NA9 
_cell.length_a           64.168 
_cell.length_b           64.168 
_cell.length_c           64.271 
_cell.angle_alpha        90.00 
_cell.angle_beta         90.00 
_cell.angle_gamma        120.00 
_cell.Z_PDB              6 
_cell.pdbx_unique_axis   ? 
# 
_symmetry.entry_id                         5NA9 
_symmetry.space_group_name_H-M             'P 32 2 1' 
_symmetry.pdbx_full_space_group_name_H-M   ? 
_symmetry.cell_setting                     ? 
_symmetry.Int_Tables_number                154 
# 
_exptl.absorpt_coefficient_mu     ? 
_exptl.absorpt_correction_T_max   ? 
_exptl.absorpt_correction_T_min   ? 
_exptl.absorpt_correction_type    ? 
_exptl.absorpt_process_details    ? 
_exptl.entry_id                   5NA9 
_exptl.crystals_number            1 
_exptl.details                    ? 
_exptl.method                     'X-RAY DIFFRACTION' 
_exptl.method_details             ? 
# 
_exptl_crystal.colour                      ? 
_exptl_crystal.density_diffrn              ? 
_exptl_crystal.density_Matthews            2.79 
_exptl_crystal.density_method              ? 
_exptl_crystal.density_percent_sol         55.86 
_exptl_crystal.description                 ? 
_exptl_crystal.F_000                       ? 
_exptl_crystal.id                          1 
_exptl_crystal.preparation                 ? 
_exptl_crystal.size_max                    ? 
_exptl_crystal.size_mid                    ? 
_exptl_crystal.size_min                    ? 
_exptl_crystal.size_rad                    ? 
_exptl_crystal.colour_lustre               ? 
_exptl_crystal.colour_modifier             ? 
_exptl_crystal.colour_primary              ? 
_exptl_crystal.density_meas                ? 
_exptl_crystal.density_meas_esd            ? 
_exptl_crystal.density_meas_gt             ? 
_exptl_crystal.density_meas_lt             ? 
_exptl_crystal.density_meas_temp           ? 
_exptl_crystal.density_meas_temp_esd       ? 
_exptl_crystal.density_meas_temp_gt        ? 
_exptl_crystal.density_meas_temp_lt        ? 
_exptl_crystal.pdbx_crystal_image_url      ? 
_exptl_crystal.pdbx_crystal_image_format   ? 
_exptl_crystal.pdbx_mosaicity              ? 
_exptl_crystal.pdbx_mosaicity_esd          ? 
# 
_exptl_crystal_grow.apparatus       ? 
_exptl_crystal_grow.atmosphere      ? 
_exptl_crystal_grow.crystal_id      1 
_exptl_crystal_grow.details         ? 
_exptl_crystal_grow.method          'VAPOR DIFFUSION, HANGING DROP' 
_exptl_crystal_grow.method_ref      ? 
_exptl_crystal_grow.pH              ? 
_exptl_crystal_grow.pressure        ? 
_exptl_crystal_grow.pressure_esd    ? 
_exptl_crystal_grow.seeding         ? 
_exptl_crystal_grow.seeding_ref     ? 
_exptl_crystal_grow.temp            277 
_exptl_crystal_grow.temp_details    ? 
_exptl_crystal_grow.temp_esd        ? 
_exptl_crystal_grow.time            ? 
_exptl_crystal_grow.pdbx_details    '1.5 M ammonium sulfate - 0.1 M sodium acetate pH 5.5 - 3.0 M cesium chloride' 
_exptl_crystal_grow.pdbx_pH_range   ? 
# 
_diffrn.ambient_environment    ? 
_diffrn.ambient_temp           100 
_diffrn.ambient_temp_details   ? 
_diffrn.ambient_temp_esd       ? 
_diffrn.crystal_id             1 
_diffrn.crystal_support        ? 
_diffrn.crystal_treatment      ? 
_diffrn.details                ? 
_diffrn.id                     1 
_diffrn.ambient_pressure       ? 
_diffrn.ambient_pressure_esd   ? 
_diffrn.ambient_pressure_gt    ? 
_diffrn.ambient_pressure_lt    ? 
_diffrn.ambient_temp_gt        ? 
_diffrn.ambient_temp_lt        ? 
# 
_diffrn_detector.details                      mirrors 
_diffrn_detector.detector                     CCD 
_diffrn_detector.diffrn_id                    1 
_diffrn_detector.type                         'RIGAKU SATURN 944' 
_diffrn_detector.area_resol_mean              ? 
_diffrn_detector.dtime                        ? 
_diffrn_detector.pdbx_frames_total            ? 
_diffrn_detector.pdbx_collection_time_total   ? 
_diffrn_detector.pdbx_collection_date         2016-07-22 
# 
_diffrn_radiation.collimation                      ? 
_diffrn_radiation.diffrn_id                        1 
_diffrn_radiation.filter_edge                      ? 
_diffrn_radiation.inhomogeneity                    ? 
_diffrn_radiation.monochromator                    ? 
_diffrn_radiation.polarisn_norm                    ? 
_diffrn_radiation.polarisn_ratio                   ? 
_diffrn_radiation.probe                            ? 
_diffrn_radiation.type                             ? 
_diffrn_radiation.xray_symbol                      ? 
_diffrn_radiation.wavelength_id                    1 
_diffrn_radiation.pdbx_monochromatic_or_laue_m_l   M 
_diffrn_radiation.pdbx_wavelength_list             ? 
_diffrn_radiation.pdbx_wavelength                  ? 
_diffrn_radiation.pdbx_diffrn_protocol             'SINGLE WAVELENGTH' 
_diffrn_radiation.pdbx_analyzer                    ? 
_diffrn_radiation.pdbx_scattering_type             x-ray 
# 
_diffrn_radiation_wavelength.id           1 
_diffrn_radiation_wavelength.wavelength   1.5418 
_diffrn_radiation_wavelength.wt           1.0 
# 
_diffrn_source.current                     ? 
_diffrn_source.details                     ? 
_diffrn_source.diffrn_id                   1 
_diffrn_source.power                       ? 
_diffrn_source.size                        ? 
_diffrn_source.source                      'ROTATING ANODE' 
_diffrn_source.target                      ? 
_diffrn_source.type                        'RIGAKU MICROMAX-007' 
_diffrn_source.voltage                     ? 
_diffrn_source.take-off_angle              ? 
_diffrn_source.pdbx_wavelength_list        1.5418 
_diffrn_source.pdbx_wavelength             ? 
_diffrn_source.pdbx_synchrotron_beamline   ? 
_diffrn_source.pdbx_synchrotron_site       ? 
# 
_reflns.pdbx_diffrn_id               1 
_reflns.pdbx_ordinal                 1 
_reflns.entry_id                     5NA9 
_reflns.observed_criterion_sigma_I   0.000 
_reflns.observed_criterion_sigma_F   ? 
_reflns.d_resolution_low             55.570 
_reflns.d_resolution_high            2.070 
_reflns.number_obs                   9665 
_reflns.number_all                   ? 
_reflns.percent_possible_obs         100.0 
_reflns.pdbx_Rmerge_I_obs            0.10900 
_reflns.pdbx_Rsym_value              ? 
_reflns.pdbx_netI_over_sigmaI        13.6000 
_reflns.B_iso_Wilson_estimate        ? 
_reflns.pdbx_redundancy              4.700 
# 
_reflns_shell.pdbx_diffrn_id         1 
_reflns_shell.pdbx_ordinal           1 
_reflns_shell.d_res_high             2.07 
_reflns_shell.d_res_low              2.11 
_reflns_shell.percent_possible_all   100.0 
_reflns_shell.Rmerge_I_obs           0.35500 
_reflns_shell.pdbx_Rsym_value        ? 
_reflns_shell.meanI_over_sigI_obs    3.200 
_reflns_shell.pdbx_redundancy        3.50 
# 
_refine.pdbx_refine_id                           'X-RAY DIFFRACTION' 
_refine.entry_id                                 5NA9 
_refine.pdbx_diffrn_id                           1 
_refine.pdbx_TLS_residual_ADP_flag               ? 
_refine.ls_number_reflns_obs                     9157 
_refine.ls_number_reflns_all                     ? 
_refine.pdbx_ls_sigma_I                          ? 
_refine.pdbx_ls_sigma_F                          ? 
_refine.pdbx_data_cutoff_high_absF               ? 
_refine.pdbx_data_cutoff_low_absF                ? 
_refine.pdbx_data_cutoff_high_rms_absF           ? 
_refine.ls_d_res_low                             55.57 
_refine.ls_d_res_high                            2.07 
_refine.ls_percent_reflns_obs                    99.9 
_refine.ls_R_factor_obs                          0.182 
_refine.ls_R_factor_all                          ? 
_refine.ls_R_factor_R_work                       0.178 
_refine.ls_R_factor_R_free                       0.244 
_refine.ls_R_factor_R_free_error                 ? 
_refine.ls_R_factor_R_free_error_details         ? 
_refine.ls_percent_reflns_R_free                 5.000 
_refine.ls_number_reflns_R_free                  486 
_refine.ls_number_parameters                     ? 
_refine.ls_number_restraints                     ? 
_refine.occupancy_min                            ? 
_refine.occupancy_max                            ? 
_refine.correlation_coeff_Fo_to_Fc               0.937 
_refine.correlation_coeff_Fo_to_Fc_free          0.905 
_refine.B_iso_mean                               22.52 
_refine.aniso_B[1][1]                            0.14000 
_refine.aniso_B[2][2]                            0.14000 
_refine.aniso_B[3][3]                            -0.46000 
_refine.aniso_B[1][2]                            0.07000 
_refine.aniso_B[1][3]                            0.00000 
_refine.aniso_B[2][3]                            0.00000 
_refine.solvent_model_details                    ? 
_refine.solvent_model_param_ksol                 ? 
_refine.solvent_model_param_bsol                 ? 
_refine.pdbx_solvent_vdw_probe_radii             1.20 
_refine.pdbx_solvent_ion_probe_radii             0.80 
_refine.pdbx_solvent_shrinkage_radii             0.80 
_refine.pdbx_ls_cross_valid_method               THROUGHOUT 
_refine.details                                  
;HYDROGENS HAVE BEEN ADDED IN THE RIDING
 POSITIONS
;
_refine.pdbx_starting_model                      1RNX 
_refine.pdbx_method_to_determine_struct          'MOLECULAR REPLACEMENT' 
_refine.pdbx_isotropic_thermal_model             ? 
_refine.pdbx_stereochemistry_target_values       ? 
_refine.pdbx_stereochem_target_val_spec_case     ? 
_refine.pdbx_R_Free_selection_details            RANDOM 
_refine.pdbx_overall_ESU_R                       0.196 
_refine.pdbx_overall_ESU_R_Free                  0.185 
_refine.overall_SU_ML                            0.130 
_refine.pdbx_overall_phase_error                 ? 
_refine.overall_SU_B                             4.748 
_refine.overall_SU_R_Cruickshank_DPI             ? 
_refine.pdbx_overall_SU_R_free_Cruickshank_DPI   ? 
_refine.pdbx_overall_SU_R_Blow_DPI               ? 
_refine.pdbx_overall_SU_R_free_Blow_DPI          ? 
# 
_refine_hist.pdbx_refine_id                   'X-RAY DIFFRACTION' 
_refine_hist.cycle_id                         LAST 
_refine_hist.pdbx_number_atoms_protein        948 
_refine_hist.pdbx_number_atoms_nucleic_acid   0 
_refine_hist.pdbx_number_atoms_ligand         17 
_refine_hist.number_atoms_solvent             215 
_refine_hist.number_atoms_total               1180 
_refine_hist.d_res_high                       2.07 
_refine_hist.d_res_low                        55.57 
# 
loop_
_refine_ls_restr.type 
_refine_ls_restr.dev_ideal 
_refine_ls_restr.dev_ideal_target 
_refine_ls_restr.weight 
_refine_ls_restr.number 
_refine_ls_restr.pdbx_refine_id 
_refine_ls_restr.pdbx_restraint_function 
r_bond_refined_d             0.016  0.019  ? 983  'X-RAY DIFFRACTION' ? 
r_bond_other_d               0.006  0.020  ? 883  'X-RAY DIFFRACTION' ? 
r_angle_refined_deg          1.715  1.930  ? 1331 'X-RAY DIFFRACTION' ? 
r_angle_other_deg            1.039  3.000  ? 2043 'X-RAY DIFFRACTION' ? 
r_dihedral_angle_1_deg       7.245  5.000  ? 125  'X-RAY DIFFRACTION' ? 
r_dihedral_angle_2_deg       37.421 25.227 ? 44   'X-RAY DIFFRACTION' ? 
r_dihedral_angle_3_deg       15.861 15.000 ? 169  'X-RAY DIFFRACTION' ? 
r_dihedral_angle_4_deg       18.185 15.000 ? 4    'X-RAY DIFFRACTION' ? 
r_chiral_restr               0.100  0.200  ? 146  'X-RAY DIFFRACTION' ? 
r_gen_planes_refined         0.008  0.021  ? 1138 'X-RAY DIFFRACTION' ? 
r_gen_planes_other           0.002  0.020  ? 226  'X-RAY DIFFRACTION' ? 
r_nbd_refined                ?      ?      ? ?    'X-RAY DIFFRACTION' ? 
r_nbd_other                  ?      ?      ? ?    'X-RAY DIFFRACTION' ? 
r_nbtor_refined              ?      ?      ? ?    'X-RAY DIFFRACTION' ? 
r_nbtor_other                ?      ?      ? ?    'X-RAY DIFFRACTION' ? 
r_xyhbond_nbd_refined        ?      ?      ? ?    'X-RAY DIFFRACTION' ? 
r_xyhbond_nbd_other          ?      ?      ? ?    'X-RAY DIFFRACTION' ? 
r_metal_ion_refined          ?      ?      ? ?    'X-RAY DIFFRACTION' ? 
r_metal_ion_other            ?      ?      ? ?    'X-RAY DIFFRACTION' ? 
r_symmetry_vdw_refined       ?      ?      ? ?    'X-RAY DIFFRACTION' ? 
r_symmetry_vdw_other         ?      ?      ? ?    'X-RAY DIFFRACTION' ? 
r_symmetry_hbond_refined     ?      ?      ? ?    'X-RAY DIFFRACTION' ? 
r_symmetry_hbond_other       ?      ?      ? ?    'X-RAY DIFFRACTION' ? 
r_symmetry_metal_ion_refined ?      ?      ? ?    'X-RAY DIFFRACTION' ? 
r_symmetry_metal_ion_other   ?      ?      ? ?    'X-RAY DIFFRACTION' ? 
r_mcbond_it                  1.901  1.995  ? 500  'X-RAY DIFFRACTION' ? 
r_mcbond_other               1.900  1.994  ? 499  'X-RAY DIFFRACTION' ? 
r_mcangle_it                 3.124  2.982  ? 625  'X-RAY DIFFRACTION' ? 
r_mcangle_other              3.122  2.983  ? 626  'X-RAY DIFFRACTION' ? 
r_scbond_it                  2.544  2.234  ? 483  'X-RAY DIFFRACTION' ? 
r_scbond_other               2.245  2.217  ? 478  'X-RAY DIFFRACTION' ? 
r_scangle_it                 ?      ?      ? ?    'X-RAY DIFFRACTION' ? 
r_scangle_other              3.794  3.218  ? 704  'X-RAY DIFFRACTION' ? 
r_long_range_B_refined       7.190  18.080 ? 1276 'X-RAY DIFFRACTION' ? 
r_long_range_B_other         6.399  16.877 ? 1151 'X-RAY DIFFRACTION' ? 
r_rigid_bond_restr           ?      ?      ? ?    'X-RAY DIFFRACTION' ? 
r_sphericity_free            ?      ?      ? ?    'X-RAY DIFFRACTION' ? 
r_sphericity_bonded          ?      ?      ? ?    'X-RAY DIFFRACTION' ? 
# 
_refine_ls_shell.pdbx_refine_id                   'X-RAY DIFFRACTION' 
_refine_ls_shell.pdbx_total_number_of_bins_used   20 
_refine_ls_shell.d_res_high                       2.07 
_refine_ls_shell.d_res_low                        2.12 
_refine_ls_shell.number_reflns_R_work             648 
_refine_ls_shell.R_factor_R_work                  0.1920 
_refine_ls_shell.percent_reflns_obs               99.85 
_refine_ls_shell.R_factor_R_free                  0.2510 
_refine_ls_shell.R_factor_R_free_error            ? 
_refine_ls_shell.percent_reflns_R_free            ? 
_refine_ls_shell.number_reflns_R_free             26 
_refine_ls_shell.number_reflns_all                ? 
_refine_ls_shell.R_factor_all                     ? 
# 
_struct.entry_id                     5NA9 
_struct.title                        
'The X-ray structure of bovine pancreatic ribonuclease incubated in the presence of an excess of carboplatin (1:10 ratio)' 
_struct.pdbx_model_details           ? 
_struct.pdbx_formula_weight          ? 
_struct.pdbx_formula_weight_method   ? 
_struct.pdbx_model_type_details      ? 
_struct.pdbx_CASP_flag               N 
# 
_struct_keywords.entry_id        5NA9 
_struct_keywords.text            'carboplatin, ribonucleases, protein platination, hydrolase' 
_struct_keywords.pdbx_keywords   HYDROLASE 
# 
loop_
_struct_asym.id 
_struct_asym.pdbx_blank_PDB_chainid_flag 
_struct_asym.pdbx_modified 
_struct_asym.entity_id 
_struct_asym.details 
A N N 1 ? 
B N N 2 ? 
C N N 3 ? 
D N N 3 ? 
E N N 3 ? 
F N N 3 ? 
G N N 4 ? 
H N N 4 ? 
I N N 4 ? 
J N N 4 ? 
K N N 4 ? 
L N N 4 ? 
M N N 4 ? 
N N N 4 ? 
O N N 4 ? 
P N N 5 ? 
# 
_struct_ref.id                         1 
_struct_ref.db_name                    UNP 
_struct_ref.db_code                    RNAS1_BOVIN 
_struct_ref.pdbx_db_accession          P61823 
_struct_ref.pdbx_db_isoform            ? 
_struct_ref.entity_id                  1 
_struct_ref.pdbx_seq_one_letter_code   
;KETAAAKFERQHMDSSTSAASSSNYCNQMMKSRNLTKDRCKPVNTFVHESLADVQAVCSQKNVACKNGQTNCYQSYSTMS
ITDCRETGSSKYPNCAYKTTQANKHIIVACEGNPYVPVHFDASV
;
_struct_ref.pdbx_align_begin           27 
# 
_struct_ref_seq.align_id                      1 
_struct_ref_seq.ref_id                        1 
_struct_ref_seq.pdbx_PDB_id_code              5NA9 
_struct_ref_seq.pdbx_strand_id                A 
_struct_ref_seq.seq_align_beg                 1 
_struct_ref_seq.pdbx_seq_align_beg_ins_code   ? 
_struct_ref_seq.seq_align_end                 124 
_struct_ref_seq.pdbx_seq_align_end_ins_code   ? 
_struct_ref_seq.pdbx_db_accession             P61823 
_struct_ref_seq.db_align_beg                  27 
_struct_ref_seq.pdbx_db_align_beg_ins_code    ? 
_struct_ref_seq.db_align_end                  150 
_struct_ref_seq.pdbx_db_align_end_ins_code    ? 
_struct_ref_seq.pdbx_auth_seq_align_beg       1 
_struct_ref_seq.pdbx_auth_seq_align_end       124 
# 
_pdbx_struct_assembly.id                   1 
_pdbx_struct_assembly.details              software_defined_assembly 
_pdbx_struct_assembly.method_details       PISA 
_pdbx_struct_assembly.oligomeric_details   monomeric 
_pdbx_struct_assembly.oligomeric_count     1 
# 
loop_
_pdbx_struct_assembly_prop.biol_id 
_pdbx_struct_assembly_prop.type 
_pdbx_struct_assembly_prop.value 
_pdbx_struct_assembly_prop.details 
1 'ABSA (A^2)' 1990 ? 
1 MORE         -155 ? 
1 'SSA (A^2)'  7150 ? 
# 
_pdbx_struct_assembly_gen.assembly_id       1 
_pdbx_struct_assembly_gen.oper_expression   1 
_pdbx_struct_assembly_gen.asym_id_list      A,B,C,D,E,F,G,H,I,J,K,L,M,N,O,P 
# 
_pdbx_struct_assembly_auth_evidence.id                     1 
_pdbx_struct_assembly_auth_evidence.assembly_id            1 
_pdbx_struct_assembly_auth_evidence.experimental_support   'native gel electrophoresis' 
_pdbx_struct_assembly_auth_evidence.details                ? 
# 
_pdbx_struct_oper_list.id                   1 
_pdbx_struct_oper_list.type                 'identity operation' 
_pdbx_struct_oper_list.name                 1_555 
_pdbx_struct_oper_list.symmetry_operation   x,y,z 
_pdbx_struct_oper_list.matrix[1][1]         1.0000000000 
_pdbx_struct_oper_list.matrix[1][2]         0.0000000000 
_pdbx_struct_oper_list.matrix[1][3]         0.0000000000 
_pdbx_struct_oper_list.vector[1]            0.0000000000 
_pdbx_struct_oper_list.matrix[2][1]         0.0000000000 
_pdbx_struct_oper_list.matrix[2][2]         1.0000000000 
_pdbx_struct_oper_list.matrix[2][3]         0.0000000000 
_pdbx_struct_oper_list.vector[2]            0.0000000000 
_pdbx_struct_oper_list.matrix[3][1]         0.0000000000 
_pdbx_struct_oper_list.matrix[3][2]         0.0000000000 
_pdbx_struct_oper_list.matrix[3][3]         1.0000000000 
_pdbx_struct_oper_list.vector[3]            0.0000000000 
# 
loop_
_struct_conf.conf_type_id 
_struct_conf.id 
_struct_conf.pdbx_PDB_helix_id 
_struct_conf.beg_label_comp_id 
_struct_conf.beg_label_asym_id 
_struct_conf.beg_label_seq_id 
_struct_conf.pdbx_beg_PDB_ins_code 
_struct_conf.end_label_comp_id 
_struct_conf.end_label_asym_id 
_struct_conf.end_label_seq_id 
_struct_conf.pdbx_end_PDB_ins_code 
_struct_conf.beg_auth_comp_id 
_struct_conf.beg_auth_asym_id 
_struct_conf.beg_auth_seq_id 
_struct_conf.end_auth_comp_id 
_struct_conf.end_auth_asym_id 
_struct_conf.end_auth_seq_id 
_struct_conf.pdbx_PDB_helix_class 
_struct_conf.details 
_struct_conf.pdbx_PDB_helix_length 
HELX_P HELX_P1 AA1 THR A 3  ? MET A 13 ? THR A 3  MET A 13 1 ? 11 
HELX_P HELX_P2 AA2 ASN A 24 ? ARG A 33 ? ASN A 24 ARG A 33 1 ? 10 
HELX_P HELX_P3 AA3 SER A 50 ? VAL A 57 ? SER A 50 VAL A 57 1 ? 8  
HELX_P HELX_P4 AA4 CYS A 58 ? GLN A 60 ? CYS A 58 GLN A 60 5 ? 3  
# 
_struct_conf_type.id          HELX_P 
_struct_conf_type.criteria    ? 
_struct_conf_type.reference   ? 
# 
loop_
_struct_conn.id 
_struct_conn.conn_type_id 
_struct_conn.pdbx_leaving_atom_flag 
_struct_conn.pdbx_PDB_id 
_struct_conn.ptnr1_label_asym_id 
_struct_conn.ptnr1_label_comp_id 
_struct_conn.ptnr1_label_seq_id 
_struct_conn.ptnr1_label_atom_id 
_struct_conn.pdbx_ptnr1_label_alt_id 
_struct_conn.pdbx_ptnr1_PDB_ins_code 
_struct_conn.pdbx_ptnr1_standard_comp_id 
_struct_conn.ptnr1_symmetry 
_struct_conn.ptnr2_label_asym_id 
_struct_conn.ptnr2_label_comp_id 
_struct_conn.ptnr2_label_seq_id 
_struct_conn.ptnr2_label_atom_id 
_struct_conn.pdbx_ptnr2_label_alt_id 
_struct_conn.pdbx_ptnr2_PDB_ins_code 
_struct_conn.ptnr1_auth_asym_id 
_struct_conn.ptnr1_auth_comp_id 
_struct_conn.ptnr1_auth_seq_id 
_struct_conn.ptnr2_auth_asym_id 
_struct_conn.ptnr2_auth_comp_id 
_struct_conn.ptnr2_auth_seq_id 
_struct_conn.ptnr2_symmetry 
_struct_conn.pdbx_ptnr3_label_atom_id 
_struct_conn.pdbx_ptnr3_label_seq_id 
_struct_conn.pdbx_ptnr3_label_comp_id 
_struct_conn.pdbx_ptnr3_label_asym_id 
_struct_conn.pdbx_ptnr3_label_alt_id 
_struct_conn.pdbx_ptnr3_PDB_ins_code 
_struct_conn.details 
_struct_conn.pdbx_dist_value 
_struct_conn.pdbx_value_order 
_struct_conn.pdbx_role 
disulf1  disulf ? ? A CYS 26  SG  ? ? ? 1_555 A CYS 84  SG  ? ? A CYS 26  A CYS 84  1_555 ? ? ? ? ? ? ? 2.027 ? ? 
disulf2  disulf ? ? A CYS 40  SG  ? ? ? 1_555 A CYS 95  SG  ? ? A CYS 40  A CYS 95  1_555 ? ? ? ? ? ? ? 2.023 ? ? 
disulf3  disulf ? ? A CYS 58  SG  ? ? ? 1_555 A CYS 110 SG  ? ? A CYS 58  A CYS 110 1_555 ? ? ? ? ? ? ? 2.037 ? ? 
disulf4  disulf ? ? A CYS 65  SG  ? ? ? 1_555 A CYS 72  SG  ? ? A CYS 65  A CYS 72  1_555 ? ? ? ? ? ? ? 1.939 ? ? 
metalc1  metalc ? ? A SER 23  OG  ? ? ? 1_555 F CS  .   CS  ? ? A SER 23  A CS  205 1_555 ? ? ? ? ? ? ? 3.104 ? ? 
metalc2  metalc ? ? A ASN 24  OD1 ? ? ? 1_555 F CS  .   CS  ? ? A ASN 24  A CS  205 1_555 ? ? ? ? ? ? ? 3.206 ? ? 
metalc3  metalc ? ? A MET 29  SD  ? ? ? 1_555 B QPT .   PT1 A ? A MET 29  A QPT 201 1_555 ? ? ? ? ? ? ? 2.709 ? ? 
metalc4  metalc ? ? A MET 29  SD  ? ? ? 1_555 B QPT .   PT1 B ? A MET 29  A QPT 201 1_555 ? ? ? ? ? ? ? 2.586 ? ? 
metalc5  metalc ? ? A LYS 31  O   ? ? ? 1_555 E CS  .   CS  B ? A LYS 31  A CS  204 1_555 ? ? ? ? ? ? ? 3.223 ? ? 
metalc6  metalc ? ? A SER 32  O   ? ? ? 1_555 E CS  .   CS  A ? A SER 32  A CS  204 1_555 ? ? ? ? ? ? ? 2.900 ? ? 
metalc7  metalc ? ? A ASN 34  OD1 ? ? ? 1_555 E CS  .   CS  B ? A ASN 34  A CS  204 1_555 ? ? ? ? ? ? ? 3.065 ? ? 
metalc8  metalc ? ? A HIS 48  O   ? ? ? 1_555 C CS  .   CS  ? ? A HIS 48  A CS  202 1_555 ? ? ? ? ? ? ? 3.038 ? ? 
metalc9  metalc ? ? A GLU 49  OE1 ? ? ? 1_555 C CS  .   CS  ? ? A GLU 49  A CS  202 1_555 ? ? ? ? ? ? ? 3.272 ? ? 
metalc10 metalc ? ? A ASN 62  OD1 ? ? ? 1_555 D CS  .   CS  ? ? A ASN 62  A CS  203 1_555 ? ? ? ? ? ? ? 3.391 ? ? 
metalc11 metalc ? ? A THR 70  O   ? ? ? 1_555 D CS  .   CS  ? ? A THR 70  A CS  203 1_555 ? ? ? ? ? ? ? 3.210 ? ? 
metalc12 metalc ? ? A TYR 73  OH  ? ? ? 1_555 D CS  .   CS  ? ? A TYR 73  A CS  203 1_555 ? ? ? ? ? ? ? 3.347 ? ? 
metalc13 metalc ? ? A THR 78  O   ? ? ? 1_555 E CS  .   CS  A ? A THR 78  A CS  204 3_865 ? ? ? ? ? ? ? 2.885 ? ? 
metalc14 metalc ? ? A ASN 113 O   ? ? ? 1_555 F CS  .   CS  ? ? A ASN 113 A CS  205 4_637 ? ? ? ? ? ? ? 3.288 ? ? 
metalc15 metalc ? ? E CS  .   CS  A ? ? 1_555 P HOH .   O   ? ? A CS  204 A HOH 304 2_634 ? ? ? ? ? ? ? 2.707 ? ? 
metalc16 metalc ? ? E CS  .   CS  A ? ? 1_555 P HOH .   O   ? ? A CS  204 A HOH 337 2_634 ? ? ? ? ? ? ? 3.262 ? ? 
metalc17 metalc ? ? E CS  .   CS  B ? ? 1_555 P HOH .   O   ? ? A CS  204 A HOH 337 2_634 ? ? ? ? ? ? ? 3.287 ? ? 
metalc18 metalc ? ? F CS  .   CS  ? ? ? 1_555 P HOH .   O   ? ? A CS  205 A HOH 314 4_747 ? ? ? ? ? ? ? 3.270 ? ? 
metalc19 metalc ? ? F CS  .   CS  ? ? ? 1_555 P HOH .   O   ? ? A CS  205 A HOH 347 1_555 ? ? ? ? ? ? ? 3.263 ? ? 
metalc20 metalc ? ? F CS  .   CS  ? ? ? 1_555 P HOH .   O   ? ? A CS  205 A HOH 463 1_555 ? ? ? ? ? ? ? 3.496 ? ? 
# 
loop_
_struct_conn_type.id 
_struct_conn_type.criteria 
_struct_conn_type.reference 
disulf ? ? 
metalc ? ? 
# 
loop_
_pdbx_struct_conn_angle.id 
_pdbx_struct_conn_angle.ptnr1_label_atom_id 
_pdbx_struct_conn_angle.ptnr1_label_alt_id 
_pdbx_struct_conn_angle.ptnr1_label_asym_id 
_pdbx_struct_conn_angle.ptnr1_label_comp_id 
_pdbx_struct_conn_angle.ptnr1_label_seq_id 
_pdbx_struct_conn_angle.ptnr1_auth_atom_id 
_pdbx_struct_conn_angle.ptnr1_auth_asym_id 
_pdbx_struct_conn_angle.ptnr1_auth_comp_id 
_pdbx_struct_conn_angle.ptnr1_auth_seq_id 
_pdbx_struct_conn_angle.ptnr1_PDB_ins_code 
_pdbx_struct_conn_angle.ptnr1_symmetry 
_pdbx_struct_conn_angle.ptnr2_label_atom_id 
_pdbx_struct_conn_angle.ptnr2_label_alt_id 
_pdbx_struct_conn_angle.ptnr2_label_asym_id 
_pdbx_struct_conn_angle.ptnr2_label_comp_id 
_pdbx_struct_conn_angle.ptnr2_label_seq_id 
_pdbx_struct_conn_angle.ptnr2_auth_atom_id 
_pdbx_struct_conn_angle.ptnr2_auth_asym_id 
_pdbx_struct_conn_angle.ptnr2_auth_comp_id 
_pdbx_struct_conn_angle.ptnr2_auth_seq_id 
_pdbx_struct_conn_angle.ptnr2_PDB_ins_code 
_pdbx_struct_conn_angle.ptnr2_symmetry 
_pdbx_struct_conn_angle.ptnr3_label_atom_id 
_pdbx_struct_conn_angle.ptnr3_label_alt_id 
_pdbx_struct_conn_angle.ptnr3_label_asym_id 
_pdbx_struct_conn_angle.ptnr3_label_comp_id 
_pdbx_struct_conn_angle.ptnr3_label_seq_id 
_pdbx_struct_conn_angle.ptnr3_auth_atom_id 
_pdbx_struct_conn_angle.ptnr3_auth_asym_id 
_pdbx_struct_conn_angle.ptnr3_auth_comp_id 
_pdbx_struct_conn_angle.ptnr3_auth_seq_id 
_pdbx_struct_conn_angle.ptnr3_PDB_ins_code 
_pdbx_struct_conn_angle.ptnr3_symmetry 
_pdbx_struct_conn_angle.value 
_pdbx_struct_conn_angle.value_esd 
1  OG  ? A SER 23  ? A SER 23  ? 1_555 CS  ? F CS  . ? A CS  205 ? 1_555 OD1 ? A ASN 24  ? A ASN 24  ? 1_555 85.1  ? 
2  OG  ? A SER 23  ? A SER 23  ? 1_555 CS  ? F CS  . ? A CS  205 ? 1_555 O   ? A ASN 113 ? A ASN 113 ? 1_555 76.9  ? 
3  OD1 ? A ASN 24  ? A ASN 24  ? 1_555 CS  ? F CS  . ? A CS  205 ? 1_555 O   ? A ASN 113 ? A ASN 113 ? 1_555 59.5  ? 
4  OG  ? A SER 23  ? A SER 23  ? 1_555 CS  ? F CS  . ? A CS  205 ? 1_555 O   ? P HOH .   ? A HOH 314 ? 4_747 101.1 ? 
5  OD1 ? A ASN 24  ? A ASN 24  ? 1_555 CS  ? F CS  . ? A CS  205 ? 1_555 O   ? P HOH .   ? A HOH 314 ? 4_747 140.0 ? 
6  O   ? A ASN 113 ? A ASN 113 ? 1_555 CS  ? F CS  . ? A CS  205 ? 1_555 O   ? P HOH .   ? A HOH 314 ? 4_747 160.5 ? 
7  OG  ? A SER 23  ? A SER 23  ? 1_555 CS  ? F CS  . ? A CS  205 ? 1_555 O   ? P HOH .   ? A HOH 347 ? 1_555 105.7 ? 
8  OD1 ? A ASN 24  ? A ASN 24  ? 1_555 CS  ? F CS  . ? A CS  205 ? 1_555 O   ? P HOH .   ? A HOH 347 ? 1_555 103.3 ? 
9  O   ? A ASN 113 ? A ASN 113 ? 1_555 CS  ? F CS  . ? A CS  205 ? 1_555 O   ? P HOH .   ? A HOH 347 ? 1_555 51.1  ? 
10 O   ? P HOH .   ? A HOH 314 ? 4_747 CS  ? F CS  . ? A CS  205 ? 1_555 O   ? P HOH .   ? A HOH 347 ? 1_555 112.6 ? 
11 OG  ? A SER 23  ? A SER 23  ? 1_555 CS  ? F CS  . ? A CS  205 ? 1_555 O   ? P HOH .   ? A HOH 463 ? 1_555 65.1  ? 
12 OD1 ? A ASN 24  ? A ASN 24  ? 1_555 CS  ? F CS  . ? A CS  205 ? 1_555 O   ? P HOH .   ? A HOH 463 ? 1_555 146.4 ? 
13 O   ? A ASN 113 ? A ASN 113 ? 1_555 CS  ? F CS  . ? A CS  205 ? 1_555 O   ? P HOH .   ? A HOH 463 ? 1_555 97.0  ? 
14 O   ? P HOH .   ? A HOH 314 ? 4_747 CS  ? F CS  . ? A CS  205 ? 1_555 O   ? P HOH .   ? A HOH 463 ? 1_555 65.4  ? 
15 O   ? P HOH .   ? A HOH 347 ? 1_555 CS  ? F CS  . ? A CS  205 ? 1_555 O   ? P HOH .   ? A HOH 463 ? 1_555 72.5  ? 
16 SD  ? A MET 29  ? A MET 29  ? 1_555 PT1 A B QPT . ? A QPT 201 ? 1_555 N2  A B QPT .   ? A QPT 201 ? 1_555 165.5 ? 
17 SD  ? A MET 29  ? A MET 29  ? 1_555 PT1 A B QPT . ? A QPT 201 ? 1_555 N1  A B QPT .   ? A QPT 201 ? 1_555 91.9  ? 
18 N2  A B QPT .   ? A QPT 201 ? 1_555 PT1 A B QPT . ? A QPT 201 ? 1_555 N1  A B QPT .   ? A QPT 201 ? 1_555 92.1  ? 
19 SD  ? A MET 29  ? A MET 29  ? 1_555 PT1 A B QPT . ? A QPT 201 ? 1_555 O2  A B QPT .   ? A QPT 201 ? 1_555 87.7  ? 
20 N2  A B QPT .   ? A QPT 201 ? 1_555 PT1 A B QPT . ? A QPT 201 ? 1_555 O2  A B QPT .   ? A QPT 201 ? 1_555 88.4  ? 
21 N1  A B QPT .   ? A QPT 201 ? 1_555 PT1 A B QPT . ? A QPT 201 ? 1_555 O2  A B QPT .   ? A QPT 201 ? 1_555 179.5 ? 
22 SD  ? A MET 29  ? A MET 29  ? 1_555 PT1 B B QPT . ? A QPT 201 ? 1_555 N2  A B QPT .   ? A QPT 201 ? 1_555 89.1  ? 
23 SD  ? A MET 29  ? A MET 29  ? 1_555 PT1 B B QPT . ? A QPT 201 ? 1_555 N1  A B QPT .   ? A QPT 201 ? 1_555 57.5  ? 
24 N2  A B QPT .   ? A QPT 201 ? 1_555 PT1 B B QPT . ? A QPT 201 ? 1_555 N1  A B QPT .   ? A QPT 201 ? 1_555 42.8  ? 
25 SD  ? A MET 29  ? A MET 29  ? 1_555 PT1 B B QPT . ? A QPT 201 ? 1_555 O2  A B QPT .   ? A QPT 201 ? 1_555 96.5  ? 
26 N2  A B QPT .   ? A QPT 201 ? 1_555 PT1 B B QPT . ? A QPT 201 ? 1_555 O2  A B QPT .   ? A QPT 201 ? 1_555 44.6  ? 
27 N1  A B QPT .   ? A QPT 201 ? 1_555 PT1 B B QPT . ? A QPT 201 ? 1_555 O2  A B QPT .   ? A QPT 201 ? 1_555 80.8  ? 
28 O   ? A LYS 31  ? A LYS 31  ? 1_555 CS  B E CS  . ? A CS  204 ? 1_555 OD1 ? A ASN 34  ? A ASN 34  ? 1_555 69.4  ? 
29 O   ? A LYS 31  ? A LYS 31  ? 1_555 CS  B E CS  . ? A CS  204 ? 1_555 O   ? P HOH .   ? A HOH 337 ? 2_634 141.7 ? 
30 OD1 ? A ASN 34  ? A ASN 34  ? 1_555 CS  B E CS  . ? A CS  204 ? 1_555 O   ? P HOH .   ? A HOH 337 ? 2_634 103.4 ? 
31 O   ? A SER 32  ? A SER 32  ? 1_555 CS  A E CS  . ? A CS  204 ? 1_555 O   ? A THR 78  ? A THR 78  ? 1_555 20.4  ? 
32 O   ? A SER 32  ? A SER 32  ? 1_555 CS  A E CS  . ? A CS  204 ? 1_555 O   ? P HOH .   ? A HOH 304 ? 2_634 92.2  ? 
33 O   ? A THR 78  ? A THR 78  ? 1_555 CS  A E CS  . ? A CS  204 ? 1_555 O   ? P HOH .   ? A HOH 304 ? 2_634 90.4  ? 
34 O   ? A SER 32  ? A SER 32  ? 1_555 CS  A E CS  . ? A CS  204 ? 1_555 O   ? P HOH .   ? A HOH 337 ? 2_634 151.6 ? 
35 O   ? A THR 78  ? A THR 78  ? 1_555 CS  A E CS  . ? A CS  204 ? 1_555 O   ? P HOH .   ? A HOH 337 ? 2_634 163.7 ? 
36 O   ? P HOH .   ? A HOH 304 ? 2_634 CS  A E CS  . ? A CS  204 ? 1_555 O   ? P HOH .   ? A HOH 337 ? 2_634 74.1  ? 
37 O   ? A HIS 48  ? A HIS 48  ? 1_555 CS  ? C CS  . ? A CS  202 ? 1_555 OE1 ? A GLU 49  ? A GLU 49  ? 1_555 66.1  ? 
38 OD1 ? A ASN 62  ? A ASN 62  ? 1_555 CS  ? D CS  . ? A CS  203 ? 1_555 O   ? A THR 70  ? A THR 70  ? 1_555 69.6  ? 
39 OD1 ? A ASN 62  ? A ASN 62  ? 1_555 CS  ? D CS  . ? A CS  203 ? 1_555 OH  ? A TYR 73  ? A TYR 73  ? 1_555 89.5  ? 
40 O   ? A THR 70  ? A THR 70  ? 1_555 CS  ? D CS  . ? A CS  203 ? 1_555 OH  ? A TYR 73  ? A TYR 73  ? 1_555 94.1  ? 
# 
loop_
_pdbx_modification_feature.ordinal 
_pdbx_modification_feature.label_comp_id 
_pdbx_modification_feature.label_asym_id 
_pdbx_modification_feature.label_seq_id 
_pdbx_modification_feature.label_alt_id 
_pdbx_modification_feature.modified_residue_label_comp_id 
_pdbx_modification_feature.modified_residue_label_asym_id 
_pdbx_modification_feature.modified_residue_label_seq_id 
_pdbx_modification_feature.modified_residue_label_alt_id 
_pdbx_modification_feature.auth_comp_id 
_pdbx_modification_feature.auth_asym_id 
_pdbx_modification_feature.auth_seq_id 
_pdbx_modification_feature.PDB_ins_code 
_pdbx_modification_feature.symmetry 
_pdbx_modification_feature.modified_residue_auth_comp_id 
_pdbx_modification_feature.modified_residue_auth_asym_id 
_pdbx_modification_feature.modified_residue_auth_seq_id 
_pdbx_modification_feature.modified_residue_PDB_ins_code 
_pdbx_modification_feature.modified_residue_symmetry 
_pdbx_modification_feature.comp_id_linking_atom 
_pdbx_modification_feature.modified_residue_id_linking_atom 
_pdbx_modification_feature.modified_residue_id 
_pdbx_modification_feature.ref_pcm_id 
_pdbx_modification_feature.ref_comp_id 
_pdbx_modification_feature.type 
_pdbx_modification_feature.category 
1 CYS A 26 ? CYS A 84  ? CYS A 26 ? 1_555 CYS A 84  ? 1_555 SG SG . . . None 'Disulfide bridge' 
2 CYS A 40 ? CYS A 95  ? CYS A 40 ? 1_555 CYS A 95  ? 1_555 SG SG . . . None 'Disulfide bridge' 
3 CYS A 58 ? CYS A 110 ? CYS A 58 ? 1_555 CYS A 110 ? 1_555 SG SG . . . None 'Disulfide bridge' 
4 CYS A 65 ? CYS A 72  ? CYS A 65 ? 1_555 CYS A 72  ? 1_555 SG SG . . . None 'Disulfide bridge' 
# 
loop_
_struct_mon_prot_cis.pdbx_id 
_struct_mon_prot_cis.label_comp_id 
_struct_mon_prot_cis.label_seq_id 
_struct_mon_prot_cis.label_asym_id 
_struct_mon_prot_cis.label_alt_id 
_struct_mon_prot_cis.pdbx_PDB_ins_code 
_struct_mon_prot_cis.auth_comp_id 
_struct_mon_prot_cis.auth_seq_id 
_struct_mon_prot_cis.auth_asym_id 
_struct_mon_prot_cis.pdbx_label_comp_id_2 
_struct_mon_prot_cis.pdbx_label_seq_id_2 
_struct_mon_prot_cis.pdbx_label_asym_id_2 
_struct_mon_prot_cis.pdbx_PDB_ins_code_2 
_struct_mon_prot_cis.pdbx_auth_comp_id_2 
_struct_mon_prot_cis.pdbx_auth_seq_id_2 
_struct_mon_prot_cis.pdbx_auth_asym_id_2 
_struct_mon_prot_cis.pdbx_PDB_model_num 
_struct_mon_prot_cis.pdbx_omega_angle 
1 TYR 92  A . ? TYR 92  A PRO 93  A ? PRO 93  A 1 14.38 
2 ASN 113 A . ? ASN 113 A PRO 114 A ? PRO 114 A 1 -5.93 
# 
loop_
_struct_sheet.id 
_struct_sheet.type 
_struct_sheet.number_strands 
_struct_sheet.details 
AA1 ? 3 ? 
AA2 ? 4 ? 
# 
loop_
_struct_sheet_order.sheet_id 
_struct_sheet_order.range_id_1 
_struct_sheet_order.range_id_2 
_struct_sheet_order.offset 
_struct_sheet_order.sense 
AA1 1 2 ? anti-parallel 
AA1 2 3 ? anti-parallel 
AA2 1 2 ? anti-parallel 
AA2 2 3 ? anti-parallel 
AA2 3 4 ? anti-parallel 
# 
loop_
_struct_sheet_range.sheet_id 
_struct_sheet_range.id 
_struct_sheet_range.beg_label_comp_id 
_struct_sheet_range.beg_label_asym_id 
_struct_sheet_range.beg_label_seq_id 
_struct_sheet_range.pdbx_beg_PDB_ins_code 
_struct_sheet_range.end_label_comp_id 
_struct_sheet_range.end_label_asym_id 
_struct_sheet_range.end_label_seq_id 
_struct_sheet_range.pdbx_end_PDB_ins_code 
_struct_sheet_range.beg_auth_comp_id 
_struct_sheet_range.beg_auth_asym_id 
_struct_sheet_range.beg_auth_seq_id 
_struct_sheet_range.end_auth_comp_id 
_struct_sheet_range.end_auth_asym_id 
_struct_sheet_range.end_auth_seq_id 
AA1 1 VAL A 43  ? VAL A 47  ? VAL A 43  VAL A 47  
AA1 2 MET A 79  ? GLU A 86  ? MET A 79  GLU A 86  
AA1 3 TYR A 97  ? LYS A 104 ? TYR A 97  LYS A 104 
AA2 1 LYS A 61  ? VAL A 63  ? LYS A 61  VAL A 63  
AA2 2 CYS A 72  ? GLN A 74  ? CYS A 72  GLN A 74  
AA2 3 ILE A 106 ? GLU A 111 ? ILE A 106 GLU A 111 
AA2 4 VAL A 116 ? SER A 123 ? VAL A 116 SER A 123 
# 
loop_
_pdbx_struct_sheet_hbond.sheet_id 
_pdbx_struct_sheet_hbond.range_id_1 
_pdbx_struct_sheet_hbond.range_id_2 
_pdbx_struct_sheet_hbond.range_1_label_atom_id 
_pdbx_struct_sheet_hbond.range_1_label_comp_id 
_pdbx_struct_sheet_hbond.range_1_label_asym_id 
_pdbx_struct_sheet_hbond.range_1_label_seq_id 
_pdbx_struct_sheet_hbond.range_1_PDB_ins_code 
_pdbx_struct_sheet_hbond.range_1_auth_atom_id 
_pdbx_struct_sheet_hbond.range_1_auth_comp_id 
_pdbx_struct_sheet_hbond.range_1_auth_asym_id 
_pdbx_struct_sheet_hbond.range_1_auth_seq_id 
_pdbx_struct_sheet_hbond.range_2_label_atom_id 
_pdbx_struct_sheet_hbond.range_2_label_comp_id 
_pdbx_struct_sheet_hbond.range_2_label_asym_id 
_pdbx_struct_sheet_hbond.range_2_label_seq_id 
_pdbx_struct_sheet_hbond.range_2_PDB_ins_code 
_pdbx_struct_sheet_hbond.range_2_auth_atom_id 
_pdbx_struct_sheet_hbond.range_2_auth_comp_id 
_pdbx_struct_sheet_hbond.range_2_auth_asym_id 
_pdbx_struct_sheet_hbond.range_2_auth_seq_id 
AA1 1 2 N ASN A 44  ? N ASN A 44  O CYS A 84  ? O CYS A 84  
AA1 2 3 N ASP A 83  ? N ASP A 83  O THR A 100 ? O THR A 100 
AA2 1 2 N LYS A 61  ? N LYS A 61  O GLN A 74  ? O GLN A 74  
AA2 2 3 N TYR A 73  ? N TYR A 73  O VAL A 108 ? O VAL A 108 
AA2 3 4 N ILE A 107 ? N ILE A 107 O ALA A 122 ? O ALA A 122 
# 
loop_
_struct_site.id 
_struct_site.pdbx_evidence_code 
_struct_site.pdbx_auth_asym_id 
_struct_site.pdbx_auth_comp_id 
_struct_site.pdbx_auth_seq_id 
_struct_site.pdbx_auth_ins_code 
_struct_site.pdbx_num_residues 
_struct_site.details 
AC1 Software A QPT 201 ? 8 'binding site for residue QPT A 201' 
AC2 Software A CS  202 ? 2 'binding site for residue CS A 202'  
AC3 Software A CS  203 ? 4 'binding site for residue CS A 203'  
AC4 Software A CS  204 ? 5 'binding site for residue CS A 204'  
AC5 Software A CS  205 ? 3 'binding site for residue CS A 205'  
AC6 Software A CL  206 ? 4 'binding site for residue CL A 206'  
AC7 Software A CL  207 ? 3 'binding site for residue CL A 207'  
AC8 Software A CL  208 ? 1 'binding site for residue CL A 208'  
AC9 Software A CL  209 ? 3 'binding site for residue CL A 209'  
AD1 Software A CL  210 ? 6 'binding site for residue CL A 210'  
AD2 Software A CL  211 ? 2 'binding site for residue CL A 211'  
AD3 Software A CL  212 ? 4 'binding site for residue CL A 212'  
AD4 Software A CL  213 ? 3 'binding site for residue CL A 213'  
AD5 Software A CL  214 ? 4 'binding site for residue CL A 214'  
# 
loop_
_struct_site_gen.id 
_struct_site_gen.site_id 
_struct_site_gen.pdbx_num_res 
_struct_site_gen.label_comp_id 
_struct_site_gen.label_asym_id 
_struct_site_gen.label_seq_id 
_struct_site_gen.pdbx_auth_ins_code 
_struct_site_gen.auth_comp_id 
_struct_site_gen.auth_asym_id 
_struct_site_gen.auth_seq_id 
_struct_site_gen.label_atom_id 
_struct_site_gen.label_alt_id 
_struct_site_gen.symmetry 
_struct_site_gen.details 
1  AC1 8 ASP A 14  ? ASP A 14  . ? 1_555 ? 
2  AC1 8 SER A 16  ? SER A 16  . ? 1_555 ? 
3  AC1 8 THR A 17  ? THR A 17  . ? 1_555 ? 
4  AC1 8 TYR A 25  ? TYR A 25  . ? 1_555 ? 
5  AC1 8 GLN A 28  ? GLN A 28  . ? 1_555 ? 
6  AC1 8 MET A 29  ? MET A 29  . ? 1_555 ? 
7  AC1 8 SER A 32  ? SER A 32  . ? 1_555 ? 
8  AC1 8 ASP A 53  ? ASP A 53  . ? 2_634 ? 
9  AC2 2 HIS A 48  ? HIS A 48  . ? 1_555 ? 
10 AC2 2 GLU A 49  ? GLU A 49  . ? 1_555 ? 
11 AC3 4 ASN A 62  ? ASN A 62  . ? 1_555 ? 
12 AC3 4 THR A 70  ? THR A 70  . ? 1_555 ? 
13 AC3 4 TYR A 73  ? TYR A 73  . ? 1_555 ? 
14 AC3 4 HOH P .   ? HOH A 340 . ? 1_555 ? 
15 AC4 5 LYS A 31  ? LYS A 31  . ? 1_555 ? 
16 AC4 5 SER A 32  ? SER A 32  . ? 1_555 ? 
17 AC4 5 ASN A 34  ? ASN A 34  . ? 1_555 ? 
18 AC4 5 THR A 78  ? THR A 78  . ? 2_634 ? 
19 AC4 5 HOH P .   ? HOH A 304 . ? 2_634 ? 
20 AC5 3 SER A 23  ? SER A 23  . ? 1_555 ? 
21 AC5 3 ASN A 24  ? ASN A 24  . ? 1_555 ? 
22 AC5 3 ASN A 113 ? ASN A 113 . ? 4_747 ? 
23 AC6 4 ARG A 10  ? ARG A 10  . ? 1_555 ? 
24 AC6 4 ASN A 34  ? ASN A 34  . ? 1_555 ? 
25 AC6 4 THR A 78  ? THR A 78  . ? 2_634 ? 
26 AC6 4 HOH P .   ? HOH A 481 . ? 1_555 ? 
27 AC7 3 THR A 3   ? THR A 3   . ? 1_555 ? 
28 AC7 3 HOH P .   ? HOH A 316 . ? 4_637 ? 
29 AC7 3 HOH P .   ? HOH A 463 . ? 4_637 ? 
30 AC8 1 SER A 15  ? SER A 15  . ? 1_555 ? 
31 AC9 3 LEU A 35  ? LEU A 35  . ? 1_555 ? 
32 AC9 3 ARG A 39  ? ARG A 39  . ? 1_555 ? 
33 AC9 3 HOH P .   ? HOH A 356 . ? 1_555 ? 
34 AD1 6 THR A 87  ? THR A 87  . ? 1_555 ? 
35 AD1 6 GLY A 88  ? GLY A 88  . ? 1_555 ? 
36 AD1 6 SER A 90  ? SER A 90  . ? 1_555 ? 
37 AD1 6 LYS A 91  ? LYS A 91  . ? 1_555 ? 
38 AD1 6 HOH P .   ? HOH A 386 . ? 1_555 ? 
39 AD1 6 HOH P .   ? HOH A 416 . ? 1_555 ? 
40 AD2 2 ASN A 24  ? ASN A 24  . ? 4_637 ? 
41 AD2 2 ASN A 113 ? ASN A 113 . ? 1_555 ? 
42 AD3 4 THR A 36  ? THR A 36  . ? 1_555 ? 
43 AD3 4 TYR A 92  ? TYR A 92  . ? 1_555 ? 
44 AD3 4 PRO A 93  ? PRO A 93  . ? 1_555 ? 
45 AD3 4 HOH P .   ? HOH A 327 . ? 1_555 ? 
46 AD4 3 PHE A 120 ? PHE A 120 . ? 1_555 ? 
47 AD4 3 CL  O .   ? CL  A 214 . ? 1_555 ? 
48 AD4 3 HOH P .   ? HOH A 355 . ? 1_555 ? 
49 AD5 4 HIS A 12  ? HIS A 12  . ? 1_555 ? 
50 AD5 4 ASN A 44  ? ASN A 44  . ? 1_555 ? 
51 AD5 4 THR A 45  ? THR A 45  . ? 1_555 ? 
52 AD5 4 CL  N .   ? CL  A 213 . ? 1_555 ? 
# 
_pdbx_entry_details.entry_id                   5NA9 
_pdbx_entry_details.compound_details           ? 
_pdbx_entry_details.source_details             ? 
_pdbx_entry_details.nonpolymer_details         ? 
_pdbx_entry_details.sequence_details           ? 
_pdbx_entry_details.has_ligand_of_interest     ? 
_pdbx_entry_details.has_protein_modification   Y 
# 
loop_
_pdbx_validate_close_contact.id 
_pdbx_validate_close_contact.PDB_model_num 
_pdbx_validate_close_contact.auth_atom_id_1 
_pdbx_validate_close_contact.auth_asym_id_1 
_pdbx_validate_close_contact.auth_comp_id_1 
_pdbx_validate_close_contact.auth_seq_id_1 
_pdbx_validate_close_contact.PDB_ins_code_1 
_pdbx_validate_close_contact.label_alt_id_1 
_pdbx_validate_close_contact.auth_atom_id_2 
_pdbx_validate_close_contact.auth_asym_id_2 
_pdbx_validate_close_contact.auth_comp_id_2 
_pdbx_validate_close_contact.auth_seq_id_2 
_pdbx_validate_close_contact.PDB_ins_code_2 
_pdbx_validate_close_contact.label_alt_id_2 
_pdbx_validate_close_contact.dist 
1 1 O  A HOH 377 ? ? O A HOH 430 ? ? 2.02 
2 1 NZ A LYS 66  ? ? O A HOH 301 ? ? 2.19 
# 
loop_
_pdbx_validate_symm_contact.id 
_pdbx_validate_symm_contact.PDB_model_num 
_pdbx_validate_symm_contact.auth_atom_id_1 
_pdbx_validate_symm_contact.auth_asym_id_1 
_pdbx_validate_symm_contact.auth_comp_id_1 
_pdbx_validate_symm_contact.auth_seq_id_1 
_pdbx_validate_symm_contact.PDB_ins_code_1 
_pdbx_validate_symm_contact.label_alt_id_1 
_pdbx_validate_symm_contact.site_symmetry_1 
_pdbx_validate_symm_contact.auth_atom_id_2 
_pdbx_validate_symm_contact.auth_asym_id_2 
_pdbx_validate_symm_contact.auth_comp_id_2 
_pdbx_validate_symm_contact.auth_seq_id_2 
_pdbx_validate_symm_contact.PDB_ins_code_2 
_pdbx_validate_symm_contact.label_alt_id_2 
_pdbx_validate_symm_contact.site_symmetry_2 
_pdbx_validate_symm_contact.dist 
1 1 O A HOH 453 ? ? 1_555 O A HOH 453 ? ? 5_557 1.98 
2 1 O A HOH 364 ? ? 1_555 O A HOH 364 ? ? 5_557 2.07 
3 1 O A HOH 379 ? ? 1_555 O A HOH 445 ? ? 4_747 2.13 
4 1 O A HOH 364 ? ? 1_555 O A HOH 421 ? ? 5_557 2.18 
# 
loop_
_pdbx_validate_torsion.id 
_pdbx_validate_torsion.PDB_model_num 
_pdbx_validate_torsion.auth_comp_id 
_pdbx_validate_torsion.auth_asym_id 
_pdbx_validate_torsion.auth_seq_id 
_pdbx_validate_torsion.PDB_ins_code 
_pdbx_validate_torsion.label_alt_id 
_pdbx_validate_torsion.phi 
_pdbx_validate_torsion.psi 
1 1 HIS A 48 ? ? -102.72 71.25   
2 1 GLN A 60 ? ? -102.14 -139.43 
3 1 ASN A 94 ? ? -113.44 75.85   
# 
loop_
_pdbx_distant_solvent_atoms.id 
_pdbx_distant_solvent_atoms.PDB_model_num 
_pdbx_distant_solvent_atoms.auth_atom_id 
_pdbx_distant_solvent_atoms.label_alt_id 
_pdbx_distant_solvent_atoms.auth_asym_id 
_pdbx_distant_solvent_atoms.auth_comp_id 
_pdbx_distant_solvent_atoms.auth_seq_id 
_pdbx_distant_solvent_atoms.PDB_ins_code 
_pdbx_distant_solvent_atoms.neighbor_macromolecule_distance 
_pdbx_distant_solvent_atoms.neighbor_ligand_distance 
1 1 O ? A HOH 511 ? 6.78 . 
2 1 O ? A HOH 512 ? 7.35 . 
3 1 O ? A HOH 513 ? 7.59 . 
4 1 O ? A HOH 514 ? 8.15 . 
5 1 O ? A HOH 515 ? 8.64 . 
# 
loop_
_chem_comp_atom.comp_id 
_chem_comp_atom.atom_id 
_chem_comp_atom.type_symbol 
_chem_comp_atom.pdbx_aromatic_flag 
_chem_comp_atom.pdbx_stereo_config 
_chem_comp_atom.pdbx_ordinal 
ALA N    N  N N 1   
ALA CA   C  N S 2   
ALA C    C  N N 3   
ALA O    O  N N 4   
ALA CB   C  N N 5   
ALA OXT  O  N N 6   
ALA H    H  N N 7   
ALA H2   H  N N 8   
ALA HA   H  N N 9   
ALA HB1  H  N N 10  
ALA HB2  H  N N 11  
ALA HB3  H  N N 12  
ALA HXT  H  N N 13  
ARG N    N  N N 14  
ARG CA   C  N S 15  
ARG C    C  N N 16  
ARG O    O  N N 17  
ARG CB   C  N N 18  
ARG CG   C  N N 19  
ARG CD   C  N N 20  
ARG NE   N  N N 21  
ARG CZ   C  N N 22  
ARG NH1  N  N N 23  
ARG NH2  N  N N 24  
ARG OXT  O  N N 25  
ARG H    H  N N 26  
ARG H2   H  N N 27  
ARG HA   H  N N 28  
ARG HB2  H  N N 29  
ARG HB3  H  N N 30  
ARG HG2  H  N N 31  
ARG HG3  H  N N 32  
ARG HD2  H  N N 33  
ARG HD3  H  N N 34  
ARG HE   H  N N 35  
ARG HH11 H  N N 36  
ARG HH12 H  N N 37  
ARG HH21 H  N N 38  
ARG HH22 H  N N 39  
ARG HXT  H  N N 40  
ASN N    N  N N 41  
ASN CA   C  N S 42  
ASN C    C  N N 43  
ASN O    O  N N 44  
ASN CB   C  N N 45  
ASN CG   C  N N 46  
ASN OD1  O  N N 47  
ASN ND2  N  N N 48  
ASN OXT  O  N N 49  
ASN H    H  N N 50  
ASN H2   H  N N 51  
ASN HA   H  N N 52  
ASN HB2  H  N N 53  
ASN HB3  H  N N 54  
ASN HD21 H  N N 55  
ASN HD22 H  N N 56  
ASN HXT  H  N N 57  
ASP N    N  N N 58  
ASP CA   C  N S 59  
ASP C    C  N N 60  
ASP O    O  N N 61  
ASP CB   C  N N 62  
ASP CG   C  N N 63  
ASP OD1  O  N N 64  
ASP OD2  O  N N 65  
ASP OXT  O  N N 66  
ASP H    H  N N 67  
ASP H2   H  N N 68  
ASP HA   H  N N 69  
ASP HB2  H  N N 70  
ASP HB3  H  N N 71  
ASP HD2  H  N N 72  
ASP HXT  H  N N 73  
CL  CL   CL N N 74  
CS  CS   CS N N 75  
CYS N    N  N N 76  
CYS CA   C  N R 77  
CYS C    C  N N 78  
CYS O    O  N N 79  
CYS CB   C  N N 80  
CYS SG   S  N N 81  
CYS OXT  O  N N 82  
CYS H    H  N N 83  
CYS H2   H  N N 84  
CYS HA   H  N N 85  
CYS HB2  H  N N 86  
CYS HB3  H  N N 87  
CYS HG   H  N N 88  
CYS HXT  H  N N 89  
GLN N    N  N N 90  
GLN CA   C  N S 91  
GLN C    C  N N 92  
GLN O    O  N N 93  
GLN CB   C  N N 94  
GLN CG   C  N N 95  
GLN CD   C  N N 96  
GLN OE1  O  N N 97  
GLN NE2  N  N N 98  
GLN OXT  O  N N 99  
GLN H    H  N N 100 
GLN H2   H  N N 101 
GLN HA   H  N N 102 
GLN HB2  H  N N 103 
GLN HB3  H  N N 104 
GLN HG2  H  N N 105 
GLN HG3  H  N N 106 
GLN HE21 H  N N 107 
GLN HE22 H  N N 108 
GLN HXT  H  N N 109 
GLU N    N  N N 110 
GLU CA   C  N S 111 
GLU C    C  N N 112 
GLU O    O  N N 113 
GLU CB   C  N N 114 
GLU CG   C  N N 115 
GLU CD   C  N N 116 
GLU OE1  O  N N 117 
GLU OE2  O  N N 118 
GLU OXT  O  N N 119 
GLU H    H  N N 120 
GLU H2   H  N N 121 
GLU HA   H  N N 122 
GLU HB2  H  N N 123 
GLU HB3  H  N N 124 
GLU HG2  H  N N 125 
GLU HG3  H  N N 126 
GLU HE2  H  N N 127 
GLU HXT  H  N N 128 
GLY N    N  N N 129 
GLY CA   C  N N 130 
GLY C    C  N N 131 
GLY O    O  N N 132 
GLY OXT  O  N N 133 
GLY H    H  N N 134 
GLY H2   H  N N 135 
GLY HA2  H  N N 136 
GLY HA3  H  N N 137 
GLY HXT  H  N N 138 
HIS N    N  N N 139 
HIS CA   C  N S 140 
HIS C    C  N N 141 
HIS O    O  N N 142 
HIS CB   C  N N 143 
HIS CG   C  Y N 144 
HIS ND1  N  Y N 145 
HIS CD2  C  Y N 146 
HIS CE1  C  Y N 147 
HIS NE2  N  Y N 148 
HIS OXT  O  N N 149 
HIS H    H  N N 150 
HIS H2   H  N N 151 
HIS HA   H  N N 152 
HIS HB2  H  N N 153 
HIS HB3  H  N N 154 
HIS HD1  H  N N 155 
HIS HD2  H  N N 156 
HIS HE1  H  N N 157 
HIS HE2  H  N N 158 
HIS HXT  H  N N 159 
HOH O    O  N N 160 
HOH H1   H  N N 161 
HOH H2   H  N N 162 
ILE N    N  N N 163 
ILE CA   C  N S 164 
ILE C    C  N N 165 
ILE O    O  N N 166 
ILE CB   C  N S 167 
ILE CG1  C  N N 168 
ILE CG2  C  N N 169 
ILE CD1  C  N N 170 
ILE OXT  O  N N 171 
ILE H    H  N N 172 
ILE H2   H  N N 173 
ILE HA   H  N N 174 
ILE HB   H  N N 175 
ILE HG12 H  N N 176 
ILE HG13 H  N N 177 
ILE HG21 H  N N 178 
ILE HG22 H  N N 179 
ILE HG23 H  N N 180 
ILE HD11 H  N N 181 
ILE HD12 H  N N 182 
ILE HD13 H  N N 183 
ILE HXT  H  N N 184 
LEU N    N  N N 185 
LEU CA   C  N S 186 
LEU C    C  N N 187 
LEU O    O  N N 188 
LEU CB   C  N N 189 
LEU CG   C  N N 190 
LEU CD1  C  N N 191 
LEU CD2  C  N N 192 
LEU OXT  O  N N 193 
LEU H    H  N N 194 
LEU H2   H  N N 195 
LEU HA   H  N N 196 
LEU HB2  H  N N 197 
LEU HB3  H  N N 198 
LEU HG   H  N N 199 
LEU HD11 H  N N 200 
LEU HD12 H  N N 201 
LEU HD13 H  N N 202 
LEU HD21 H  N N 203 
LEU HD22 H  N N 204 
LEU HD23 H  N N 205 
LEU HXT  H  N N 206 
LYS N    N  N N 207 
LYS CA   C  N S 208 
LYS C    C  N N 209 
LYS O    O  N N 210 
LYS CB   C  N N 211 
LYS CG   C  N N 212 
LYS CD   C  N N 213 
LYS CE   C  N N 214 
LYS NZ   N  N N 215 
LYS OXT  O  N N 216 
LYS H    H  N N 217 
LYS H2   H  N N 218 
LYS HA   H  N N 219 
LYS HB2  H  N N 220 
LYS HB3  H  N N 221 
LYS HG2  H  N N 222 
LYS HG3  H  N N 223 
LYS HD2  H  N N 224 
LYS HD3  H  N N 225 
LYS HE2  H  N N 226 
LYS HE3  H  N N 227 
LYS HZ1  H  N N 228 
LYS HZ2  H  N N 229 
LYS HZ3  H  N N 230 
LYS HXT  H  N N 231 
MET N    N  N N 232 
MET CA   C  N S 233 
MET C    C  N N 234 
MET O    O  N N 235 
MET CB   C  N N 236 
MET CG   C  N N 237 
MET SD   S  N N 238 
MET CE   C  N N 239 
MET OXT  O  N N 240 
MET H    H  N N 241 
MET H2   H  N N 242 
MET HA   H  N N 243 
MET HB2  H  N N 244 
MET HB3  H  N N 245 
MET HG2  H  N N 246 
MET HG3  H  N N 247 
MET HE1  H  N N 248 
MET HE2  H  N N 249 
MET HE3  H  N N 250 
MET HXT  H  N N 251 
PHE N    N  N N 252 
PHE CA   C  N S 253 
PHE C    C  N N 254 
PHE O    O  N N 255 
PHE CB   C  N N 256 
PHE CG   C  Y N 257 
PHE CD1  C  Y N 258 
PHE CD2  C  Y N 259 
PHE CE1  C  Y N 260 
PHE CE2  C  Y N 261 
PHE CZ   C  Y N 262 
PHE OXT  O  N N 263 
PHE H    H  N N 264 
PHE H2   H  N N 265 
PHE HA   H  N N 266 
PHE HB2  H  N N 267 
PHE HB3  H  N N 268 
PHE HD1  H  N N 269 
PHE HD2  H  N N 270 
PHE HE1  H  N N 271 
PHE HE2  H  N N 272 
PHE HZ   H  N N 273 
PHE HXT  H  N N 274 
PRO N    N  N N 275 
PRO CA   C  N S 276 
PRO C    C  N N 277 
PRO O    O  N N 278 
PRO CB   C  N N 279 
PRO CG   C  N N 280 
PRO CD   C  N N 281 
PRO OXT  O  N N 282 
PRO H    H  N N 283 
PRO HA   H  N N 284 
PRO HB2  H  N N 285 
PRO HB3  H  N N 286 
PRO HG2  H  N N 287 
PRO HG3  H  N N 288 
PRO HD2  H  N N 289 
PRO HD3  H  N N 290 
PRO HXT  H  N N 291 
QPT N2   N  N N 292 
QPT PT1  PT N N 293 
QPT N1   N  N N 294 
QPT H1   H  N N 295 
QPT H2   H  N N 296 
QPT H3   H  N N 297 
QPT H4   H  N N 298 
QPT O2   O  N N 299 
QPT O1   O  N N 300 
QPT C1   C  N N 301 
QPT C2   C  N N 302 
QPT C3   C  N N 303 
QPT O4   O  N N 304 
QPT O3   O  N N 305 
QPT C5   C  N N 306 
QPT C6   C  N N 307 
QPT C7   C  N N 308 
QPT H5   H  N N 309 
QPT H6   H  N N 310 
QPT H7   H  N N 311 
QPT H8   H  N N 312 
QPT H9   H  N N 313 
QPT H10  H  N N 314 
QPT H11  H  N N 315 
QPT H12  H  N N 316 
SER N    N  N N 317 
SER CA   C  N S 318 
SER C    C  N N 319 
SER O    O  N N 320 
SER CB   C  N N 321 
SER OG   O  N N 322 
SER OXT  O  N N 323 
SER H    H  N N 324 
SER H2   H  N N 325 
SER HA   H  N N 326 
SER HB2  H  N N 327 
SER HB3  H  N N 328 
SER HG   H  N N 329 
SER HXT  H  N N 330 
THR N    N  N N 331 
THR CA   C  N S 332 
THR C    C  N N 333 
THR O    O  N N 334 
THR CB   C  N R 335 
THR OG1  O  N N 336 
THR CG2  C  N N 337 
THR OXT  O  N N 338 
THR H    H  N N 339 
THR H2   H  N N 340 
THR HA   H  N N 341 
THR HB   H  N N 342 
THR HG1  H  N N 343 
THR HG21 H  N N 344 
THR HG22 H  N N 345 
THR HG23 H  N N 346 
THR HXT  H  N N 347 
TYR N    N  N N 348 
TYR CA   C  N S 349 
TYR C    C  N N 350 
TYR O    O  N N 351 
TYR CB   C  N N 352 
TYR CG   C  Y N 353 
TYR CD1  C  Y N 354 
TYR CD2  C  Y N 355 
TYR CE1  C  Y N 356 
TYR CE2  C  Y N 357 
TYR CZ   C  Y N 358 
TYR OH   O  N N 359 
TYR OXT  O  N N 360 
TYR H    H  N N 361 
TYR H2   H  N N 362 
TYR HA   H  N N 363 
TYR HB2  H  N N 364 
TYR HB3  H  N N 365 
TYR HD1  H  N N 366 
TYR HD2  H  N N 367 
TYR HE1  H  N N 368 
TYR HE2  H  N N 369 
TYR HH   H  N N 370 
TYR HXT  H  N N 371 
VAL N    N  N N 372 
VAL CA   C  N S 373 
VAL C    C  N N 374 
VAL O    O  N N 375 
VAL CB   C  N N 376 
VAL CG1  C  N N 377 
VAL CG2  C  N N 378 
VAL OXT  O  N N 379 
VAL H    H  N N 380 
VAL H2   H  N N 381 
VAL HA   H  N N 382 
VAL HB   H  N N 383 
VAL HG11 H  N N 384 
VAL HG12 H  N N 385 
VAL HG13 H  N N 386 
VAL HG21 H  N N 387 
VAL HG22 H  N N 388 
VAL HG23 H  N N 389 
VAL HXT  H  N N 390 
# 
loop_
_chem_comp_bond.comp_id 
_chem_comp_bond.atom_id_1 
_chem_comp_bond.atom_id_2 
_chem_comp_bond.value_order 
_chem_comp_bond.pdbx_aromatic_flag 
_chem_comp_bond.pdbx_stereo_config 
_chem_comp_bond.pdbx_ordinal 
ALA N   CA   sing N N 1   
ALA N   H    sing N N 2   
ALA N   H2   sing N N 3   
ALA CA  C    sing N N 4   
ALA CA  CB   sing N N 5   
ALA CA  HA   sing N N 6   
ALA C   O    doub N N 7   
ALA C   OXT  sing N N 8   
ALA CB  HB1  sing N N 9   
ALA CB  HB2  sing N N 10  
ALA CB  HB3  sing N N 11  
ALA OXT HXT  sing N N 12  
ARG N   CA   sing N N 13  
ARG N   H    sing N N 14  
ARG N   H2   sing N N 15  
ARG CA  C    sing N N 16  
ARG CA  CB   sing N N 17  
ARG CA  HA   sing N N 18  
ARG C   O    doub N N 19  
ARG C   OXT  sing N N 20  
ARG CB  CG   sing N N 21  
ARG CB  HB2  sing N N 22  
ARG CB  HB3  sing N N 23  
ARG CG  CD   sing N N 24  
ARG CG  HG2  sing N N 25  
ARG CG  HG3  sing N N 26  
ARG CD  NE   sing N N 27  
ARG CD  HD2  sing N N 28  
ARG CD  HD3  sing N N 29  
ARG NE  CZ   sing N N 30  
ARG NE  HE   sing N N 31  
ARG CZ  NH1  sing N N 32  
ARG CZ  NH2  doub N N 33  
ARG NH1 HH11 sing N N 34  
ARG NH1 HH12 sing N N 35  
ARG NH2 HH21 sing N N 36  
ARG NH2 HH22 sing N N 37  
ARG OXT HXT  sing N N 38  
ASN N   CA   sing N N 39  
ASN N   H    sing N N 40  
ASN N   H2   sing N N 41  
ASN CA  C    sing N N 42  
ASN CA  CB   sing N N 43  
ASN CA  HA   sing N N 44  
ASN C   O    doub N N 45  
ASN C   OXT  sing N N 46  
ASN CB  CG   sing N N 47  
ASN CB  HB2  sing N N 48  
ASN CB  HB3  sing N N 49  
ASN CG  OD1  doub N N 50  
ASN CG  ND2  sing N N 51  
ASN ND2 HD21 sing N N 52  
ASN ND2 HD22 sing N N 53  
ASN OXT HXT  sing N N 54  
ASP N   CA   sing N N 55  
ASP N   H    sing N N 56  
ASP N   H2   sing N N 57  
ASP CA  C    sing N N 58  
ASP CA  CB   sing N N 59  
ASP CA  HA   sing N N 60  
ASP C   O    doub N N 61  
ASP C   OXT  sing N N 62  
ASP CB  CG   sing N N 63  
ASP CB  HB2  sing N N 64  
ASP CB  HB3  sing N N 65  
ASP CG  OD1  doub N N 66  
ASP CG  OD2  sing N N 67  
ASP OD2 HD2  sing N N 68  
ASP OXT HXT  sing N N 69  
CYS N   CA   sing N N 70  
CYS N   H    sing N N 71  
CYS N   H2   sing N N 72  
CYS CA  C    sing N N 73  
CYS CA  CB   sing N N 74  
CYS CA  HA   sing N N 75  
CYS C   O    doub N N 76  
CYS C   OXT  sing N N 77  
CYS CB  SG   sing N N 78  
CYS CB  HB2  sing N N 79  
CYS CB  HB3  sing N N 80  
CYS SG  HG   sing N N 81  
CYS OXT HXT  sing N N 82  
GLN N   CA   sing N N 83  
GLN N   H    sing N N 84  
GLN N   H2   sing N N 85  
GLN CA  C    sing N N 86  
GLN CA  CB   sing N N 87  
GLN CA  HA   sing N N 88  
GLN C   O    doub N N 89  
GLN C   OXT  sing N N 90  
GLN CB  CG   sing N N 91  
GLN CB  HB2  sing N N 92  
GLN CB  HB3  sing N N 93  
GLN CG  CD   sing N N 94  
GLN CG  HG2  sing N N 95  
GLN CG  HG3  sing N N 96  
GLN CD  OE1  doub N N 97  
GLN CD  NE2  sing N N 98  
GLN NE2 HE21 sing N N 99  
GLN NE2 HE22 sing N N 100 
GLN OXT HXT  sing N N 101 
GLU N   CA   sing N N 102 
GLU N   H    sing N N 103 
GLU N   H2   sing N N 104 
GLU CA  C    sing N N 105 
GLU CA  CB   sing N N 106 
GLU CA  HA   sing N N 107 
GLU C   O    doub N N 108 
GLU C   OXT  sing N N 109 
GLU CB  CG   sing N N 110 
GLU CB  HB2  sing N N 111 
GLU CB  HB3  sing N N 112 
GLU CG  CD   sing N N 113 
GLU CG  HG2  sing N N 114 
GLU CG  HG3  sing N N 115 
GLU CD  OE1  doub N N 116 
GLU CD  OE2  sing N N 117 
GLU OE2 HE2  sing N N 118 
GLU OXT HXT  sing N N 119 
GLY N   CA   sing N N 120 
GLY N   H    sing N N 121 
GLY N   H2   sing N N 122 
GLY CA  C    sing N N 123 
GLY CA  HA2  sing N N 124 
GLY CA  HA3  sing N N 125 
GLY C   O    doub N N 126 
GLY C   OXT  sing N N 127 
GLY OXT HXT  sing N N 128 
HIS N   CA   sing N N 129 
HIS N   H    sing N N 130 
HIS N   H2   sing N N 131 
HIS CA  C    sing N N 132 
HIS CA  CB   sing N N 133 
HIS CA  HA   sing N N 134 
HIS C   O    doub N N 135 
HIS C   OXT  sing N N 136 
HIS CB  CG   sing N N 137 
HIS CB  HB2  sing N N 138 
HIS CB  HB3  sing N N 139 
HIS CG  ND1  sing Y N 140 
HIS CG  CD2  doub Y N 141 
HIS ND1 CE1  doub Y N 142 
HIS ND1 HD1  sing N N 143 
HIS CD2 NE2  sing Y N 144 
HIS CD2 HD2  sing N N 145 
HIS CE1 NE2  sing Y N 146 
HIS CE1 HE1  sing N N 147 
HIS NE2 HE2  sing N N 148 
HIS OXT HXT  sing N N 149 
HOH O   H1   sing N N 150 
HOH O   H2   sing N N 151 
ILE N   CA   sing N N 152 
ILE N   H    sing N N 153 
ILE N   H2   sing N N 154 
ILE CA  C    sing N N 155 
ILE CA  CB   sing N N 156 
ILE CA  HA   sing N N 157 
ILE C   O    doub N N 158 
ILE C   OXT  sing N N 159 
ILE CB  CG1  sing N N 160 
ILE CB  CG2  sing N N 161 
ILE CB  HB   sing N N 162 
ILE CG1 CD1  sing N N 163 
ILE CG1 HG12 sing N N 164 
ILE CG1 HG13 sing N N 165 
ILE CG2 HG21 sing N N 166 
ILE CG2 HG22 sing N N 167 
ILE CG2 HG23 sing N N 168 
ILE CD1 HD11 sing N N 169 
ILE CD1 HD12 sing N N 170 
ILE CD1 HD13 sing N N 171 
ILE OXT HXT  sing N N 172 
LEU N   CA   sing N N 173 
LEU N   H    sing N N 174 
LEU N   H2   sing N N 175 
LEU CA  C    sing N N 176 
LEU CA  CB   sing N N 177 
LEU CA  HA   sing N N 178 
LEU C   O    doub N N 179 
LEU C   OXT  sing N N 180 
LEU CB  CG   sing N N 181 
LEU CB  HB2  sing N N 182 
LEU CB  HB3  sing N N 183 
LEU CG  CD1  sing N N 184 
LEU CG  CD2  sing N N 185 
LEU CG  HG   sing N N 186 
LEU CD1 HD11 sing N N 187 
LEU CD1 HD12 sing N N 188 
LEU CD1 HD13 sing N N 189 
LEU CD2 HD21 sing N N 190 
LEU CD2 HD22 sing N N 191 
LEU CD2 HD23 sing N N 192 
LEU OXT HXT  sing N N 193 
LYS N   CA   sing N N 194 
LYS N   H    sing N N 195 
LYS N   H2   sing N N 196 
LYS CA  C    sing N N 197 
LYS CA  CB   sing N N 198 
LYS CA  HA   sing N N 199 
LYS C   O    doub N N 200 
LYS C   OXT  sing N N 201 
LYS CB  CG   sing N N 202 
LYS CB  HB2  sing N N 203 
LYS CB  HB3  sing N N 204 
LYS CG  CD   sing N N 205 
LYS CG  HG2  sing N N 206 
LYS CG  HG3  sing N N 207 
LYS CD  CE   sing N N 208 
LYS CD  HD2  sing N N 209 
LYS CD  HD3  sing N N 210 
LYS CE  NZ   sing N N 211 
LYS CE  HE2  sing N N 212 
LYS CE  HE3  sing N N 213 
LYS NZ  HZ1  sing N N 214 
LYS NZ  HZ2  sing N N 215 
LYS NZ  HZ3  sing N N 216 
LYS OXT HXT  sing N N 217 
MET N   CA   sing N N 218 
MET N   H    sing N N 219 
MET N   H2   sing N N 220 
MET CA  C    sing N N 221 
MET CA  CB   sing N N 222 
MET CA  HA   sing N N 223 
MET C   O    doub N N 224 
MET C   OXT  sing N N 225 
MET CB  CG   sing N N 226 
MET CB  HB2  sing N N 227 
MET CB  HB3  sing N N 228 
MET CG  SD   sing N N 229 
MET CG  HG2  sing N N 230 
MET CG  HG3  sing N N 231 
MET SD  CE   sing N N 232 
MET CE  HE1  sing N N 233 
MET CE  HE2  sing N N 234 
MET CE  HE3  sing N N 235 
MET OXT HXT  sing N N 236 
PHE N   CA   sing N N 237 
PHE N   H    sing N N 238 
PHE N   H2   sing N N 239 
PHE CA  C    sing N N 240 
PHE CA  CB   sing N N 241 
PHE CA  HA   sing N N 242 
PHE C   O    doub N N 243 
PHE C   OXT  sing N N 244 
PHE CB  CG   sing N N 245 
PHE CB  HB2  sing N N 246 
PHE CB  HB3  sing N N 247 
PHE CG  CD1  doub Y N 248 
PHE CG  CD2  sing Y N 249 
PHE CD1 CE1  sing Y N 250 
PHE CD1 HD1  sing N N 251 
PHE CD2 CE2  doub Y N 252 
PHE CD2 HD2  sing N N 253 
PHE CE1 CZ   doub Y N 254 
PHE CE1 HE1  sing N N 255 
PHE CE2 CZ   sing Y N 256 
PHE CE2 HE2  sing N N 257 
PHE CZ  HZ   sing N N 258 
PHE OXT HXT  sing N N 259 
PRO N   CA   sing N N 260 
PRO N   CD   sing N N 261 
PRO N   H    sing N N 262 
PRO CA  C    sing N N 263 
PRO CA  CB   sing N N 264 
PRO CA  HA   sing N N 265 
PRO C   O    doub N N 266 
PRO C   OXT  sing N N 267 
PRO CB  CG   sing N N 268 
PRO CB  HB2  sing N N 269 
PRO CB  HB3  sing N N 270 
PRO CG  CD   sing N N 271 
PRO CG  HG2  sing N N 272 
PRO CG  HG3  sing N N 273 
PRO CD  HD2  sing N N 274 
PRO CD  HD3  sing N N 275 
PRO OXT HXT  sing N N 276 
QPT N2  PT1  sing N N 277 
QPT PT1 N1   sing N N 278 
QPT N2  H1   sing N N 279 
QPT N2  H2   sing N N 280 
QPT N1  H3   sing N N 281 
QPT N1  H4   sing N N 282 
QPT PT1 O2   sing N N 283 
QPT PT1 O1   sing N N 284 
QPT O1  C1   sing N N 285 
QPT O2  C2   sing N N 286 
QPT C1  C3   sing N N 287 
QPT C1  O4   doub N N 288 
QPT C2  O3   doub N N 289 
QPT C2  C3   sing N N 290 
QPT C3  C7   sing N N 291 
QPT C3  C5   sing N N 292 
QPT C5  C6   sing N N 293 
QPT C6  C7   sing N N 294 
QPT C5  H5   sing N N 295 
QPT C5  H6   sing N N 296 
QPT C6  H7   sing N N 297 
QPT C6  H8   sing N N 298 
QPT C7  H9   sing N N 299 
QPT C7  H10  sing N N 300 
QPT N2  H11  sing N N 301 
QPT N1  H12  sing N N 302 
SER N   CA   sing N N 303 
SER N   H    sing N N 304 
SER N   H2   sing N N 305 
SER CA  C    sing N N 306 
SER CA  CB   sing N N 307 
SER CA  HA   sing N N 308 
SER C   O    doub N N 309 
SER C   OXT  sing N N 310 
SER CB  OG   sing N N 311 
SER CB  HB2  sing N N 312 
SER CB  HB3  sing N N 313 
SER OG  HG   sing N N 314 
SER OXT HXT  sing N N 315 
THR N   CA   sing N N 316 
THR N   H    sing N N 317 
THR N   H2   sing N N 318 
THR CA  C    sing N N 319 
THR CA  CB   sing N N 320 
THR CA  HA   sing N N 321 
THR C   O    doub N N 322 
THR C   OXT  sing N N 323 
THR CB  OG1  sing N N 324 
THR CB  CG2  sing N N 325 
THR CB  HB   sing N N 326 
THR OG1 HG1  sing N N 327 
THR CG2 HG21 sing N N 328 
THR CG2 HG22 sing N N 329 
THR CG2 HG23 sing N N 330 
THR OXT HXT  sing N N 331 
TYR N   CA   sing N N 332 
TYR N   H    sing N N 333 
TYR N   H2   sing N N 334 
TYR CA  C    sing N N 335 
TYR CA  CB   sing N N 336 
TYR CA  HA   sing N N 337 
TYR C   O    doub N N 338 
TYR C   OXT  sing N N 339 
TYR CB  CG   sing N N 340 
TYR CB  HB2  sing N N 341 
TYR CB  HB3  sing N N 342 
TYR CG  CD1  doub Y N 343 
TYR CG  CD2  sing Y N 344 
TYR CD1 CE1  sing Y N 345 
TYR CD1 HD1  sing N N 346 
TYR CD2 CE2  doub Y N 347 
TYR CD2 HD2  sing N N 348 
TYR CE1 CZ   doub Y N 349 
TYR CE1 HE1  sing N N 350 
TYR CE2 CZ   sing Y N 351 
TYR CE2 HE2  sing N N 352 
TYR CZ  OH   sing N N 353 
TYR OH  HH   sing N N 354 
TYR OXT HXT  sing N N 355 
VAL N   CA   sing N N 356 
VAL N   H    sing N N 357 
VAL N   H2   sing N N 358 
VAL CA  C    sing N N 359 
VAL CA  CB   sing N N 360 
VAL CA  HA   sing N N 361 
VAL C   O    doub N N 362 
VAL C   OXT  sing N N 363 
VAL CB  CG1  sing N N 364 
VAL CB  CG2  sing N N 365 
VAL CB  HB   sing N N 366 
VAL CG1 HG11 sing N N 367 
VAL CG1 HG12 sing N N 368 
VAL CG1 HG13 sing N N 369 
VAL CG2 HG21 sing N N 370 
VAL CG2 HG22 sing N N 371 
VAL CG2 HG23 sing N N 372 
VAL OXT HXT  sing N N 373 
# 
_pdbx_initial_refinement_model.id               1 
_pdbx_initial_refinement_model.entity_id_list   ? 
_pdbx_initial_refinement_model.type             'experimental model' 
_pdbx_initial_refinement_model.source_name      PDB 
_pdbx_initial_refinement_model.accession_code   1RNX 
_pdbx_initial_refinement_model.details          ? 
# 
_atom_sites.entry_id                    5NA9 
_atom_sites.fract_transf_matrix[1][1]   -0.00316572 
_atom_sites.fract_transf_matrix[1][2]   0.01661074 
_atom_sites.fract_transf_matrix[1][3]   0.00615376 
_atom_sites.fract_transf_matrix[2][1]   -0.00591755 
_atom_sites.fract_transf_matrix[2][2]   0.01277212 
_atom_sites.fract_transf_matrix[2][3]   -0.01121050 
_atom_sites.fract_transf_matrix[3][1]   -0.01469222 
_atom_sites.fract_transf_matrix[3][2]   -0.00398939 
_atom_sites.fract_transf_matrix[3][3]   0.00321029 
_atom_sites.fract_transf_vector[1]      1.329907 
_atom_sites.fract_transf_vector[2]      -0.157475 
_atom_sites.fract_transf_vector[3]      1.071031 
# 
loop_
_atom_type.symbol 
C  
CL 
CS 
N  
O  
PT 
S  
# 
loop_
_atom_site.group_PDB 
_atom_site.id 
_atom_site.type_symbol 
_atom_site.label_atom_id 
_atom_site.label_alt_id 
_atom_site.label_comp_id 
_atom_site.label_asym_id 
_atom_site.label_entity_id 
_atom_site.label_seq_id 
_atom_site.pdbx_PDB_ins_code 
_atom_site.Cartn_x 
_atom_site.Cartn_y 
_atom_site.Cartn_z 
_atom_site.occupancy 
_atom_site.B_iso_or_equiv 
_atom_site.pdbx_formal_charge 
_atom_site.auth_seq_id 
_atom_site.auth_comp_id 
_atom_site.auth_asym_id 
_atom_site.auth_atom_id 
_atom_site.pdbx_PDB_model_num 
ATOM   1    N  N   . LYS A 1 1   ? 7.549   -17.034 -6.912  1.00 45.43 ? 1   LYS A N   1 
ATOM   2    C  CA  . LYS A 1 1   ? 8.187   -17.428 -5.633  1.00 43.62 ? 1   LYS A CA  1 
ATOM   3    C  C   . LYS A 1 1   ? 7.499   -16.739 -4.445  1.00 35.42 ? 1   LYS A C   1 
ATOM   4    O  O   . LYS A 1 1   ? 7.097   -17.448 -3.497  1.00 38.14 ? 1   LYS A O   1 
ATOM   5    C  CB  . LYS A 1 1   ? 9.720   -17.193 -5.609  1.00 51.94 ? 1   LYS A CB  1 
ATOM   6    C  CG  . LYS A 1 1   ? 10.213  -15.761 -5.273  1.00 56.29 ? 1   LYS A CG  1 
ATOM   7    C  CD  . LYS A 1 1   ? 10.420  -14.861 -6.508  1.00 56.36 ? 1   LYS A CD  1 
ATOM   8    C  CE  . LYS A 1 1   ? 9.947   -13.416 -6.325  1.00 57.27 ? 1   LYS A CE  1 
ATOM   9    N  NZ  . LYS A 1 1   ? 10.727  -12.663 -5.297  1.00 59.34 ? 1   LYS A NZ  1 
ATOM   10   N  N   . GLU A 1 2   ? 7.334   -15.406 -4.511  1.00 25.63 ? 2   GLU A N   1 
ATOM   11   C  CA  . GLU A 1 2   ? 6.908   -14.586 -3.344  1.00 21.09 ? 2   GLU A CA  1 
ATOM   12   C  C   . GLU A 1 2   ? 5.478   -14.948 -3.007  1.00 19.25 ? 2   GLU A C   1 
ATOM   13   O  O   . GLU A 1 2   ? 4.678   -15.024 -3.900  1.00 17.57 ? 2   GLU A O   1 
ATOM   14   C  CB  . GLU A 1 2   ? 7.028   -13.086 -3.639  1.00 20.43 ? 2   GLU A CB  1 
ATOM   15   C  CG  . GLU A 1 2   ? 6.874   -12.204 -2.414  1.00 20.48 ? 2   GLU A CG  1 
ATOM   16   C  CD  . GLU A 1 2   ? 7.113   -10.715 -2.693  1.00 19.75 ? 2   GLU A CD  1 
ATOM   17   O  OE1 . GLU A 1 2   ? 6.705   -10.213 -3.752  1.00 18.01 ? 2   GLU A OE1 1 
ATOM   18   O  OE2 . GLU A 1 2   ? 7.663   -10.012 -1.833  1.00 19.62 ? 2   GLU A OE2 1 
ATOM   19   N  N   . THR A 1 3   ? 5.170   -15.221 -1.739  1.00 17.00 ? 3   THR A N   1 
ATOM   20   C  CA  . THR A 1 3   ? 3.778   -15.425 -1.327  1.00 16.38 ? 3   THR A CA  1 
ATOM   21   C  C   . THR A 1 3   ? 2.976   -14.125 -1.525  1.00 16.70 ? 3   THR A C   1 
ATOM   22   O  O   . THR A 1 3   ? 3.577   -13.008 -1.585  1.00 14.25 ? 3   THR A O   1 
ATOM   23   C  CB  . THR A 1 3   ? 3.630   -15.906 0.140   1.00 16.29 ? 3   THR A CB  1 
ATOM   24   O  OG1 . THR A 1 3   ? 4.084   -14.899 1.055   1.00 15.72 ? 3   THR A OG1 1 
ATOM   25   C  CG2 . THR A 1 3   ? 4.433   -17.217 0.377   1.00 17.30 ? 3   THR A CG2 1 
ATOM   26   N  N   . ALA A 1 4   ? 1.657   -14.306 -1.716  1.00 14.50 ? 4   ALA A N   1 
ATOM   27   C  CA  . ALA A 1 4   ? 0.722   -13.197 -1.757  1.00 14.61 ? 4   ALA A CA  1 
ATOM   28   C  C   . ALA A 1 4   ? 0.801   -12.327 -0.467  1.00 13.55 ? 4   ALA A C   1 
ATOM   29   O  O   . ALA A 1 4   ? 0.864   -11.099 -0.571  1.00 14.05 ? 4   ALA A O   1 
ATOM   30   C  CB  . ALA A 1 4   ? -0.719  -13.679 -2.080  1.00 15.03 ? 4   ALA A CB  1 
ATOM   31   N  N   . ALA A 1 5   ? 0.889   -12.944 0.712   1.00 13.03 ? 5   ALA A N   1 
ATOM   32   C  CA  . ALA A 1 5   ? 1.035   -12.209 1.992   1.00 12.30 ? 5   ALA A CA  1 
ATOM   33   C  C   . ALA A 1 5   ? 2.313   -11.395 2.049   1.00 11.67 ? 5   ALA A C   1 
ATOM   34   O  O   . ALA A 1 5   ? 2.290   -10.268 2.460   1.00 10.71 ? 5   ALA A O   1 
ATOM   35   C  CB  . ALA A 1 5   ? 0.969   -13.151 3.235   1.00 12.66 ? 5   ALA A CB  1 
ATOM   36   N  N   . ALA A 1 6   ? 3.428   -11.989 1.670   1.00 11.82 ? 6   ALA A N   1 
ATOM   37   C  CA  . ALA A 1 6   ? 4.723   -11.324 1.691   1.00 11.97 ? 6   ALA A CA  1 
ATOM   38   C  C   . ALA A 1 6   ? 4.818   -10.242 0.632   1.00 12.65 ? 6   ALA A C   1 
ATOM   39   O  O   . ALA A 1 6   ? 5.452   -9.192  0.875   1.00 13.45 ? 6   ALA A O   1 
ATOM   40   C  CB  . ALA A 1 6   ? 5.847   -12.344 1.516   1.00 12.18 ? 6   ALA A CB  1 
ATOM   41   N  N   . LYS A 1 7   ? 4.183   -10.440 -0.520  1.00 13.13 ? 7   LYS A N   1 
ATOM   42   C  CA  . LYS A 1 7   ? 4.140   -9.367  -1.526  1.00 13.73 ? 7   LYS A CA  1 
ATOM   43   C  C   . LYS A 1 7   ? 3.383   -8.129  -0.996  1.00 12.97 ? 7   LYS A C   1 
ATOM   44   O  O   . LYS A 1 7   ? 3.796   -6.996  -1.216  1.00 12.82 ? 7   LYS A O   1 
ATOM   45   C  CB  . LYS A 1 7   ? 3.546   -9.861  -2.851  1.00 15.47 ? 7   LYS A CB  1 
ATOM   46   C  CG  . LYS A 1 7   ? 3.609   -8.809  -3.939  1.00 19.27 ? 7   LYS A CG  1 
ATOM   47   C  CD  . LYS A 1 7   ? 3.273   -9.405  -5.287  1.00 24.70 ? 7   LYS A CD  1 
ATOM   48   C  CE  . LYS A 1 7   ? 3.166   -8.311  -6.351  1.00 28.83 ? 7   LYS A CE  1 
ATOM   49   N  NZ  . LYS A 1 7   ? 2.269   -8.749  -7.477  1.00 32.64 ? 7   LYS A NZ  1 
ATOM   50   N  N   . PHE A 1 8   ? 2.279   -8.365  -0.293  1.00 12.97 ? 8   PHE A N   1 
ATOM   51   C  CA  . PHE A 1 8   ? 1.523   -7.278  0.292   1.00 12.85 ? 8   PHE A CA  1 
ATOM   52   C  C   . PHE A 1 8   ? 2.383   -6.499  1.276   1.00 11.69 ? 8   PHE A C   1 
ATOM   53   O  O   . PHE A 1 8   ? 2.374   -5.253  1.286   1.00 10.83 ? 8   PHE A O   1 
ATOM   54   C  CB  . PHE A 1 8   ? 0.228   -7.776  0.981   1.00 12.18 ? 8   PHE A CB  1 
ATOM   55   C  CG  . PHE A 1 8   ? -0.556  -6.670  1.634   1.00 12.55 ? 8   PHE A CG  1 
ATOM   56   C  CD1 . PHE A 1 8   ? -0.259  -6.263  2.929   1.00 12.30 ? 8   PHE A CD1 1 
ATOM   57   C  CD2 . PHE A 1 8   ? -1.565  -5.985  0.916   1.00 12.65 ? 8   PHE A CD2 1 
ATOM   58   C  CE1 . PHE A 1 8   ? -0.979  -5.238  3.509   1.00 12.34 ? 8   PHE A CE1 1 
ATOM   59   C  CE2 . PHE A 1 8   ? -2.276  -4.958  1.498   1.00 12.41 ? 8   PHE A CE2 1 
ATOM   60   C  CZ  . PHE A 1 8   ? -1.975  -4.593  2.799   1.00 12.59 ? 8   PHE A CZ  1 
ATOM   61   N  N   . GLU A 1 9   ? 3.063   -7.237  2.155   1.00 11.76 ? 9   GLU A N   1 
ATOM   62   C  CA  . GLU A 1 9   ? 3.936   -6.623  3.171   1.00 11.81 ? 9   GLU A CA  1 
ATOM   63   C  C   . GLU A 1 9   ? 5.011   -5.768  2.524   1.00 11.92 ? 9   GLU A C   1 
ATOM   64   O  O   . GLU A 1 9   ? 5.188   -4.624  2.899   1.00 13.72 ? 9   GLU A O   1 
ATOM   65   C  CB  . GLU A 1 9   ? 4.616   -7.727  4.011   1.00 12.72 ? 9   GLU A CB  1 
ATOM   66   C  CG  . GLU A 1 9   ? 3.660   -8.465  4.900   1.00 12.66 ? 9   GLU A CG  1 
ATOM   67   C  CD  . GLU A 1 9   ? 4.205   -9.766  5.452   1.00 13.10 ? 9   GLU A CD  1 
ATOM   68   O  OE1 . GLU A 1 9   ? 5.299   -10.194 5.027   1.00 13.13 ? 9   GLU A OE1 1 
ATOM   69   O  OE2 . GLU A 1 9   ? 3.487   -10.372 6.283   1.00 13.39 ? 9   GLU A OE2 1 
ATOM   70   N  N   . ARG A 1 10  ? 5.746   -6.332  1.567   1.00 11.79 ? 10  ARG A N   1 
ATOM   71   C  CA  . ARG A 1 10  ? 6.761   -5.567  0.808   1.00 12.09 ? 10  ARG A CA  1 
ATOM   72   C  C   . ARG A 1 10  ? 6.227   -4.309  0.069   1.00 12.17 ? 10  ARG A C   1 
ATOM   73   O  O   . ARG A 1 10  ? 6.871   -3.255  0.100   1.00 11.19 ? 10  ARG A O   1 
ATOM   74   C  CB  . ARG A 1 10  ? 7.452   -6.482  -0.191  1.00 12.75 ? 10  ARG A CB  1 
ATOM   75   C  CG  . ARG A 1 10  ? 8.530   -5.781  -1.050  1.00 13.15 ? 10  ARG A CG  1 
ATOM   76   C  CD  . ARG A 1 10  ? 9.261   -6.822  -1.851  1.00 14.16 ? 10  ARG A CD  1 
ATOM   77   N  NE  . ARG A 1 10  ? 8.345   -7.510  -2.757  1.00 13.97 ? 10  ARG A NE  1 
ATOM   78   C  CZ  . ARG A 1 10  ? 7.994   -7.034  -3.965  1.00 15.37 ? 10  ARG A CZ  1 
ATOM   79   N  NH1 . ARG A 1 10  ? 8.461   -5.855  -4.424  1.00 15.99 ? 10  ARG A NH1 1 
ATOM   80   N  NH2 . ARG A 1 10  ? 7.177   -7.712  -4.729  1.00 15.56 ? 10  ARG A NH2 1 
ATOM   81   N  N   . GLN A 1 11  ? 5.085   -4.411  -0.615  1.00 12.10 ? 11  GLN A N   1 
ATOM   82   C  CA  . GLN A 1 11  ? 4.575   -3.253  -1.349  1.00 12.98 ? 11  GLN A CA  1 
ATOM   83   C  C   . GLN A 1 11  ? 3.897   -2.230  -0.460  1.00 12.38 ? 11  GLN A C   1 
ATOM   84   O  O   . GLN A 1 11  ? 3.950   -1.058  -0.778  1.00 14.04 ? 11  GLN A O   1 
ATOM   85   C  CB  . GLN A 1 11  ? 3.609   -3.658  -2.462  1.00 13.95 ? 11  GLN A CB  1 
ATOM   86   C  CG  . GLN A 1 11  ? 4.207   -4.607  -3.493  1.00 14.32 ? 11  GLN A CG  1 
ATOM   87   C  CD  . GLN A 1 11  ? 3.291   -4.877  -4.659  1.00 16.13 ? 11  GLN A CD  1 
ATOM   88   O  OE1 . GLN A 1 11  ? 3.712   -4.783  -5.799  1.00 21.46 ? 11  GLN A OE1 1 
ATOM   89   N  NE2 . GLN A 1 11  ? 2.052   -5.208  -4.401  1.00 15.69 ? 11  GLN A NE2 1 
ATOM   90   N  N   . HIS A 1 12  ? 3.255   -2.647  0.640   1.00 13.41 ? 12  HIS A N   1 
ATOM   91   C  CA  . HIS A 1 12  ? 2.356   -1.762  1.384   1.00 13.43 ? 12  HIS A CA  1 
ATOM   92   C  C   . HIS A 1 12  ? 2.648   -1.452  2.832   1.00 13.68 ? 12  HIS A C   1 
ATOM   93   O  O   . HIS A 1 12  ? 2.031   -0.547  3.349   1.00 14.05 ? 12  HIS A O   1 
ATOM   94   C  CB  . HIS A 1 12  ? 0.897   -2.188  1.171   1.00 13.71 ? 12  HIS A CB  1 
ATOM   95   C  CG  . HIS A 1 12  ? 0.521   -2.305  -0.280  1.00 13.59 ? 12  HIS A CG  1 
ATOM   96   N  ND1 . HIS A 1 12  ? 0.380   -1.212  -1.108  1.00 13.78 ? 12  HIS A ND1 1 
ATOM   97   C  CD2 . HIS A 1 12  ? 0.243   -3.387  -1.043  1.00 12.66 ? 12  HIS A CD2 1 
ATOM   98   C  CE1 . HIS A 1 12  ? 0.039   -1.620  -2.321  1.00 13.01 ? 12  HIS A CE1 1 
ATOM   99   N  NE2 . HIS A 1 12  ? -0.006  -2.941  -2.314  1.00 12.18 ? 12  HIS A NE2 1 
ATOM   100  N  N   . MET A 1 13  ? 3.585   -2.135  3.501   1.00 13.09 ? 13  MET A N   1 
ATOM   101  C  CA  . MET A 1 13  ? 3.779   -1.868  4.921   1.00 12.86 ? 13  MET A CA  1 
ATOM   102  C  C   . MET A 1 13  ? 4.960   -0.969  5.155   1.00 13.31 ? 13  MET A C   1 
ATOM   103  O  O   . MET A 1 13  ? 6.008   -1.227  4.614   1.00 12.94 ? 13  MET A O   1 
ATOM   104  C  CB  . MET A 1 13  ? 3.939   -3.179  5.675   1.00 13.65 ? 13  MET A CB  1 
ATOM   105  C  CG  . MET A 1 13  ? 2.668   -4.032  5.690   1.00 13.42 ? 13  MET A CG  1 
ATOM   106  S  SD  . MET A 1 13  ? 1.288   -3.169  6.509   1.00 13.85 ? 13  MET A SD  1 
ATOM   107  C  CE  . MET A 1 13  ? 2.034   -2.624  8.023   1.00 14.26 ? 13  MET A CE  1 
ATOM   108  N  N   . ASP A 1 14  ? 4.779   0.105   5.923   1.00 14.04 ? 14  ASP A N   1 
ATOM   109  C  CA  . ASP A 1 14  ? 5.916   0.897   6.409   1.00 15.37 ? 14  ASP A CA  1 
ATOM   110  C  C   . ASP A 1 14  ? 5.646   1.355   7.817   1.00 16.47 ? 14  ASP A C   1 
ATOM   111  O  O   . ASP A 1 14  ? 5.295   2.529   8.077   1.00 17.08 ? 14  ASP A O   1 
ATOM   112  C  CB  . ASP A 1 14  ? 6.244   2.116   5.513   1.00 15.92 ? 14  ASP A CB  1 
ATOM   113  C  CG  . ASP A 1 14  ? 7.536   2.932   6.021   1.00 18.47 ? 14  ASP A CG  1 
ATOM   114  O  OD1 . ASP A 1 14  ? 8.295   2.410   6.902   1.00 16.23 ? 14  ASP A OD1 1 
ATOM   115  O  OD2 . ASP A 1 14  ? 7.741   4.098   5.566   1.00 17.64 ? 14  ASP A OD2 1 
ATOM   116  N  N   . SER A 1 15  ? 5.834   0.427   8.734   1.00 16.88 ? 15  SER A N   1 
ATOM   117  C  CA  . SER A 1 15  ? 5.667   0.678   10.155  1.00 19.29 ? 15  SER A CA  1 
ATOM   118  C  C   . SER A 1 15  ? 6.851   1.417   10.843  1.00 23.07 ? 15  SER A C   1 
ATOM   119  O  O   . SER A 1 15  ? 6.772   1.666   12.063  1.00 25.54 ? 15  SER A O   1 
ATOM   120  C  CB  . SER A 1 15  ? 5.525   -0.649  10.886  1.00 18.47 ? 15  SER A CB  1 
ATOM   121  O  OG  . SER A 1 15  ? 4.575   -1.443  10.272  1.00 17.75 ? 15  SER A OG  1 
ATOM   122  N  N   . SER A 1 16  ? 7.914   1.742   10.086  1.00 21.61 ? 16  SER A N   1 
ATOM   123  C  CA  . SER A 1 16  ? 9.146   2.338   10.623  1.00 24.63 ? 16  SER A CA  1 
ATOM   124  C  C   . SER A 1 16  ? 9.009   3.847   10.857  1.00 25.77 ? 16  SER A C   1 
ATOM   125  O  O   . SER A 1 16  ? 9.797   4.457   11.573  1.00 25.20 ? 16  SER A O   1 
ATOM   126  C  CB  . SER A 1 16  ? 10.335  2.075   9.662   1.00 25.05 ? 16  SER A CB  1 
ATOM   127  O  OG  . SER A 1 16  ? 10.351  2.878   8.457   1.00 23.24 ? 16  SER A OG  1 
ATOM   128  N  N   . THR A 1 17  ? 8.028   4.451   10.217  1.00 25.29 ? 17  THR A N   1 
ATOM   129  C  CA  . THR A 1 17  ? 7.777   5.887   10.355  1.00 28.39 ? 17  THR A CA  1 
ATOM   130  C  C   . THR A 1 17  ? 6.299   6.104   10.637  1.00 25.96 ? 17  THR A C   1 
ATOM   131  O  O   . THR A 1 17  ? 5.464   5.321   10.201  1.00 24.55 ? 17  THR A O   1 
ATOM   132  C  CB  . THR A 1 17  ? 8.182   6.602   9.057   1.00 28.50 ? 17  THR A CB  1 
ATOM   133  O  OG1 . THR A 1 17  ? 7.630   5.896   7.924   1.00 28.85 ? 17  THR A OG1 1 
ATOM   134  C  CG2 . THR A 1 17  ? 9.680   6.608   8.943   1.00 30.49 ? 17  THR A CG2 1 
ATOM   135  N  N   . SER A 1 18  ? 5.981   7.190   11.319  1.00 27.47 ? 18  SER A N   1 
ATOM   136  C  CA  . SER A 1 18  ? 4.577   7.583   11.575  1.00 26.66 ? 18  SER A CA  1 
ATOM   137  C  C   . SER A 1 18  ? 3.861   8.188   10.329  1.00 25.41 ? 18  SER A C   1 
ATOM   138  O  O   . SER A 1 18  ? 2.623   8.173   10.206  1.00 20.88 ? 18  SER A O   1 
ATOM   139  C  CB  . SER A 1 18  ? 4.523   8.554   12.770  1.00 26.52 ? 18  SER A CB  1 
ATOM   140  O  OG  . SER A 1 18  ? 5.212   9.752   12.448  1.00 29.42 ? 18  SER A OG  1 
ATOM   141  N  N   . ALA A 1 19  ? 4.661   8.743   9.433   1.00 23.81 ? 19  ALA A N   1 
ATOM   142  C  CA  . ALA A 1 19  ? 4.161   9.444   8.260   1.00 28.01 ? 19  ALA A CA  1 
ATOM   143  C  C   . ALA A 1 19  ? 5.348   9.748   7.344   1.00 29.18 ? 19  ALA A C   1 
ATOM   144  O  O   . ALA A 1 19  ? 6.494   9.797   7.819   1.00 27.62 ? 19  ALA A O   1 
ATOM   145  C  CB  . ALA A 1 19  ? 3.437   10.745  8.659   1.00 29.72 ? 19  ALA A CB  1 
ATOM   146  N  N   . ALA A 1 20  ? 5.047   9.934   6.046   1.00 29.32 ? 20  ALA A N   1 
ATOM   147  C  CA  . ALA A 1 20  ? 5.992   10.405  5.058   1.00 30.13 ? 20  ALA A CA  1 
ATOM   148  C  C   . ALA A 1 20  ? 6.698   11.682  5.525   1.00 34.62 ? 20  ALA A C   1 
ATOM   149  O  O   . ALA A 1 20  ? 6.102   12.667  5.962   1.00 34.26 ? 20  ALA A O   1 
ATOM   150  C  CB  . ALA A 1 20  ? 5.348   10.648  3.698   1.00 28.85 ? 20  ALA A CB  1 
ATOM   151  N  N   . SER A 1 21  ? 7.998   11.614  5.342   1.00 38.83 ? 21  SER A N   1 
ATOM   152  C  CA  . SER A 1 21  ? 8.985   12.495  5.926   1.00 42.79 ? 21  SER A CA  1 
ATOM   153  C  C   . SER A 1 21  ? 9.140   13.834  5.175   1.00 39.78 ? 21  SER A C   1 
ATOM   154  O  O   . SER A 1 21  ? 9.477   14.903  5.758   1.00 43.17 ? 21  SER A O   1 
ATOM   155  C  CB  . SER A 1 21  ? 10.300  11.698  5.823   1.00 45.52 ? 21  SER A CB  1 
ATOM   156  O  OG  . SER A 1 21  ? 10.138  10.650  4.844   1.00 39.84 ? 21  SER A OG  1 
ATOM   157  N  N   . SER A 1 22  ? 8.878   13.743  3.876   1.00 30.49 ? 22  SER A N   1 
ATOM   158  C  CA  . SER A 1 22  ? 9.503   14.593  2.900   1.00 26.75 ? 22  SER A CA  1 
ATOM   159  C  C   . SER A 1 22  ? 8.920   14.233  1.555   1.00 24.25 ? 22  SER A C   1 
ATOM   160  O  O   . SER A 1 22  ? 8.409   13.128  1.335   1.00 20.16 ? 22  SER A O   1 
ATOM   161  C  CB  . SER A 1 22  ? 11.031  14.423  2.885   1.00 27.18 ? 22  SER A CB  1 
ATOM   162  O  OG  . SER A 1 22  ? 11.537  13.829  1.713   1.00 28.68 ? 22  SER A OG  1 
ATOM   163  N  N   . SER A 1 23  ? 9.051   15.179  0.648   1.00 21.00 ? 23  SER A N   1 
ATOM   164  C  CA  . SER A 1 23  ? 8.620   14.973  -0.699  1.00 20.29 ? 23  SER A CA  1 
ATOM   165  C  C   . SER A 1 23  ? 9.382   13.890  -1.418  1.00 18.19 ? 23  SER A C   1 
ATOM   166  O  O   . SER A 1 23  ? 8.943   13.477  -2.476  1.00 17.10 ? 23  SER A O   1 
ATOM   167  C  CB  . SER A 1 23  ? 8.757   16.294  -1.438  1.00 21.92 ? 23  SER A CB  1 
ATOM   168  O  OG  . SER A 1 23  ? 10.123  16.647  -1.548  1.00 18.09 ? 23  SER A OG  1 
ATOM   169  N  N   . ASN A 1 24  ? 10.532  13.456  -0.886  1.00 16.50 ? 24  ASN A N   1 
ATOM   170  C  CA  . ASN A 1 24  ? 11.298  12.380  -1.531  1.00 17.20 ? 24  ASN A CA  1 
ATOM   171  C  C   . ASN A 1 24  ? 11.043  10.977  -0.961  1.00 15.92 ? 24  ASN A C   1 
ATOM   172  O  O   . ASN A 1 24  ? 11.645  10.027  -1.433  1.00 14.83 ? 24  ASN A O   1 
ATOM   173  C  CB  . ASN A 1 24  ? 12.816  12.689  -1.439  1.00 19.54 ? 24  ASN A CB  1 
ATOM   174  C  CG  . ASN A 1 24  ? 13.214  13.886  -2.291  1.00 19.65 ? 24  ASN A CG  1 
ATOM   175  O  OD1 . ASN A 1 24  ? 12.856  13.982  -3.455  1.00 18.93 ? 24  ASN A OD1 1 
ATOM   176  N  ND2 . ASN A 1 24  ? 13.940  14.792  -1.714  1.00 21.21 ? 24  ASN A ND2 1 
ATOM   177  N  N   . TYR A 1 25  ? 10.128  10.862  0.013   1.00 14.63 ? 25  TYR A N   1 
ATOM   178  C  CA  . TYR A 1 25  ? 9.723   9.572   0.591   1.00 14.31 ? 25  TYR A CA  1 
ATOM   179  C  C   . TYR A 1 25  ? 9.390   8.537   -0.498  1.00 14.01 ? 25  TYR A C   1 
ATOM   180  O  O   . TYR A 1 25  ? 9.939   7.447   -0.494  1.00 14.15 ? 25  TYR A O   1 
ATOM   181  C  CB  . TYR A 1 25  ? 8.507   9.753   1.523   1.00 13.88 ? 25  TYR A CB  1 
ATOM   182  C  CG  . TYR A 1 25  ? 7.959   8.408   2.100   1.00 14.47 ? 25  TYR A CG  1 
ATOM   183  C  CD1 . TYR A 1 25  ? 7.037   7.633   1.369   1.00 14.15 ? 25  TYR A CD1 1 
ATOM   184  C  CD2 . TYR A 1 25  ? 8.390   7.905   3.345   1.00 15.19 ? 25  TYR A CD2 1 
ATOM   185  C  CE1 . TYR A 1 25  ? 6.529   6.428   1.849   1.00 14.56 ? 25  TYR A CE1 1 
ATOM   186  C  CE2 . TYR A 1 25  ? 7.857   6.687   3.848   1.00 15.42 ? 25  TYR A CE2 1 
ATOM   187  C  CZ  . TYR A 1 25  ? 6.925   5.948   3.071   1.00 14.97 ? 25  TYR A CZ  1 
ATOM   188  O  OH  . TYR A 1 25  ? 6.358   4.744   3.483   1.00 15.48 ? 25  TYR A OH  1 
ATOM   189  N  N   . CYS A 1 26  ? 8.507   8.889   -1.434  1.00 13.19 ? 26  CYS A N   1 
ATOM   190  C  CA  . CYS A 1 26  ? 8.103   7.952   -2.482  1.00 13.80 ? 26  CYS A CA  1 
ATOM   191  C  C   . CYS A 1 26  ? 9.242   7.516   -3.440  1.00 15.13 ? 26  CYS A C   1 
ATOM   192  O  O   . CYS A 1 26  ? 9.353   6.343   -3.758  1.00 15.72 ? 26  CYS A O   1 
ATOM   193  C  CB  . CYS A 1 26  ? 6.854   8.443   -3.245  1.00 13.61 ? 26  CYS A CB  1 
ATOM   194  S  SG  . CYS A 1 26  ? 5.340   8.368   -2.214  1.00 13.43 ? 26  CYS A SG  1 
ATOM   195  N  N   . ASN A 1 27  ? 10.119  8.421   -3.849  1.00 16.31 ? 27  ASN A N   1 
ATOM   196  C  CA  . ASN A 1 27  ? 11.285  8.011   -4.643  1.00 16.41 ? 27  ASN A CA  1 
ATOM   197  C  C   . ASN A 1 27  ? 12.115  6.989   -3.920  1.00 16.10 ? 27  ASN A C   1 
ATOM   198  O  O   . ASN A 1 27  ? 12.418  5.963   -4.490  1.00 16.65 ? 27  ASN A O   1 
ATOM   199  C  CB  . ASN A 1 27  ? 12.196  9.205   -5.000  1.00 17.18 ? 27  ASN A CB  1 
ATOM   200  C  CG  . ASN A 1 27  ? 11.495  10.240  -5.854  1.00 17.82 ? 27  ASN A CG  1 
ATOM   201  O  OD1 . ASN A 1 27  ? 11.802  11.457  -5.791  1.00 24.00 ? 27  ASN A OD1 1 
ATOM   202  N  ND2 . ASN A 1 27  ? 10.585  9.797   -6.649  1.00 15.14 ? 27  ASN A ND2 1 
ATOM   203  N  N   . GLN A 1 28  ? 12.399  7.234   -2.652  1.00 16.52 ? 28  GLN A N   1 
ATOM   204  C  CA  . GLN A 1 28  ? 13.206  6.315   -1.871  1.00 19.07 ? 28  GLN A CA  1 
ATOM   205  C  C   . GLN A 1 28  ? 12.543  4.963   -1.630  1.00 17.97 ? 28  GLN A C   1 
ATOM   206  O  O   . GLN A 1 28  ? 13.168  3.935   -1.803  1.00 16.60 ? 28  GLN A O   1 
ATOM   207  C  CB  . GLN A 1 28  ? 13.608  6.950   -0.554  1.00 20.66 ? 28  GLN A CB  1 
ATOM   208  C  CG  . GLN A 1 28  ? 14.567  8.114   -0.794  1.00 24.29 ? 28  GLN A CG  1 
ATOM   209  C  CD  . GLN A 1 28  ? 14.774  8.896   0.457   1.00 27.14 ? 28  GLN A CD  1 
ATOM   210  O  OE1 . GLN A 1 28  ? 14.767  8.324   1.534   1.00 29.81 ? 28  GLN A OE1 1 
ATOM   211  N  NE2 . GLN A 1 28  ? 14.962  10.215  0.339   1.00 32.09 ? 28  GLN A NE2 1 
ATOM   212  N  N   . MET A 1 29  ? 11.269  4.978   -1.252  1.00 18.68 ? 29  MET A N   1 
ATOM   213  C  CA  . MET A 1 29  ? 10.557  3.728   -0.903  1.00 17.21 ? 29  MET A CA  1 
ATOM   214  C  C   . MET A 1 29  ? 10.218  2.895   -2.111  1.00 16.45 ? 29  MET A C   1 
ATOM   215  O  O   . MET A 1 29  ? 10.303  1.668   -2.056  1.00 15.59 ? 29  MET A O   1 
ATOM   216  C  CB  . MET A 1 29  ? 9.299   4.038   -0.117  1.00 19.52 ? 29  MET A CB  1 
ATOM   217  C  CG  . MET A 1 29  ? 9.608   4.642   1.225   1.00 21.32 ? 29  MET A CG  1 
ATOM   218  S  SD  . MET A 1 29  ? 10.458  3.498   2.366   1.00 24.79 ? 29  MET A SD  1 
ATOM   219  C  CE  . MET A 1 29  ? 9.106   2.383   2.608   1.00 25.83 ? 29  MET A CE  1 
ATOM   220  N  N   . MET A 1 30  ? 9.852   3.540   -3.209  1.00 15.13 ? 30  MET A N   1 
ATOM   221  C  CA  . MET A 1 30  ? 9.508   2.826   -4.396  1.00 16.54 ? 30  MET A CA  1 
ATOM   222  C  C   . MET A 1 30  ? 10.727  2.075   -4.934  1.00 18.00 ? 30  MET A C   1 
ATOM   223  O  O   . MET A 1 30  ? 10.628  0.956   -5.463  1.00 17.86 ? 30  MET A O   1 
ATOM   224  C  CB  . MET A 1 30  ? 8.909   3.751   -5.452  1.00 16.42 ? 30  MET A CB  1 
ATOM   225  C  CG  . MET A 1 30  ? 7.532   4.317   -5.107  1.00 16.41 ? 30  MET A CG  1 
ATOM   226  S  SD  . MET A 1 30  ? 6.267   3.075   -4.816  1.00 17.26 ? 30  MET A SD  1 
ATOM   227  C  CE  . MET A 1 30  ? 6.061   2.532   -6.530  1.00 17.48 ? 30  MET A CE  1 
ATOM   228  N  N   . LYS A 1 31  ? 11.886  2.693   -4.781  1.00 18.98 ? 31  LYS A N   1 
ATOM   229  C  CA  . LYS A 1 31  ? 13.119  2.053   -5.147  1.00 19.86 ? 31  LYS A CA  1 
ATOM   230  C  C   . LYS A 1 31  ? 13.526  0.964   -4.136  1.00 18.53 ? 31  LYS A C   1 
ATOM   231  O  O   . LYS A 1 31  ? 13.886  -0.156  -4.519  1.00 17.06 ? 31  LYS A O   1 
ATOM   232  C  CB  . LYS A 1 31  ? 14.203  3.116   -5.236  1.00 22.90 ? 31  LYS A CB  1 
ATOM   233  C  CG  . LYS A 1 31  ? 15.443  2.617   -5.928  1.00 25.73 ? 31  LYS A CG  1 
ATOM   234  C  CD  . LYS A 1 31  ? 16.596  3.582   -5.734  1.00 30.13 ? 31  LYS A CD  1 
ATOM   235  C  CE  . LYS A 1 31  ? 16.371  4.881   -6.498  1.00 33.55 ? 31  LYS A CE  1 
ATOM   236  N  NZ  . LYS A 1 31  ? 16.615  6.032   -5.586  1.00 40.97 ? 31  LYS A NZ  1 
ATOM   237  N  N   . SER A 1 32  ? 13.499  1.310   -2.862  1.00 18.29 ? 32  SER A N   1 
ATOM   238  C  CA  . SER A 1 32  ? 13.962  0.378   -1.834  1.00 19.15 ? 32  SER A CA  1 
ATOM   239  C  C   . SER A 1 32  ? 13.110  -0.881  -1.702  1.00 19.30 ? 32  SER A C   1 
ATOM   240  O  O   . SER A 1 32  ? 13.657  -1.931  -1.356  1.00 18.04 ? 32  SER A O   1 
ATOM   241  C  CB  . SER A 1 32  ? 14.176  1.035   -0.479  1.00 20.50 ? 32  SER A CB  1 
ATOM   242  O  OG  . SER A 1 32  ? 12.976  1.494   0.101   1.00 21.98 ? 32  SER A OG  1 
ATOM   243  N  N   . ARG A 1 33  ? 11.804  -0.810  -2.027  1.00 17.82 ? 33  ARG A N   1 
ATOM   244  C  CA  . ARG A 1 33  ? 10.925  -1.984  -1.976  1.00 17.65 ? 33  ARG A CA  1 
ATOM   245  C  C   . ARG A 1 33  ? 10.866  -2.716  -3.300  1.00 19.04 ? 33  ARG A C   1 
ATOM   246  O  O   . ARG A 1 33  ? 9.992   -3.579  -3.491  1.00 18.70 ? 33  ARG A O   1 
ATOM   247  C  CB  . ARG A 1 33  ? 9.508   -1.598  -1.507  1.00 16.13 ? 33  ARG A CB  1 
ATOM   248  C  CG  . ARG A 1 33  ? 9.507   -1.052  -0.123  1.00 15.10 ? 33  ARG A CG  1 
ATOM   249  C  CD  . ARG A 1 33  ? 9.962   -2.121  0.897   1.00 14.40 ? 33  ARG A CD  1 
ATOM   250  N  NE  . ARG A 1 33  ? 9.860   -1.615  2.247   1.00 14.41 ? 33  ARG A NE  1 
ATOM   251  C  CZ  . ARG A 1 33  ? 8.747   -1.666  3.008   1.00 14.87 ? 33  ARG A CZ  1 
ATOM   252  N  NH1 . ARG A 1 33  ? 7.641   -2.291  2.601   1.00 14.19 ? 33  ARG A NH1 1 
ATOM   253  N  NH2 . ARG A 1 33  ? 8.774   -1.161  4.239   1.00 14.42 ? 33  ARG A NH2 1 
ATOM   254  N  N   . ASN A 1 34  ? 11.791  -2.379  -4.211  1.00 19.42 ? 34  ASN A N   1 
ATOM   255  C  CA  . ASN A 1 34  ? 11.929  -3.042  -5.511  1.00 20.13 ? 34  ASN A CA  1 
ATOM   256  C  C   . ASN A 1 34  ? 10.746  -2.888  -6.412  1.00 20.16 ? 34  ASN A C   1 
ATOM   257  O  O   . ASN A 1 34  ? 10.351  -3.810  -7.092  1.00 20.39 ? 34  ASN A O   1 
ATOM   258  C  CB  . ASN A 1 34  ? 12.379  -4.484  -5.339  1.00 20.60 ? 34  ASN A CB  1 
ATOM   259  C  CG  . ASN A 1 34  ? 13.794  -4.537  -4.816  1.00 23.41 ? 34  ASN A CG  1 
ATOM   260  O  OD1 . ASN A 1 34  ? 14.591  -3.618  -5.119  1.00 24.86 ? 34  ASN A OD1 1 
ATOM   261  N  ND2 . ASN A 1 34  ? 14.126  -5.562  -4.015  1.00 23.86 ? 34  ASN A ND2 1 
ATOM   262  N  N   . LEU A 1 35  ? 10.163  -1.689  -6.363  1.00 21.48 ? 35  LEU A N   1 
ATOM   263  C  CA  . LEU A 1 35  ? 8.980   -1.407  -7.119  1.00 21.38 ? 35  LEU A CA  1 
ATOM   264  C  C   . LEU A 1 35  ? 9.305   -0.647  -8.365  1.00 21.81 ? 35  LEU A C   1 
ATOM   265  O  O   . LEU A 1 35  ? 8.414   -0.421  -9.150  1.00 20.68 ? 35  LEU A O   1 
ATOM   266  C  CB  . LEU A 1 35  ? 7.954   -0.687  -6.244  1.00 21.41 ? 35  LEU A CB  1 
ATOM   267  C  CG  . LEU A 1 35  ? 7.544   -1.471  -4.981  1.00 20.75 ? 35  LEU A CG  1 
ATOM   268  C  CD1 . LEU A 1 35  ? 6.602   -0.671  -4.118  1.00 21.58 ? 35  LEU A CD1 1 
ATOM   269  C  CD2 . LEU A 1 35  ? 6.971   -2.837  -5.300  1.00 19.66 ? 35  LEU A CD2 1 
ATOM   270  N  N   . THR A 1 36  ? 10.592  -0.333  -8.588  1.00 26.71 ? 36  THR A N   1 
ATOM   271  C  CA  . THR A 1 36  ? 11.018  0.333   -9.817  1.00 29.56 ? 36  THR A CA  1 
ATOM   272  C  C   . THR A 1 36  ? 12.009  -0.504  -10.665 1.00 36.35 ? 36  THR A C   1 
ATOM   273  O  O   . THR A 1 36  ? 12.754  0.050   -11.469 1.00 32.70 ? 36  THR A O   1 
ATOM   274  C  CB  . THR A 1 36  ? 11.612  1.710   -9.507  1.00 28.77 ? 36  THR A CB  1 
ATOM   275  O  OG1 . THR A 1 36  ? 12.884  1.584   -8.868  1.00 26.28 ? 36  THR A OG1 1 
ATOM   276  C  CG2 . THR A 1 36  ? 10.651  2.576   -8.629  1.00 29.06 ? 36  THR A CG2 1 
ATOM   277  N  N   . LYS A 1 37  ? 11.964  -1.828  -10.515 1.00 38.56 ? 37  LYS A N   1 
ATOM   278  C  CA  . LYS A 1 37  ? 13.003  -2.715  -11.040 1.00 43.33 ? 37  LYS A CA  1 
ATOM   279  C  C   . LYS A 1 37  ? 13.094  -2.753  -12.570 1.00 41.56 ? 37  LYS A C   1 
ATOM   280  O  O   . LYS A 1 37  ? 14.142  -2.410  -13.142 1.00 45.60 ? 37  LYS A O   1 
ATOM   281  C  CB  . LYS A 1 37  ? 12.820  -4.128  -10.498 1.00 48.32 ? 37  LYS A CB  1 
ATOM   282  C  CG  . LYS A 1 37  ? 14.088  -4.980  -10.566 1.00 55.34 ? 37  LYS A CG  1 
ATOM   283  C  CD  . LYS A 1 37  ? 14.776  -5.172  -9.217  1.00 59.71 ? 37  LYS A CD  1 
ATOM   284  C  CE  . LYS A 1 37  ? 13.993  -6.103  -8.295  1.00 65.11 ? 37  LYS A CE  1 
ATOM   285  N  NZ  . LYS A 1 37  ? 13.897  -7.516  -8.741  1.00 68.21 ? 37  LYS A NZ  1 
ATOM   286  N  N   . ASP A 1 38  ? 12.023  -3.181  -13.221 1.00 41.55 ? 38  ASP A N   1 
ATOM   287  C  CA  . ASP A 1 38  ? 11.973  -3.273  -14.686 1.00 46.41 ? 38  ASP A CA  1 
ATOM   288  C  C   . ASP A 1 38  ? 11.119  -2.173  -15.299 1.00 45.83 ? 38  ASP A C   1 
ATOM   289  O  O   . ASP A 1 38  ? 11.229  -1.853  -16.499 1.00 44.66 ? 38  ASP A O   1 
ATOM   290  C  CB  . ASP A 1 38  ? 11.439  -4.645  -15.096 1.00 52.42 ? 38  ASP A CB  1 
ATOM   291  C  CG  . ASP A 1 38  ? 12.374  -5.766  -14.695 1.00 56.92 ? 38  ASP A CG  1 
ATOM   292  O  OD1 . ASP A 1 38  ? 13.530  -5.747  -15.173 1.00 61.86 ? 38  ASP A OD1 1 
ATOM   293  O  OD2 . ASP A 1 38  ? 11.977  -6.639  -13.883 1.00 62.94 ? 38  ASP A OD2 1 
ATOM   294  N  N   . ARG A 1 39  ? 10.253  -1.593  -14.478 1.00 39.03 ? 39  ARG A N   1 
ATOM   295  C  CA  . ARG A 1 39  ? 9.416   -0.515  -14.926 1.00 34.57 ? 39  ARG A CA  1 
ATOM   296  C  C   . ARG A 1 39  ? 9.100   0.299   -13.666 1.00 29.00 ? 39  ARG A C   1 
ATOM   297  O  O   . ARG A 1 39  ? 9.409   -0.150  -12.547 1.00 27.67 ? 39  ARG A O   1 
ATOM   298  C  CB  . ARG A 1 39  ? 8.191   -1.107  -15.651 1.00 38.20 ? 39  ARG A CB  1 
ATOM   299  C  CG  . ARG A 1 39  ? 6.884   -1.097  -14.871 1.00 47.42 ? 39  ARG A CG  1 
ATOM   300  C  CD  . ARG A 1 39  ? 6.105   -2.409  -14.890 1.00 50.49 ? 39  ARG A CD  1 
ATOM   301  N  NE  . ARG A 1 39  ? 4.753   -2.212  -14.316 1.00 51.26 ? 39  ARG A NE  1 
ATOM   302  C  CZ  . ARG A 1 39  ? 4.463   -2.036  -13.023 1.00 44.06 ? 39  ARG A CZ  1 
ATOM   303  N  NH1 . ARG A 1 39  ? 5.412   -2.031  -12.093 1.00 47.05 ? 39  ARG A NH1 1 
ATOM   304  N  NH2 . ARG A 1 39  ? 3.202   -1.872  -12.647 1.00 47.82 ? 39  ARG A NH2 1 
ATOM   305  N  N   . CYS A 1 40  ? 8.530   1.491   -13.844 1.00 24.66 ? 40  CYS A N   1 
ATOM   306  C  CA  . CYS A 1 40  ? 8.117   2.309   -12.711 1.00 23.84 ? 40  CYS A CA  1 
ATOM   307  C  C   . CYS A 1 40  ? 6.720   1.833   -12.375 1.00 22.60 ? 40  CYS A C   1 
ATOM   308  O  O   . CYS A 1 40  ? 5.813   1.930   -13.228 1.00 24.18 ? 40  CYS A O   1 
ATOM   309  C  CB  . CYS A 1 40  ? 8.101   3.800   -13.044 1.00 23.42 ? 40  CYS A CB  1 
ATOM   310  S  SG  . CYS A 1 40  ? 9.639   4.405   -13.756 1.00 24.93 ? 40  CYS A SG  1 
ATOM   311  N  N   . LYS A 1 41  ? 6.531   1.307   -11.161 1.00 20.07 ? 41  LYS A N   1 
ATOM   312  C  CA  . LYS A 1 41  ? 5.175   0.937   -10.732 1.00 17.91 ? 41  LYS A CA  1 
ATOM   313  C  C   . LYS A 1 41  ? 4.368   2.260   -10.666 1.00 18.00 ? 41  LYS A C   1 
ATOM   314  O  O   . LYS A 1 41  ? 4.794   3.162   -10.010 1.00 18.80 ? 41  LYS A O   1 
ATOM   315  C  CB  . LYS A 1 41  ? 5.183   0.216   -9.384  1.00 17.74 ? 41  LYS A CB  1 
ATOM   316  C  CG  . LYS A 1 41  ? 3.882   -0.544  -9.115  1.00 17.05 ? 41  LYS A CG  1 
ATOM   317  C  CD  . LYS A 1 41  ? 3.770   -1.057  -7.687  1.00 17.70 ? 41  LYS A CD  1 
ATOM   318  C  CE  . LYS A 1 41  ? 2.393   -1.713  -7.542  1.00 18.08 ? 41  LYS A CE  1 
ATOM   319  N  NZ  . LYS A 1 41  ? 1.589   -1.217  -6.389  1.00 20.04 ? 41  LYS A NZ  1 
ATOM   320  N  N   . PRO A 1 42  ? 3.254   2.386   -11.402 1.00 17.98 ? 42  PRO A N   1 
ATOM   321  C  CA  . PRO A 1 42  ? 2.696   3.749   -11.509 1.00 19.40 ? 42  PRO A CA  1 
ATOM   322  C  C   . PRO A 1 42  ? 2.119   4.348   -10.182 1.00 17.98 ? 42  PRO A C   1 
ATOM   323  O  O   . PRO A 1 42  ? 2.294   5.523   -9.931  1.00 15.98 ? 42  PRO A O   1 
ATOM   324  C  CB  . PRO A 1 42  ? 1.602   3.628   -12.580 1.00 19.34 ? 42  PRO A CB  1 
ATOM   325  C  CG  . PRO A 1 42  ? 1.777   2.296   -13.236 1.00 22.01 ? 42  PRO A CG  1 
ATOM   326  C  CD  . PRO A 1 42  ? 2.710   1.448   -12.404 1.00 20.96 ? 42  PRO A CD  1 
ATOM   327  N  N   . VAL A 1 43  ? 1.432   3.511   -9.402  1.00 16.35 ? 43  VAL A N   1 
ATOM   328  C  CA  . VAL A 1 43  ? 0.703   3.916   -8.208  1.00 16.37 ? 43  VAL A CA  1 
ATOM   329  C  C   . VAL A 1 43  ? 0.913   2.851   -7.125  1.00 15.34 ? 43  VAL A C   1 
ATOM   330  O  O   . VAL A 1 43  ? 0.821   1.673   -7.401  1.00 16.08 ? 43  VAL A O   1 
ATOM   331  C  CB  . VAL A 1 43  ? -0.793  4.086   -8.500  1.00 16.88 ? 43  VAL A CB  1 
ATOM   332  C  CG1 . VAL A 1 43  ? -1.577  4.387   -7.231  1.00 17.95 ? 43  VAL A CG1 1 
ATOM   333  C  CG2 . VAL A 1 43  ? -1.029  5.182   -9.550  1.00 17.39 ? 43  VAL A CG2 1 
ATOM   334  N  N   . ASN A 1 44  ? 1.245   3.287   -5.932  1.00 14.52 ? 44  ASN A N   1 
ATOM   335  C  CA  . ASN A 1 44  ? 1.423   2.440   -4.770  1.00 14.68 ? 44  ASN A CA  1 
ATOM   336  C  C   . ASN A 1 44  ? 1.211   3.196   -3.472  1.00 14.88 ? 44  ASN A C   1 
ATOM   337  O  O   . ASN A 1 44  ? 1.716   4.308   -3.291  1.00 16.16 ? 44  ASN A O   1 
ATOM   338  C  CB  . ASN A 1 44  ? 2.827   1.801   -4.805  1.00 15.54 ? 44  ASN A CB  1 
ATOM   339  C  CG  . ASN A 1 44  ? 2.970   0.613   -3.833  1.00 15.16 ? 44  ASN A CG  1 
ATOM   340  O  OD1 . ASN A 1 44  ? 2.399   -0.476  -4.049  1.00 16.19 ? 44  ASN A OD1 1 
ATOM   341  N  ND2 . ASN A 1 44  ? 3.708   0.824   -2.762  1.00 13.71 ? 44  ASN A ND2 1 
ATOM   342  N  N   . THR A 1 45  ? 0.488   2.570   -2.558  1.00 14.56 ? 45  THR A N   1 
ATOM   343  C  CA  . THR A 1 45  ? 0.216   3.099   -1.262  1.00 14.78 ? 45  THR A CA  1 
ATOM   344  C  C   . THR A 1 45  ? 0.962   2.358   -0.168  1.00 14.41 ? 45  THR A C   1 
ATOM   345  O  O   . THR A 1 45  ? 0.895   1.122   -0.133  1.00 13.63 ? 45  THR A O   1 
ATOM   346  C  CB  . THR A 1 45  ? -1.308  2.957   -0.959  1.00 14.55 ? 45  THR A CB  1 
ATOM   347  O  OG1 . THR A 1 45  ? -2.014  3.655   -1.968  1.00 15.38 ? 45  THR A OG1 1 
ATOM   348  C  CG2 . THR A 1 45  ? -1.669  3.574   0.362   1.00 14.76 ? 45  THR A CG2 1 
ATOM   349  N  N   . PHE A 1 46  ? 1.585   3.134   0.748   1.00 13.00 ? 46  PHE A N   1 
ATOM   350  C  CA  . PHE A 1 46  ? 2.236   2.624   1.970   1.00 12.80 ? 46  PHE A CA  1 
ATOM   351  C  C   . PHE A 1 46  ? 1.456   2.947   3.230   1.00 12.61 ? 46  PHE A C   1 
ATOM   352  O  O   . PHE A 1 46  ? 0.944   4.033   3.382   1.00 12.69 ? 46  PHE A O   1 
ATOM   353  C  CB  . PHE A 1 46  ? 3.656   3.162   2.146   1.00 12.98 ? 46  PHE A CB  1 
ATOM   354  C  CG  . PHE A 1 46  ? 4.604   2.665   1.097   1.00 13.57 ? 46  PHE A CG  1 
ATOM   355  C  CD1 . PHE A 1 46  ? 5.123   1.381   1.179   1.00 13.81 ? 46  PHE A CD1 1 
ATOM   356  C  CD2 . PHE A 1 46  ? 4.987   3.483   0.045   1.00 14.19 ? 46  PHE A CD2 1 
ATOM   357  C  CE1 . PHE A 1 46  ? 6.005   0.926   0.210   1.00 14.88 ? 46  PHE A CE1 1 
ATOM   358  C  CE2 . PHE A 1 46  ? 5.849   3.025   -0.949  1.00 14.36 ? 46  PHE A CE2 1 
ATOM   359  C  CZ  . PHE A 1 46  ? 6.345   1.733   -0.874  1.00 13.33 ? 46  PHE A CZ  1 
ATOM   360  N  N   . VAL A 1 47  ? 1.333   1.978   4.115   1.00 12.64 ? 47  VAL A N   1 
ATOM   361  C  CA  . VAL A 1 47  ? 0.544   2.150   5.353   1.00 12.97 ? 47  VAL A CA  1 
ATOM   362  C  C   . VAL A 1 47  ? 1.496   2.244   6.537   1.00 11.98 ? 47  VAL A C   1 
ATOM   363  O  O   . VAL A 1 47  ? 2.328   1.355   6.729   1.00 11.30 ? 47  VAL A O   1 
ATOM   364  C  CB  . VAL A 1 47  ? -0.479  1.020   5.575   1.00 12.82 ? 47  VAL A CB  1 
ATOM   365  C  CG1 . VAL A 1 47  ? -1.325  1.297   6.810   1.00 13.43 ? 47  VAL A CG1 1 
ATOM   366  C  CG2 . VAL A 1 47  ? -1.381  0.891   4.367   1.00 13.91 ? 47  VAL A CG2 1 
ATOM   367  N  N   . HIS A 1 48  ? 1.351   3.312   7.320   1.00 12.81 ? 48  HIS A N   1 
ATOM   368  C  CA  . HIS A 1 48  ? 2.238   3.589   8.450   1.00 13.76 ? 48  HIS A CA  1 
ATOM   369  C  C   . HIS A 1 48  ? 1.532   3.218   9.697   1.00 12.63 ? 48  HIS A C   1 
ATOM   370  O  O   . HIS A 1 48  ? 1.152   4.080   10.496  1.00 14.53 ? 48  HIS A O   1 
ATOM   371  C  CB  . HIS A 1 48  ? 2.641   5.037   8.547   1.00 15.83 ? 48  HIS A CB  1 
ATOM   372  C  CG  . HIS A 1 48  ? 3.161   5.605   7.276   1.00 17.99 ? 48  HIS A CG  1 
ATOM   373  N  ND1 . HIS A 1 48  ? 4.455   5.413   6.855   1.00 20.45 ? 48  HIS A ND1 1 
ATOM   374  C  CD2 . HIS A 1 48  ? 2.558   6.346   6.323   1.00 18.51 ? 48  HIS A CD2 1 
ATOM   375  C  CE1 . HIS A 1 48  ? 4.629   6.036   5.704   1.00 21.18 ? 48  HIS A CE1 1 
ATOM   376  N  NE2 . HIS A 1 48  ? 3.490   6.598   5.357   1.00 19.31 ? 48  HIS A NE2 1 
ATOM   377  N  N   . GLU A 1 49  ? 1.385   1.932   9.881   1.00 12.10 ? 49  GLU A N   1 
ATOM   378  C  CA  . GLU A 1 49  ? 0.774   1.335   11.079  1.00 12.09 ? 49  GLU A CA  1 
ATOM   379  C  C   . GLU A 1 49  ? 1.468   0.004   11.315  1.00 11.67 ? 49  GLU A C   1 
ATOM   380  O  O   . GLU A 1 49  ? 2.178   -0.469  10.453  1.00 12.05 ? 49  GLU A O   1 
ATOM   381  C  CB  . GLU A 1 49  ? -0.729  1.081   10.840  1.00 11.61 ? 49  GLU A CB  1 
ATOM   382  C  CG  . GLU A 1 49  ? -1.580  2.304   10.515  1.00 11.27 ? 49  GLU A CG  1 
ATOM   383  C  CD  . GLU A 1 49  ? -1.643  3.393   11.590  1.00 11.87 ? 49  GLU A CD  1 
ATOM   384  O  OE1 . GLU A 1 49  ? -1.256  3.131   12.773  1.00 10.60 ? 49  GLU A OE1 1 
ATOM   385  O  OE2 . GLU A 1 49  ? -2.040  4.560   11.254  1.00 10.30 ? 49  GLU A OE2 1 
ATOM   386  N  N   . SER A 1 50  ? 1.249   -0.626  12.461  1.00 11.40 ? 50  SER A N   1 
ATOM   387  C  CA  . SER A 1 50  ? 1.873   -1.894  12.694  1.00 11.47 ? 50  SER A CA  1 
ATOM   388  C  C   . SER A 1 50  ? 1.278   -2.911  11.696  1.00 11.78 ? 50  SER A C   1 
ATOM   389  O  O   . SER A 1 50  ? 0.122   -2.754  11.186  1.00 12.02 ? 50  SER A O   1 
ATOM   390  C  CB  . SER A 1 50  ? 1.684   -2.354  14.154  1.00 11.24 ? 50  SER A CB  1 
ATOM   391  O  OG  . SER A 1 50  ? 0.324   -2.609  14.395  1.00 10.48 ? 50  SER A OG  1 
ATOM   392  N  N   . LEU A 1 51  ? 2.043   -3.983  11.475  1.00 11.48 ? 51  LEU A N   1 
ATOM   393  C  CA  . LEU A 1 51  ? 1.576   -5.069  10.692  1.00 11.73 ? 51  LEU A CA  1 
ATOM   394  C  C   . LEU A 1 51  ? 0.400   -5.746  11.367  1.00 12.35 ? 51  LEU A C   1 
ATOM   395  O  O   . LEU A 1 51  ? -0.561  -6.117  10.699  1.00 11.88 ? 51  LEU A O   1 
ATOM   396  C  CB  . LEU A 1 51  ? 2.680   -6.081  10.456  1.00 12.61 ? 51  LEU A CB  1 
ATOM   397  C  CG  . LEU A 1 51  ? 2.327   -7.338  9.692   1.00 13.21 ? 51  LEU A CG  1 
ATOM   398  C  CD1 . LEU A 1 51  ? 1.924   -6.926  8.272   1.00 14.25 ? 51  LEU A CD1 1 
ATOM   399  C  CD2 . LEU A 1 51  ? 3.515   -8.289  9.694   1.00 14.13 ? 51  LEU A CD2 1 
ATOM   400  N  N   . ALA A 1 52  ? 0.453   -5.930  12.680  1.00 12.60 ? 52  ALA A N   1 
ATOM   401  C  CA  . ALA A 1 52  ? -0.729  -6.432  13.381  1.00 13.83 ? 52  ALA A CA  1 
ATOM   402  C  C   . ALA A 1 52  ? -2.023  -5.606  13.137  1.00 14.33 ? 52  ALA A C   1 
ATOM   403  O  O   . ALA A 1 52  ? -3.121  -6.183  12.946  1.00 15.71 ? 52  ALA A O   1 
ATOM   404  C  CB  . ALA A 1 52  ? -0.442  -6.564  14.894  1.00 14.82 ? 52  ALA A CB  1 
ATOM   405  N  N   . ASP A 1 53  ? -1.929  -4.270  13.128  1.00 14.28 ? 53  ASP A N   1 
ATOM   406  C  CA  . ASP A 1 53  ? -3.134  -3.433  12.932  1.00 13.91 ? 53  ASP A CA  1 
ATOM   407  C  C   . ASP A 1 53  ? -3.709  -3.549  11.536  1.00 14.31 ? 53  ASP A C   1 
ATOM   408  O  O   . ASP A 1 53  ? -4.942  -3.558  11.371  1.00 14.90 ? 53  ASP A O   1 
ATOM   409  C  CB  . ASP A 1 53  ? -2.837  -1.945  13.219  1.00 14.30 ? 53  ASP A CB  1 
ATOM   410  C  CG  . ASP A 1 53  ? -2.811  -1.609  14.734  1.00 14.64 ? 53  ASP A CG  1 
ATOM   411  O  OD1 . ASP A 1 53  ? -2.872  -2.514  15.546  1.00 15.32 ? 53  ASP A OD1 1 
ATOM   412  O  OD2 . ASP A 1 53  ? -2.684  -0.430  15.129  1.00 15.86 ? 53  ASP A OD2 1 
ATOM   413  N  N   . VAL A 1 54  ? -2.832  -3.675  10.537  1.00 14.36 ? 54  VAL A N   1 
ATOM   414  C  CA  . VAL A 1 54  ? -3.257  -3.828  9.130   1.00 15.11 ? 54  VAL A CA  1 
ATOM   415  C  C   . VAL A 1 54  ? -3.870  -5.232  8.924   1.00 15.15 ? 54  VAL A C   1 
ATOM   416  O  O   . VAL A 1 54  ? -4.954  -5.354  8.323   1.00 14.69 ? 54  VAL A O   1 
ATOM   417  C  CB  . VAL A 1 54  ? -2.083  -3.518  8.174   1.00 15.49 ? 54  VAL A CB  1 
ATOM   418  C  CG1 . VAL A 1 54  ? -2.452  -3.796  6.706   1.00 16.60 ? 54  VAL A CG1 1 
ATOM   419  C  CG2 . VAL A 1 54  ? -1.651  -2.063  8.343   1.00 14.31 ? 54  VAL A CG2 1 
ATOM   420  N  N   . GLN A 1 55  ? -3.208  -6.271  9.481   1.00 14.33 ? 55  GLN A N   1 
ATOM   421  C  CA  . GLN A 1 55  ? -3.740  -7.617  9.453   1.00 14.44 ? 55  GLN A CA  1 
ATOM   422  C  C   . GLN A 1 55  ? -5.134  -7.725  10.081  1.00 13.68 ? 55  GLN A C   1 
ATOM   423  O  O   . GLN A 1 55  ? -5.984  -8.410  9.550   1.00 12.21 ? 55  GLN A O   1 
ATOM   424  C  CB  . GLN A 1 55  ? -2.773  -8.579  10.156  1.00 14.93 ? 55  GLN A CB  1 
ATOM   425  C  CG  . GLN A 1 55  ? -1.542  -8.886  9.329   1.00 14.42 ? 55  GLN A CG  1 
ATOM   426  C  CD  . GLN A 1 55  ? -0.486  -9.660  10.121  1.00 15.48 ? 55  GLN A CD  1 
ATOM   427  O  OE1 . GLN A 1 55  ? -0.485  -9.652  11.339  1.00 15.25 ? 55  GLN A OE1 1 
ATOM   428  N  NE2 . GLN A 1 55  ? 0.394   -10.310 9.432   1.00 15.62 ? 55  GLN A NE2 1 
ATOM   429  N  N   . ALA A 1 56  ? -5.331  -7.058  11.229  1.00 14.20 ? 56  ALA A N   1 
ATOM   430  C  CA  . ALA A 1 56  ? -6.651  -6.970  11.948  1.00 14.07 ? 56  ALA A CA  1 
ATOM   431  C  C   . ALA A 1 56  ? -7.800  -6.413  11.107  1.00 14.45 ? 56  ALA A C   1 
ATOM   432  O  O   . ALA A 1 56  ? -8.989  -6.708  11.391  1.00 14.55 ? 56  ALA A O   1 
ATOM   433  C  CB  . ALA A 1 56  ? -6.522  -6.143  13.234  1.00 14.27 ? 56  ALA A CB  1 
ATOM   434  N  N   . VAL A 1 57  ? -7.459  -5.628  10.085  1.00 13.37 ? 57  VAL A N   1 
ATOM   435  C  CA  . VAL A 1 57  ? -8.453  -5.119  9.140   1.00 14.58 ? 57  VAL A CA  1 
ATOM   436  C  C   . VAL A 1 57  ? -9.247  -6.257  8.485   1.00 14.75 ? 57  VAL A C   1 
ATOM   437  O  O   . VAL A 1 57  ? -10.424 -6.078  8.168   1.00 14.84 ? 57  VAL A O   1 
ATOM   438  C  CB  . VAL A 1 57  ? -7.849  -4.152  8.102   1.00 14.40 ? 57  VAL A CB  1 
ATOM   439  C  CG1 . VAL A 1 57  ? -8.909  -3.670  7.122   1.00 15.24 ? 57  VAL A CG1 1 
ATOM   440  C  CG2 . VAL A 1 57  ? -7.264  -2.928  8.796   1.00 14.32 ? 57  VAL A CG2 1 
ATOM   441  N  N   . CYS A 1 58  ? -8.634  -7.433  8.315   1.00 15.23 ? 58  CYS A N   1 
ATOM   442  C  CA  . CYS A 1 58  ? -9.319  -8.585  7.730   1.00 14.62 ? 58  CYS A CA  1 
ATOM   443  C  C   . CYS A 1 58  ? -10.484 -9.140  8.570   1.00 14.72 ? 58  CYS A C   1 
ATOM   444  O  O   . CYS A 1 58  ? -11.166 -10.012 8.119   1.00 14.16 ? 58  CYS A O   1 
ATOM   445  C  CB  . CYS A 1 58  ? -8.306  -9.703  7.439   1.00 14.85 ? 58  CYS A CB  1 
ATOM   446  S  SG  . CYS A 1 58  ? -7.046  -9.319  6.182   1.00 14.95 ? 58  CYS A SG  1 
ATOM   447  N  N   . SER A 1 59  ? -10.652 -8.714  9.805   1.00 15.86 ? 59  SER A N   1 
ATOM   448  C  CA  . SER A 1 59  ? -11.863 -9.056  10.595  1.00 18.31 ? 59  SER A CA  1 
ATOM   449  C  C   . SER A 1 59  ? -12.693 -7.794  10.989  1.00 18.06 ? 59  SER A C   1 
ATOM   450  O  O   . SER A 1 59  ? -13.456 -7.840  11.973  1.00 18.27 ? 59  SER A O   1 
ATOM   451  C  CB  . SER A 1 59  ? -11.469 -9.858  11.844  1.00 19.01 ? 59  SER A CB  1 
ATOM   452  O  OG  . SER A 1 59  ? -10.771 -8.996  12.735  1.00 23.86 ? 59  SER A OG  1 
ATOM   453  N  N   . GLN A 1 60  ? -12.562 -6.716  10.193  1.00 15.79 ? 60  GLN A N   1 
ATOM   454  C  CA  . GLN A 1 60  ? -13.321 -5.471  10.340  1.00 15.10 ? 60  GLN A CA  1 
ATOM   455  C  C   . GLN A 1 60  ? -14.469 -5.385  9.300   1.00 14.90 ? 60  GLN A C   1 
ATOM   456  O  O   . GLN A 1 60  ? -15.146 -6.356  9.107   1.00 14.67 ? 60  GLN A O   1 
ATOM   457  C  CB  . GLN A 1 60  ? -12.345 -4.280  10.318  1.00 14.22 ? 60  GLN A CB  1 
ATOM   458  C  CG  . GLN A 1 60  ? -11.438 -4.403  11.529  1.00 14.24 ? 60  GLN A CG  1 
ATOM   459  C  CD  . GLN A 1 60  ? -10.456 -3.294  11.723  1.00 13.50 ? 60  GLN A CD  1 
ATOM   460  O  OE1 . GLN A 1 60  ? -10.523 -2.258  11.077  1.00 12.80 ? 60  GLN A OE1 1 
ATOM   461  N  NE2 . GLN A 1 60  ? -9.528  -3.510  12.631  1.00 13.54 ? 60  GLN A NE2 1 
ATOM   462  N  N   . LYS A 1 61  ? -14.739 -4.241  8.692   1.00 15.50 ? 61  LYS A N   1 
ATOM   463  C  CA  . LYS A 1 61  ? -16.004 -4.090  7.907   1.00 16.21 ? 61  LYS A CA  1 
ATOM   464  C  C   . LYS A 1 61  ? -15.894 -4.761  6.534   1.00 16.90 ? 61  LYS A C   1 
ATOM   465  O  O   . LYS A 1 61  ? -15.078 -4.359  5.698   1.00 15.30 ? 61  LYS A O   1 
ATOM   466  C  CB  . LYS A 1 61  ? -16.344 -2.625  7.727   1.00 15.58 ? 61  LYS A CB  1 
ATOM   467  C  CG  . LYS A 1 61  ? -17.756 -2.395  7.178   1.00 15.98 ? 61  LYS A CG  1 
ATOM   468  C  CD  . LYS A 1 61  ? -18.855 -2.908  8.112   1.00 16.07 ? 61  LYS A CD  1 
ATOM   469  C  CE  . LYS A 1 61  ? -20.204 -2.426  7.594   1.00 16.54 ? 61  LYS A CE  1 
ATOM   470  N  NZ  . LYS A 1 61  ? -21.215 -2.521  8.649   1.00 16.93 ? 61  LYS A NZ  1 
ATOM   471  N  N   . ASN A 1 62  ? -16.684 -5.786  6.300   1.00 16.88 ? 62  ASN A N   1 
ATOM   472  C  CA  . ASN A 1 62  ? -16.656 -6.437  5.007   1.00 17.83 ? 62  ASN A CA  1 
ATOM   473  C  C   . ASN A 1 62  ? -17.357 -5.555  3.976   1.00 20.17 ? 62  ASN A C   1 
ATOM   474  O  O   . ASN A 1 62  ? -18.530 -5.129  4.165   1.00 20.96 ? 62  ASN A O   1 
ATOM   475  C  CB  . ASN A 1 62  ? -17.283 -7.828  5.120   1.00 18.95 ? 62  ASN A CB  1 
ATOM   476  C  CG  . ASN A 1 62  ? -17.300 -8.589  3.799   1.00 20.53 ? 62  ASN A CG  1 
ATOM   477  O  OD1 . ASN A 1 62  ? -18.242 -9.283  3.527   1.00 20.14 ? 62  ASN A OD1 1 
ATOM   478  N  ND2 . ASN A 1 62  ? -16.229 -8.540  3.039   1.00 22.62 ? 62  ASN A ND2 1 
ATOM   479  N  N   . VAL A 1 63  ? -16.611 -5.201  2.930   1.00 19.21 ? 63  VAL A N   1 
ATOM   480  C  CA  . VAL A 1 63  ? -17.092 -4.352  1.826   1.00 19.55 ? 63  VAL A CA  1 
ATOM   481  C  C   . VAL A 1 63  ? -16.705 -4.980  0.462   1.00 20.62 ? 63  VAL A C   1 
ATOM   482  O  O   . VAL A 1 63  ? -15.758 -5.748  0.379   1.00 21.03 ? 63  VAL A O   1 
ATOM   483  C  CB  . VAL A 1 63  ? -16.523 -2.923  1.923   1.00 18.87 ? 63  VAL A CB  1 
ATOM   484  C  CG1 . VAL A 1 63  ? -17.019 -2.213  3.172   1.00 18.14 ? 63  VAL A CG1 1 
ATOM   485  C  CG2 . VAL A 1 63  ? -15.004 -2.881  1.893   1.00 19.85 ? 63  VAL A CG2 1 
ATOM   486  N  N   . ALA A 1 64  ? -17.442 -4.660  -0.598  1.00 21.24 ? 64  ALA A N   1 
ATOM   487  C  CA  . ALA A 1 64  ? -17.085 -5.107  -1.962  1.00 20.22 ? 64  ALA A CA  1 
ATOM   488  C  C   . ALA A 1 64  ? -15.743 -4.501  -2.362  1.00 21.81 ? 64  ALA A C   1 
ATOM   489  O  O   . ALA A 1 64  ? -15.424 -3.303  -2.074  1.00 19.12 ? 64  ALA A O   1 
ATOM   490  C  CB  . ALA A 1 64  ? -18.172 -4.727  -2.990  1.00 20.88 ? 64  ALA A CB  1 
ATOM   491  N  N   . CYS A 1 65  ? -14.947 -5.357  -2.998  1.00 22.28 ? 65  CYS A N   1 
ATOM   492  C  CA  . CYS A 1 65  ? -13.766 -4.926  -3.749  1.00 24.02 ? 65  CYS A CA  1 
ATOM   493  C  C   . CYS A 1 65  ? -14.220 -4.281  -5.055  1.00 27.01 ? 65  CYS A C   1 
ATOM   494  O  O   . CYS A 1 65  ? -15.315 -4.552  -5.550  1.00 22.37 ? 65  CYS A O   1 
ATOM   495  C  CB  . CYS A 1 65  ? -12.823 -6.113  -4.021  1.00 24.13 ? 65  CYS A CB  1 
ATOM   496  S  SG  . CYS A 1 65  ? -12.424 -7.143  -2.581  1.00 22.88 ? 65  CYS A SG  1 
ATOM   497  N  N   . LYS A 1 66  ? -13.372 -3.397  -5.593  1.00 34.15 ? 66  LYS A N   1 
ATOM   498  C  CA  . LYS A 1 66  ? -13.701 -2.589  -6.793  1.00 39.73 ? 66  LYS A CA  1 
ATOM   499  C  C   . LYS A 1 66  ? -14.060 -3.487  -7.962  1.00 34.96 ? 66  LYS A C   1 
ATOM   500  O  O   . LYS A 1 66  ? -14.938 -3.162  -8.744  1.00 34.02 ? 66  LYS A O   1 
ATOM   501  C  CB  . LYS A 1 66  ? -12.555 -1.635  -7.176  1.00 44.65 ? 66  LYS A CB  1 
ATOM   502  C  CG  . LYS A 1 66  ? -12.340 -0.507  -6.171  1.00 51.37 ? 66  LYS A CG  1 
ATOM   503  C  CD  . LYS A 1 66  ? -11.741 0.752   -6.801  1.00 56.66 ? 66  LYS A CD  1 
ATOM   504  C  CE  . LYS A 1 66  ? -11.901 1.974   -5.893  1.00 61.53 ? 66  LYS A CE  1 
ATOM   505  N  NZ  . LYS A 1 66  ? -12.260 3.217   -6.641  1.00 64.64 ? 66  LYS A NZ  1 
ATOM   506  N  N   . ASN A 1 67  ? -13.399 -4.635  -8.019  1.00 34.15 ? 67  ASN A N   1 
ATOM   507  C  CA  . ASN A 1 67  ? -13.671 -5.669  -9.002  1.00 37.88 ? 67  ASN A CA  1 
ATOM   508  C  C   . ASN A 1 67  ? -14.916 -6.522  -8.746  1.00 39.02 ? 67  ASN A C   1 
ATOM   509  O  O   . ASN A 1 67  ? -15.176 -7.455  -9.499  1.00 42.42 ? 67  ASN A O   1 
ATOM   510  C  CB  . ASN A 1 67  ? -12.425 -6.552  -9.184  1.00 37.43 ? 67  ASN A CB  1 
ATOM   511  C  CG  . ASN A 1 67  ? -12.169 -7.514  -8.015  1.00 38.06 ? 67  ASN A CG  1 
ATOM   512  O  OD1 . ASN A 1 67  ? -12.855 -7.519  -6.983  1.00 34.35 ? 67  ASN A OD1 1 
ATOM   513  N  ND2 . ASN A 1 67  ? -11.129 -8.326  -8.180  1.00 38.90 ? 67  ASN A ND2 1 
ATOM   514  N  N   . GLY A 1 68  ? -15.672 -6.225  -7.685  1.00 36.28 ? 68  GLY A N   1 
ATOM   515  C  CA  . GLY A 1 68  ? -16.855 -7.005  -7.330  1.00 34.53 ? 68  GLY A CA  1 
ATOM   516  C  C   . GLY A 1 68  ? -16.640 -8.261  -6.492  1.00 35.43 ? 68  GLY A C   1 
ATOM   517  O  O   . GLY A 1 68  ? -17.601 -8.956  -6.177  1.00 36.37 ? 68  GLY A O   1 
ATOM   518  N  N   . GLN A 1 69  ? -15.407 -8.556  -6.094  1.00 35.42 ? 69  GLN A N   1 
ATOM   519  C  CA  . GLN A 1 69  ? -15.167 -9.646  -5.133  1.00 36.01 ? 69  GLN A CA  1 
ATOM   520  C  C   . GLN A 1 69  ? -15.661 -9.277  -3.712  1.00 31.84 ? 69  GLN A C   1 
ATOM   521  O  O   . GLN A 1 69  ? -15.827 -8.095  -3.384  1.00 33.86 ? 69  GLN A O   1 
ATOM   522  C  CB  . GLN A 1 69  ? -13.683 -9.986  -5.098  1.00 41.55 ? 69  GLN A CB  1 
ATOM   523  C  CG  . GLN A 1 69  ? -13.088 -10.414 -6.437  1.00 48.31 ? 69  GLN A CG  1 
ATOM   524  C  CD  . GLN A 1 69  ? -13.006 -11.927 -6.598  1.00 54.28 ? 69  GLN A CD  1 
ATOM   525  O  OE1 . GLN A 1 69  ? -14.031 -12.602 -6.738  1.00 63.51 ? 69  GLN A OE1 1 
ATOM   526  N  NE2 . GLN A 1 69  ? -11.788 -12.466 -6.581  1.00 54.96 ? 69  GLN A NE2 1 
ATOM   527  N  N   . THR A 1 70  ? -15.868 -10.298 -2.880  1.00 28.25 ? 70  THR A N   1 
ATOM   528  C  CA  . THR A 1 70  ? -16.469 -10.140 -1.552  1.00 31.13 ? 70  THR A CA  1 
ATOM   529  C  C   . THR A 1 70  ? -15.503 -10.321 -0.340  1.00 27.60 ? 70  THR A C   1 
ATOM   530  O  O   . THR A 1 70  ? -15.965 -10.539 0.796   1.00 25.32 ? 70  THR A O   1 
ATOM   531  C  CB  . THR A 1 70  ? -17.646 -11.146 -1.379  1.00 33.51 ? 70  THR A CB  1 
ATOM   532  O  OG1 . THR A 1 70  ? -17.138 -12.454 -1.095  1.00 31.90 ? 70  THR A OG1 1 
ATOM   533  C  CG2 . THR A 1 70  ? -18.545 -11.184 -2.638  1.00 34.97 ? 70  THR A CG2 1 
ATOM   534  N  N   . ASN A 1 71  ? -14.185 -10.260 -0.584  1.00 23.02 ? 71  ASN A N   1 
ATOM   535  C  CA  . ASN A 1 71  ? -13.147 -10.557 0.441   1.00 21.73 ? 71  ASN A CA  1 
ATOM   536  C  C   . ASN A 1 71  ? -12.367 -9.292  0.819   1.00 20.06 ? 71  ASN A C   1 
ATOM   537  O  O   . ASN A 1 71  ? -11.214 -9.387  1.243   1.00 17.91 ? 71  ASN A O   1 
ATOM   538  C  CB  . ASN A 1 71  ? -12.196 -11.746 0.014   1.00 22.90 ? 71  ASN A CB  1 
ATOM   539  C  CG  . ASN A 1 71  ? -11.208 -11.386 -1.127  1.00 22.20 ? 71  ASN A CG  1 
ATOM   540  O  OD1 . ASN A 1 71  ? -10.008 -11.784 -1.096  1.00 22.44 ? 71  ASN A OD1 1 
ATOM   541  N  ND2 . ASN A 1 71  ? -11.672 -10.643 -2.112  1.00 19.26 ? 71  ASN A ND2 1 
ATOM   542  N  N   . CYS A 1 72  ? -13.011 -8.121  0.669   1.00 19.37 ? 72  CYS A N   1 
ATOM   543  C  CA  . CYS A 1 72  ? -12.411 -6.841  0.995   1.00 18.59 ? 72  CYS A CA  1 
ATOM   544  C  C   . CYS A 1 72  ? -12.992 -6.384  2.298   1.00 17.65 ? 72  CYS A C   1 
ATOM   545  O  O   . CYS A 1 72  ? -14.149 -6.723  2.645   1.00 16.10 ? 72  CYS A O   1 
ATOM   546  C  CB  . CYS A 1 72  ? -12.589 -5.778  -0.096  1.00 20.15 ? 72  CYS A CB  1 
ATOM   547  S  SG  . CYS A 1 72  ? -11.415 -5.871  -1.521  1.00 22.11 ? 72  CYS A SG  1 
ATOM   548  N  N   . TYR A 1 73  ? -12.162 -5.636  3.030   1.00 17.68 ? 73  TYR A N   1 
ATOM   549  C  CA  . TYR A 1 73  ? -12.451 -5.213  4.388   1.00 16.64 ? 73  TYR A CA  1 
ATOM   550  C  C   . TYR A 1 73  ? -11.967 -3.801  4.497   1.00 16.29 ? 73  TYR A C   1 
ATOM   551  O  O   . TYR A 1 73  ? -10.890 -3.473  3.982   1.00 17.43 ? 73  TYR A O   1 
ATOM   552  C  CB  . TYR A 1 73  ? -11.768 -6.132  5.440   1.00 16.54 ? 73  TYR A CB  1 
ATOM   553  C  CG  . TYR A 1 73  ? -12.376 -7.460  5.440   1.00 17.48 ? 73  TYR A CG  1 
ATOM   554  C  CD1 . TYR A 1 73  ? -11.975 -8.416  4.534   1.00 18.42 ? 73  TYR A CD1 1 
ATOM   555  C  CD2 . TYR A 1 73  ? -13.463 -7.762  6.281   1.00 19.21 ? 73  TYR A CD2 1 
ATOM   556  C  CE1 . TYR A 1 73  ? -12.598 -9.639  4.460   1.00 18.05 ? 73  TYR A CE1 1 
ATOM   557  C  CE2 . TYR A 1 73  ? -14.092 -8.994  6.190   1.00 18.80 ? 73  TYR A CE2 1 
ATOM   558  C  CZ  . TYR A 1 73  ? -13.624 -9.909  5.295   1.00 19.24 ? 73  TYR A CZ  1 
ATOM   559  O  OH  . TYR A 1 73  ? -14.209 -11.109 5.227   1.00 20.36 ? 73  TYR A OH  1 
ATOM   560  N  N   . GLN A 1 74  ? -12.766 -2.963  5.147   1.00 16.06 ? 74  GLN A N   1 
ATOM   561  C  CA  . GLN A 1 74  ? -12.478 -1.538  5.313   1.00 15.54 ? 74  GLN A CA  1 
ATOM   562  C  C   . GLN A 1 74  ? -12.164 -1.317  6.769   1.00 15.34 ? 74  GLN A C   1 
ATOM   563  O  O   . GLN A 1 74  ? -12.890 -1.784  7.647   1.00 17.38 ? 74  GLN A O   1 
ATOM   564  C  CB  . GLN A 1 74  ? -13.665 -0.665  4.847   1.00 15.02 ? 74  GLN A CB  1 
ATOM   565  C  CG  . GLN A 1 74  ? -13.399 0.846   4.995   1.00 15.78 ? 74  GLN A CG  1 
ATOM   566  C  CD  . GLN A 1 74  ? -14.385 1.749   4.255   1.00 17.22 ? 74  GLN A CD  1 
ATOM   567  O  OE1 . GLN A 1 74  ? -14.710 2.869   4.733   1.00 18.24 ? 74  GLN A OE1 1 
ATOM   568  N  NE2 . GLN A 1 74  ? -14.864 1.299   3.096   1.00 15.84 ? 74  GLN A NE2 1 
ATOM   569  N  N   . SER A 1 75  ? -11.078 -0.628  7.046   1.00 14.25 ? 75  SER A N   1 
ATOM   570  C  CA  . SER A 1 75  ? -10.635 -0.420  8.420   1.00 13.96 ? 75  SER A CA  1 
ATOM   571  C  C   . SER A 1 75  ? -11.655 0.423   9.156   1.00 14.30 ? 75  SER A C   1 
ATOM   572  O  O   . SER A 1 75  ? -12.161 1.413   8.580   1.00 11.55 ? 75  SER A O   1 
ATOM   573  C  CB  . SER A 1 75  ? -9.238  0.285   8.472   1.00 13.77 ? 75  SER A CB  1 
ATOM   574  O  OG  . SER A 1 75  ? -9.226  1.510   7.840   1.00 12.57 ? 75  SER A OG  1 
ATOM   575  N  N   . TYR A 1 76  ? -11.982 0.021   10.391  1.00 14.42 ? 76  TYR A N   1 
ATOM   576  C  CA  . TYR A 1 76  ? -12.900 0.798   11.220  1.00 15.01 ? 76  TYR A CA  1 
ATOM   577  C  C   . TYR A 1 76  ? -12.340 2.206   11.504  1.00 14.98 ? 76  TYR A C   1 
ATOM   578  O  O   . TYR A 1 76  ? -13.106 3.161   11.556  1.00 15.46 ? 76  TYR A O   1 
ATOM   579  C  CB  . TYR A 1 76  ? -13.197 0.128   12.554  1.00 15.02 ? 76  TYR A CB  1 
ATOM   580  C  CG  . TYR A 1 76  ? -13.948 -1.182  12.504  1.00 15.24 ? 76  TYR A CG  1 
ATOM   581  C  CD1 . TYR A 1 76  ? -15.004 -1.371  11.627  1.00 15.10 ? 76  TYR A CD1 1 
ATOM   582  C  CD2 . TYR A 1 76  ? -13.669 -2.213  13.413  1.00 14.02 ? 76  TYR A CD2 1 
ATOM   583  C  CE1 . TYR A 1 76  ? -15.718 -2.554  11.622  1.00 13.87 ? 76  TYR A CE1 1 
ATOM   584  C  CE2 . TYR A 1 76  ? -14.407 -3.370  13.421  1.00 13.15 ? 76  TYR A CE2 1 
ATOM   585  C  CZ  . TYR A 1 76  ? -15.444 -3.519  12.532  1.00 13.21 ? 76  TYR A CZ  1 
ATOM   586  O  OH  . TYR A 1 76  ? -16.175 -4.679  12.461  1.00 12.54 ? 76  TYR A OH  1 
ATOM   587  N  N   . SER A 1 77  ? -11.035 2.331   11.699  1.00 14.77 ? 77  SER A N   1 
ATOM   588  C  CA  . SER A 1 77  ? -10.450 3.660   11.882  1.00 16.05 ? 77  SER A CA  1 
ATOM   589  C  C   . SER A 1 77  ? -9.631  4.081   10.640  1.00 14.24 ? 77  SER A C   1 
ATOM   590  O  O   . SER A 1 77  ? -9.346  3.272   9.737   1.00 12.96 ? 77  SER A O   1 
ATOM   591  C  CB  . SER A 1 77  ? -9.586  3.715   13.127  1.00 16.30 ? 77  SER A CB  1 
ATOM   592  O  OG  . SER A 1 77  ? -8.330  3.095   12.852  1.00 25.20 ? 77  SER A OG  1 
ATOM   593  N  N   . THR A 1 78  ? -9.312  5.369   10.615  1.00 14.86 ? 78  THR A N   1 
ATOM   594  C  CA  . THR A 1 78  ? -8.382  5.945   9.658   1.00 15.64 ? 78  THR A CA  1 
ATOM   595  C  C   . THR A 1 78  ? -6.972  5.493   10.079  1.00 14.86 ? 78  THR A C   1 
ATOM   596  O  O   . THR A 1 78  ? -6.745  5.191   11.240  1.00 14.59 ? 78  THR A O   1 
ATOM   597  C  CB  . THR A 1 78  ? -8.468  7.483   9.597   1.00 16.17 ? 78  THR A CB  1 
ATOM   598  O  OG1 . THR A 1 78  ? -8.055  8.041   10.859  1.00 17.11 ? 78  THR A OG1 1 
ATOM   599  C  CG2 . THR A 1 78  ? -9.906  7.954   9.252   1.00 17.49 ? 78  THR A CG2 1 
ATOM   600  N  N   . MET A 1 79  ? -6.060  5.456   9.123   1.00 14.76 ? 79  MET A N   1 
ATOM   601  C  CA  . MET A 1 79  ? -4.688  4.986   9.281   1.00 13.26 ? 79  MET A CA  1 
ATOM   602  C  C   . MET A 1 79  ? -3.824  5.990   8.573   1.00 14.33 ? 79  MET A C   1 
ATOM   603  O  O   . MET A 1 79  ? -4.279  6.561   7.543   1.00 14.21 ? 79  MET A O   1 
ATOM   604  C  CB  . MET A 1 79  ? -4.567  3.612   8.657   1.00 13.18 ? 79  MET A CB  1 
ATOM   605  C  CG  . MET A 1 79  ? -5.067  2.513   9.587   1.00 13.91 ? 79  MET A CG  1 
ATOM   606  S  SD  . MET A 1 79  ? -4.795  0.830   8.997   1.00 14.19 ? 79  MET A SD  1 
ATOM   607  C  CE  . MET A 1 79  ? -5.510  -0.243  10.258  1.00 14.76 ? 79  MET A CE  1 
ATOM   608  N  N   . SER A 1 80  ? -2.589  6.196   9.059   1.00 14.37 ? 80  SER A N   1 
ATOM   609  C  CA  . SER A 1 80  ? -1.607  7.020   8.339   1.00 15.15 ? 80  SER A CA  1 
ATOM   610  C  C   . SER A 1 80  ? -1.146  6.277   7.080   1.00 15.49 ? 80  SER A C   1 
ATOM   611  O  O   . SER A 1 80  ? -0.748  5.089   7.158   1.00 14.81 ? 80  SER A O   1 
ATOM   612  C  CB  . SER A 1 80  ? -0.408  7.347   9.247   1.00 16.02 ? 80  SER A CB  1 
ATOM   613  O  OG  . SER A 1 80  ? 0.609   8.037   8.535   1.00 16.78 ? 80  SER A OG  1 
ATOM   614  N  N   . ILE A 1 81  ? -1.223  6.956   5.924   1.00 14.67 ? 81  ILE A N   1 
ATOM   615  C  CA  . ILE A 1 81  ? -0.884  6.356   4.647   1.00 15.42 ? 81  ILE A CA  1 
ATOM   616  C  C   . ILE A 1 81  ? -0.136  7.353   3.776   1.00 15.41 ? 81  ILE A C   1 
ATOM   617  O  O   . ILE A 1 81  ? -0.322  8.573   3.889   1.00 14.80 ? 81  ILE A O   1 
ATOM   618  C  CB  . ILE A 1 81  ? -2.104  5.816   3.843   1.00 16.59 ? 81  ILE A CB  1 
ATOM   619  C  CG1 . ILE A 1 81  ? -3.023  6.957   3.489   1.00 20.22 ? 81  ILE A CG1 1 
ATOM   620  C  CG2 . ILE A 1 81  ? -2.894  4.753   4.620   1.00 16.85 ? 81  ILE A CG2 1 
ATOM   621  C  CD1 . ILE A 1 81  ? -3.976  6.605   2.395   1.00 22.94 ? 81  ILE A CD1 1 
ATOM   622  N  N   . THR A 1 82  ? 0.649   6.821   2.865   1.00 13.42 ? 82  THR A N   1 
ATOM   623  C  CA  . THR A 1 82  ? 1.279   7.642   1.850   1.00 14.52 ? 82  THR A CA  1 
ATOM   624  C  C   . THR A 1 82  ? 0.958   7.093   0.459   1.00 13.38 ? 82  THR A C   1 
ATOM   625  O  O   . THR A 1 82  ? 1.276   5.939   0.167   1.00 11.50 ? 82  THR A O   1 
ATOM   626  C  CB  . THR A 1 82  ? 2.794   7.653   2.018   1.00 13.43 ? 82  THR A CB  1 
ATOM   627  O  OG1 . THR A 1 82  ? 3.108   8.162   3.294   1.00 13.07 ? 82  THR A OG1 1 
ATOM   628  C  CG2 . THR A 1 82  ? 3.439   8.523   0.967   1.00 14.62 ? 82  THR A CG2 1 
ATOM   629  N  N   . ASP A 1 83  ? 0.335   7.909   -0.383  1.00 13.79 ? 83  ASP A N   1 
ATOM   630  C  CA  . ASP A 1 83  ? 0.154   7.478   -1.787  1.00 14.19 ? 83  ASP A CA  1 
ATOM   631  C  C   . ASP A 1 83  ? 1.367   7.938   -2.573  1.00 13.65 ? 83  ASP A C   1 
ATOM   632  O  O   . ASP A 1 83  ? 1.826   9.088   -2.437  1.00 13.52 ? 83  ASP A O   1 
ATOM   633  C  CB  . ASP A 1 83  ? -1.168  7.966   -2.413  1.00 17.06 ? 83  ASP A CB  1 
ATOM   634  C  CG  . ASP A 1 83  ? -1.529  7.215   -3.773  1.00 19.99 ? 83  ASP A CG  1 
ATOM   635  O  OD1 . ASP A 1 83  ? -1.260  6.012   -3.965  1.00 22.25 ? 83  ASP A OD1 1 
ATOM   636  O  OD2 . ASP A 1 83  ? -2.120  7.807   -4.671  1.00 27.55 ? 83  ASP A OD2 1 
ATOM   637  N  N   . CYS A 1 84  ? 1.904   7.026   -3.376  1.00 13.57 ? 84  CYS A N   1 
ATOM   638  C  CA  . CYS A 1 84  ? 3.025   7.284   -4.287  1.00 13.30 ? 84  CYS A CA  1 
ATOM   639  C  C   . CYS A 1 84  ? 2.553   7.091   -5.716  1.00 13.78 ? 84  CYS A C   1 
ATOM   640  O  O   . CYS A 1 84  ? 2.107   5.979   -6.073  1.00 14.11 ? 84  CYS A O   1 
ATOM   641  C  CB  . CYS A 1 84  ? 4.138   6.307   -4.024  1.00 14.29 ? 84  CYS A CB  1 
ATOM   642  S  SG  . CYS A 1 84  ? 4.816   6.416   -2.371  1.00 13.25 ? 84  CYS A SG  1 
ATOM   643  N  N   . ARG A 1 85  ? 2.589   8.169   -6.510  1.00 14.72 ? 85  ARG A N   1 
ATOM   644  C  CA  . ARG A 1 85  ? 2.146   8.164   -7.908  1.00 16.84 ? 85  ARG A CA  1 
ATOM   645  C  C   . ARG A 1 85  ? 3.205   8.771   -8.756  1.00 16.97 ? 85  ARG A C   1 
ATOM   646  O  O   . ARG A 1 85  ? 3.826   9.774   -8.362  1.00 13.93 ? 85  ARG A O   1 
ATOM   647  C  CB  . ARG A 1 85  ? 0.901   9.004   -8.069  1.00 20.09 ? 85  ARG A CB  1 
ATOM   648  C  CG  . ARG A 1 85  ? -0.295  8.390   -7.397  1.00 22.89 ? 85  ARG A CG  1 
ATOM   649  C  CD  . ARG A 1 85  ? -1.562  8.594   -8.219  1.00 25.09 ? 85  ARG A CD  1 
ATOM   650  N  NE  . ARG A 1 85  ? -2.627  7.742   -7.702  1.00 26.62 ? 85  ARG A NE  1 
ATOM   651  C  CZ  . ARG A 1 85  ? -3.601  7.205   -8.423  1.00 27.27 ? 85  ARG A CZ  1 
ATOM   652  N  NH1 . ARG A 1 85  ? -3.681  7.420   -9.717  1.00 27.06 ? 85  ARG A NH1 1 
ATOM   653  N  NH2 . ARG A 1 85  ? -4.507  6.433   -7.826  1.00 30.96 ? 85  ARG A NH2 1 
ATOM   654  N  N   . GLU A 1 86  ? 3.417   8.173   -9.918  1.00 19.75 ? 86  GLU A N   1 
ATOM   655  C  CA  . GLU A 1 86  ? 4.373   8.724   -10.877 1.00 20.95 ? 86  GLU A CA  1 
ATOM   656  C  C   . GLU A 1 86  ? 3.956   10.082  -11.370 1.00 19.64 ? 86  GLU A C   1 
ATOM   657  O  O   . GLU A 1 86  ? 2.775   10.320  -11.658 1.00 18.90 ? 86  GLU A O   1 
ATOM   658  C  CB  . GLU A 1 86  ? 4.506   7.835   -12.112 1.00 22.90 ? 86  GLU A CB  1 
ATOM   659  C  CG  . GLU A 1 86  ? 5.548   6.765   -12.046 1.00 24.38 ? 86  GLU A CG  1 
ATOM   660  C  CD  . GLU A 1 86  ? 5.735   6.147   -13.415 1.00 25.46 ? 86  GLU A CD  1 
ATOM   661  O  OE1 . GLU A 1 86  ? 4.817   5.424   -13.806 1.00 29.40 ? 86  GLU A OE1 1 
ATOM   662  O  OE2 . GLU A 1 86  ? 6.741   6.421   -14.096 1.00 22.53 ? 86  GLU A OE2 1 
ATOM   663  N  N   . THR A 1 87  ? 4.959   10.931  -11.528 1.00 22.01 ? 87  THR A N   1 
ATOM   664  C  CA  . THR A 1 87  ? 4.819   12.270  -12.106 1.00 23.98 ? 87  THR A CA  1 
ATOM   665  C  C   . THR A 1 87  ? 4.960   12.232  -13.614 1.00 26.64 ? 87  THR A C   1 
ATOM   666  O  O   . THR A 1 87  ? 5.349   11.207  -14.199 1.00 25.15 ? 87  THR A O   1 
ATOM   667  C  CB  . THR A 1 87  ? 5.885   13.255  -11.566 1.00 24.74 ? 87  THR A CB  1 
ATOM   668  O  OG1 . THR A 1 87  ? 7.209   12.787  -11.858 1.00 24.29 ? 87  THR A OG1 1 
ATOM   669  C  CG2 . THR A 1 87  ? 5.730   13.447  -10.071 1.00 25.05 ? 87  THR A CG2 1 
ATOM   670  N  N   . GLY A 1 88  ? 4.662   13.358  -14.244 1.00 28.49 ? 88  GLY A N   1 
ATOM   671  C  CA  . GLY A 1 88  ? 4.824   13.503  -15.696 1.00 31.34 ? 88  GLY A CA  1 
ATOM   672  C  C   . GLY A 1 88  ? 6.280   13.426  -16.155 1.00 35.28 ? 88  GLY A C   1 
ATOM   673  O  O   . GLY A 1 88  ? 6.549   12.940  -17.244 1.00 37.35 ? 88  GLY A O   1 
ATOM   674  N  N   . SER A 1 89  ? 7.207   13.906  -15.317 1.00 36.75 ? 89  SER A N   1 
ATOM   675  C  CA  . SER A 1 89  ? 8.654   13.782  -15.554 1.00 39.44 ? 89  SER A CA  1 
ATOM   676  C  C   . SER A 1 89  ? 9.306   12.372  -15.344 1.00 39.64 ? 89  SER A C   1 
ATOM   677  O  O   . SER A 1 89  ? 10.511  12.197  -15.576 1.00 39.76 ? 89  SER A O   1 
ATOM   678  C  CB  . SER A 1 89  ? 9.377   14.779  -14.654 1.00 38.81 ? 89  SER A CB  1 
ATOM   679  O  OG  . SER A 1 89  ? 8.885   16.089  -14.885 1.00 40.18 ? 89  SER A OG  1 
ATOM   680  N  N   . SER A 1 90  ? 8.525   11.405  -14.868 1.00 33.85 ? 90  SER A N   1 
ATOM   681  C  CA  . SER A 1 90  ? 9.017   10.073  -14.587 1.00 30.93 ? 90  SER A CA  1 
ATOM   682  C  C   . SER A 1 90  ? 9.258   9.294   -15.866 1.00 31.56 ? 90  SER A C   1 
ATOM   683  O  O   . SER A 1 90  ? 8.328   9.011   -16.607 1.00 27.30 ? 90  SER A O   1 
ATOM   684  C  CB  . SER A 1 90  ? 7.994   9.297   -13.767 1.00 25.86 ? 90  SER A CB  1 
ATOM   685  O  OG  . SER A 1 90  ? 8.490   8.004   -13.482 1.00 23.70 ? 90  SER A OG  1 
ATOM   686  N  N   A LYS A 1 91  ? 10.503  8.915   -16.115 0.50 33.79 ? 91  LYS A N   1 
ATOM   687  N  N   B LYS A 1 91  ? 10.510  8.930   -16.098 0.50 33.59 ? 91  LYS A N   1 
ATOM   688  C  CA  A LYS A 1 91  ? 10.808  8.085   -17.277 0.50 36.98 ? 91  LYS A CA  1 
ATOM   689  C  CA  B LYS A 1 91  ? 10.838  8.108   -17.250 0.50 36.49 ? 91  LYS A CA  1 
ATOM   690  C  C   A LYS A 1 91  ? 11.787  7.015   -16.825 0.50 35.36 ? 91  LYS A C   1 
ATOM   691  C  C   B LYS A 1 91  ? 11.790  7.018   -16.793 0.50 35.26 ? 91  LYS A C   1 
ATOM   692  O  O   A LYS A 1 91  ? 12.908  7.332   -16.416 0.50 35.56 ? 91  LYS A O   1 
ATOM   693  O  O   B LYS A 1 91  ? 12.905  7.324   -16.358 0.50 35.45 ? 91  LYS A O   1 
ATOM   694  C  CB  A LYS A 1 91  ? 11.372  8.927   -18.430 0.50 39.86 ? 91  LYS A CB  1 
ATOM   695  C  CB  B LYS A 1 91  ? 11.451  8.955   -18.376 0.50 39.06 ? 91  LYS A CB  1 
ATOM   696  C  CG  A LYS A 1 91  ? 10.725  8.637   -19.784 0.50 42.03 ? 91  LYS A CG  1 
ATOM   697  C  CG  B LYS A 1 91  ? 11.721  8.163   -19.650 0.50 40.34 ? 91  LYS A CG  1 
ATOM   698  C  CD  A LYS A 1 91  ? 9.211   8.887   -19.804 0.50 43.36 ? 91  LYS A CD  1 
ATOM   699  C  CD  B LYS A 1 91  ? 12.219  9.027   -20.804 0.50 42.79 ? 91  LYS A CD  1 
ATOM   700  C  CE  A LYS A 1 91  ? 8.845   10.371  -19.760 0.50 44.70 ? 91  LYS A CE  1 
ATOM   701  C  CE  B LYS A 1 91  ? 12.475  8.196   -22.056 0.50 43.36 ? 91  LYS A CE  1 
ATOM   702  N  NZ  A LYS A 1 91  ? 7.498   10.677  -19.192 0.50 43.32 ? 91  LYS A NZ  1 
ATOM   703  N  NZ  B LYS A 1 91  ? 12.943  8.997   -23.221 0.50 45.48 ? 91  LYS A NZ  1 
ATOM   704  N  N   . TYR A 1 92  ? 11.340  5.759   -16.865 1.00 34.22 ? 92  TYR A N   1 
ATOM   705  C  CA  . TYR A 1 92  ? 12.172  4.626   -16.489 1.00 36.68 ? 92  TYR A CA  1 
ATOM   706  C  C   . TYR A 1 92  ? 13.428  4.704   -17.355 1.00 37.18 ? 92  TYR A C   1 
ATOM   707  O  O   . TYR A 1 92  ? 13.297  4.886   -18.578 1.00 35.55 ? 92  TYR A O   1 
ATOM   708  C  CB  . TYR A 1 92  ? 11.465  3.295   -16.751 1.00 39.24 ? 92  TYR A CB  1 
ATOM   709  C  CG  . TYR A 1 92  ? 12.332  2.099   -16.419 1.00 40.95 ? 92  TYR A CG  1 
ATOM   710  C  CD1 . TYR A 1 92  ? 12.575  1.743   -15.094 1.00 39.09 ? 92  TYR A CD1 1 
ATOM   711  C  CD2 . TYR A 1 92  ? 12.932  1.332   -17.427 1.00 42.73 ? 92  TYR A CD2 1 
ATOM   712  C  CE1 . TYR A 1 92  ? 13.387  0.671   -14.784 1.00 40.89 ? 92  TYR A CE1 1 
ATOM   713  C  CE2 . TYR A 1 92  ? 13.748  0.245   -17.110 1.00 42.56 ? 92  TYR A CE2 1 
ATOM   714  C  CZ  . TYR A 1 92  ? 13.965  -0.072  -15.792 1.00 41.46 ? 92  TYR A CZ  1 
ATOM   715  O  OH  . TYR A 1 92  ? 14.740  -1.141  -15.463 1.00 43.92 ? 92  TYR A OH  1 
ATOM   716  N  N   . PRO A 1 93  ? 14.623  4.577   -16.774 1.00 37.40 ? 93  PRO A N   1 
ATOM   717  C  CA  . PRO A 1 93  ? 14.891  4.080   -15.427 1.00 37.44 ? 93  PRO A CA  1 
ATOM   718  C  C   . PRO A 1 93  ? 15.205  5.175   -14.397 1.00 35.61 ? 93  PRO A C   1 
ATOM   719  O  O   . PRO A 1 93  ? 15.891  4.927   -13.405 1.00 33.14 ? 93  PRO A O   1 
ATOM   720  C  CB  . PRO A 1 93  ? 16.118  3.226   -15.679 1.00 40.13 ? 93  PRO A CB  1 
ATOM   721  C  CG  . PRO A 1 93  ? 16.896  4.073   -16.655 1.00 38.40 ? 93  PRO A CG  1 
ATOM   722  C  CD  . PRO A 1 93  ? 15.887  4.822   -17.487 1.00 37.51 ? 93  PRO A CD  1 
ATOM   723  N  N   . ASN A 1 94  ? 14.708  6.383   -14.643 1.00 36.55 ? 94  ASN A N   1 
ATOM   724  C  CA  . ASN A 1 94  ? 14.726  7.442   -13.643 1.00 37.23 ? 94  ASN A CA  1 
ATOM   725  C  C   . ASN A 1 94  ? 13.266  7.731   -13.258 1.00 34.17 ? 94  ASN A C   1 
ATOM   726  O  O   . ASN A 1 94  ? 12.652  8.695   -13.710 1.00 32.47 ? 94  ASN A O   1 
ATOM   727  C  CB  . ASN A 1 94  ? 15.471  8.627   -14.218 1.00 38.77 ? 94  ASN A CB  1 
ATOM   728  C  CG  . ASN A 1 94  ? 16.811  8.207   -14.802 1.00 42.45 ? 94  ASN A CG  1 
ATOM   729  O  OD1 . ASN A 1 94  ? 16.923  7.943   -16.012 1.00 42.69 ? 94  ASN A OD1 1 
ATOM   730  N  ND2 . ASN A 1 94  ? 17.812  8.055   -13.935 1.00 42.62 ? 94  ASN A ND2 1 
ATOM   731  N  N   . CYS A 1 95  ? 12.709  6.828   -12.458 1.00 28.20 ? 95  CYS A N   1 
ATOM   732  C  CA  . CYS A 1 95  ? 11.313  6.955   -12.012 1.00 25.85 ? 95  CYS A CA  1 
ATOM   733  C  C   . CYS A 1 95  ? 11.230  8.154   -11.059 1.00 26.06 ? 95  CYS A C   1 
ATOM   734  O  O   . CYS A 1 95  ? 12.210  8.518   -10.394 1.00 27.59 ? 95  CYS A O   1 
ATOM   735  C  CB  . CYS A 1 95  ? 10.845  5.698   -11.311 1.00 23.92 ? 95  CYS A CB  1 
ATOM   736  S  SG  . CYS A 1 95  ? 11.017  4.211   -12.288 1.00 22.96 ? 95  CYS A SG  1 
ATOM   737  N  N   . ALA A 1 96  ? 10.085  8.805   -11.043 1.00 22.72 ? 96  ALA A N   1 
ATOM   738  C  CA  . ALA A 1 96  ? 9.890   9.969   -10.144 1.00 21.42 ? 96  ALA A CA  1 
ATOM   739  C  C   . ALA A 1 96  ? 8.459   9.912   -9.655  1.00 19.01 ? 96  ALA A C   1 
ATOM   740  O  O   . ALA A 1 96  ? 7.530   9.639   -10.438 1.00 18.93 ? 96  ALA A O   1 
ATOM   741  C  CB  . ALA A 1 96  ? 10.153  11.271  -10.876 1.00 22.37 ? 96  ALA A CB  1 
ATOM   742  N  N   . TYR A 1 97  ? 8.280   10.214  -8.380  1.00 16.45 ? 97  TYR A N   1 
ATOM   743  C  CA  . TYR A 1 97  ? 7.023   10.024  -7.704  1.00 14.91 ? 97  TYR A CA  1 
ATOM   744  C  C   . TYR A 1 97  ? 6.682   11.275  -6.905  1.00 14.25 ? 97  TYR A C   1 
ATOM   745  O  O   . TYR A 1 97  ? 7.544   11.860  -6.231  1.00 14.26 ? 97  TYR A O   1 
ATOM   746  C  CB  . TYR A 1 97  ? 7.079   8.811   -6.762  1.00 14.85 ? 97  TYR A CB  1 
ATOM   747  C  CG  . TYR A 1 97  ? 7.140   7.479   -7.487  1.00 15.39 ? 97  TYR A CG  1 
ATOM   748  C  CD1 . TYR A 1 97  ? 5.978   6.846   -7.891  1.00 15.41 ? 97  TYR A CD1 1 
ATOM   749  C  CD2 . TYR A 1 97  ? 8.365   6.862   -7.784  1.00 14.89 ? 97  TYR A CD2 1 
ATOM   750  C  CE1 . TYR A 1 97  ? 6.018   5.656   -8.571  1.00 15.45 ? 97  TYR A CE1 1 
ATOM   751  C  CE2 . TYR A 1 97  ? 8.409   5.646   -8.441  1.00 15.23 ? 97  TYR A CE2 1 
ATOM   752  C  CZ  . TYR A 1 97  ? 7.244   5.043   -8.828  1.00 14.79 ? 97  TYR A CZ  1 
ATOM   753  O  OH  . TYR A 1 97  ? 7.275   3.838   -9.516  1.00 14.34 ? 97  TYR A OH  1 
ATOM   754  N  N   . LYS A 1 98  ? 5.409   11.617  -6.921  1.00 13.63 ? 98  LYS A N   1 
ATOM   755  C  CA  . LYS A 1 98  ? 4.774   12.518  -5.951  1.00 13.62 ? 98  LYS A CA  1 
ATOM   756  C  C   . LYS A 1 98  ? 4.370   11.746  -4.682  1.00 13.42 ? 98  LYS A C   1 
ATOM   757  O  O   . LYS A 1 98  ? 3.840   10.613  -4.747  1.00 14.26 ? 98  LYS A O   1 
ATOM   758  C  CB  . LYS A 1 98  ? 3.531   13.177  -6.606  1.00 14.16 ? 98  LYS A CB  1 
ATOM   759  C  CG  . LYS A 1 98  ? 2.632   14.029  -5.702  1.00 13.87 ? 98  LYS A CG  1 
ATOM   760  C  CD  . LYS A 1 98  ? 1.483   14.622  -6.526  1.00 14.22 ? 98  LYS A CD  1 
ATOM   761  C  CE  . LYS A 1 98  ? 0.344   15.162  -5.705  1.00 14.89 ? 98  LYS A CE  1 
ATOM   762  N  NZ  . LYS A 1 98  ? 0.766   16.195  -4.779  1.00 14.66 ? 98  LYS A NZ  1 
ATOM   763  N  N   . THR A 1 99  ? 4.617   12.375  -3.547  1.00 12.32 ? 99  THR A N   1 
ATOM   764  C  CA  . THR A 1 99  ? 4.274   11.830  -2.218  1.00 12.91 ? 99  THR A CA  1 
ATOM   765  C  C   . THR A 1 99  ? 3.095   12.583  -1.638  1.00 12.89 ? 99  THR A C   1 
ATOM   766  O  O   . THR A 1 99  ? 3.148   13.811  -1.441  1.00 12.78 ? 99  THR A O   1 
ATOM   767  C  CB  . THR A 1 99  ? 5.536   11.951  -1.310  1.00 13.05 ? 99  THR A CB  1 
ATOM   768  O  OG1 . THR A 1 99  ? 6.604   11.165  -1.899  1.00 13.38 ? 99  THR A OG1 1 
ATOM   769  C  CG2 . THR A 1 99  ? 5.279   11.530  0.137   1.00 12.92 ? 99  THR A CG2 1 
ATOM   770  N  N   . THR A 1 100 ? 2.001   11.863  -1.395  1.00 12.82 ? 100 THR A N   1 
ATOM   771  C  CA  . THR A 1 100 ? 0.864   12.450  -0.706  1.00 12.57 ? 100 THR A CA  1 
ATOM   772  C  C   . THR A 1 100 ? 0.542   11.638  0.563   1.00 13.42 ? 100 THR A C   1 
ATOM   773  O  O   . THR A 1 100 ? 0.106   10.489  0.501   1.00 12.60 ? 100 THR A O   1 
ATOM   774  C  CB  . THR A 1 100 ? -0.368  12.570  -1.628  1.00 12.84 ? 100 THR A CB  1 
ATOM   775  O  OG1 . THR A 1 100 ? 0.002   13.097  -2.897  1.00 13.24 ? 100 THR A OG1 1 
ATOM   776  C  CG2 . THR A 1 100 ? -1.469  13.372  -0.948  1.00 12.58 ? 100 THR A CG2 1 
ATOM   777  N  N   . GLN A 1 101 ? 0.740   12.292  1.711   1.00 14.99 ? 101 GLN A N   1 
ATOM   778  C  CA  . GLN A 1 101 ? 0.474   11.735  3.062   1.00 16.37 ? 101 GLN A CA  1 
ATOM   779  C  C   . GLN A 1 101 ? -0.952  12.035  3.448   1.00 16.30 ? 101 GLN A C   1 
ATOM   780  O  O   . GLN A 1 101 ? -1.462  13.100  3.124   1.00 16.86 ? 101 GLN A O   1 
ATOM   781  C  CB  . GLN A 1 101 ? 1.441   12.386  4.058   1.00 18.06 ? 101 GLN A CB  1 
ATOM   782  C  CG  . GLN A 1 101 ? 1.194   12.101  5.540   1.00 19.64 ? 101 GLN A CG  1 
ATOM   783  C  CD  . GLN A 1 101 ? 1.343   10.657  5.903   1.00 19.94 ? 101 GLN A CD  1 
ATOM   784  O  OE1 . GLN A 1 101 ? 2.315   10.017  5.513   1.00 21.04 ? 101 GLN A OE1 1 
ATOM   785  N  NE2 . GLN A 1 101 ? 0.387   10.135  6.684   1.00 20.41 ? 101 GLN A NE2 1 
ATOM   786  N  N   . ALA A 1 102 ? -1.606  11.124  4.134   1.00 15.25 ? 102 ALA A N   1 
ATOM   787  C  CA  . ALA A 1 102 ? -3.015  11.322  4.485   1.00 16.69 ? 102 ALA A CA  1 
ATOM   788  C  C   . ALA A 1 102 ? -3.391  10.371  5.591   1.00 18.34 ? 102 ALA A C   1 
ATOM   789  O  O   . ALA A 1 102 ? -2.637  9.431   5.873   1.00 16.66 ? 102 ALA A O   1 
ATOM   790  C  CB  . ALA A 1 102 ? -3.920  11.082  3.258   1.00 17.12 ? 102 ALA A CB  1 
ATOM   791  N  N   . ASN A 1 103 ? -4.536  10.645  6.231   1.00 19.57 ? 103 ASN A N   1 
ATOM   792  C  CA  . ASN A 1 103 ? -5.177  9.706   7.188   1.00 23.67 ? 103 ASN A CA  1 
ATOM   793  C  C   . ASN A 1 103 ? -6.537  9.268   6.660   1.00 23.46 ? 103 ASN A C   1 
ATOM   794  O  O   . ASN A 1 103 ? -7.429  10.101  6.548   1.00 24.64 ? 103 ASN A O   1 
ATOM   795  C  CB  . ASN A 1 103 ? -5.345  10.340  8.584   1.00 25.49 ? 103 ASN A CB  1 
ATOM   796  C  CG  . ASN A 1 103 ? -4.035  10.709  9.179   1.00 26.30 ? 103 ASN A CG  1 
ATOM   797  O  OD1 . ASN A 1 103 ? -3.529  11.769  8.872   1.00 32.36 ? 103 ASN A OD1 1 
ATOM   798  N  ND2 . ASN A 1 103 ? -3.434  9.823   9.980   1.00 24.88 ? 103 ASN A ND2 1 
ATOM   799  N  N   . LYS A 1 104 ? -6.675  7.973   6.282   1.00 21.15 ? 104 LYS A N   1 
ATOM   800  C  CA  . LYS A 1 104 ? -7.762  7.445   5.470   1.00 20.21 ? 104 LYS A CA  1 
ATOM   801  C  C   . LYS A 1 104 ? -8.007  6.081   6.000   1.00 18.59 ? 104 LYS A C   1 
ATOM   802  O  O   . LYS A 1 104 ? -7.100  5.472   6.574   1.00 16.45 ? 104 LYS A O   1 
ATOM   803  C  CB  . LYS A 1 104 ? -7.347  7.315   4.008   1.00 21.41 ? 104 LYS A CB  1 
ATOM   804  C  CG  . LYS A 1 104 ? -7.091  8.655   3.330   1.00 22.34 ? 104 LYS A CG  1 
ATOM   805  N  N   . HIS A 1 105 ? -9.250  5.623   5.886   1.00 16.51 ? 105 HIS A N   1 
ATOM   806  C  CA  . HIS A 1 105 ? -9.563  4.218   6.076   1.00 17.86 ? 105 HIS A CA  1 
ATOM   807  C  C   . HIS A 1 105 ? -8.923  3.454   4.910   1.00 19.28 ? 105 HIS A C   1 
ATOM   808  O  O   . HIS A 1 105 ? -8.949  3.934   3.744   1.00 22.42 ? 105 HIS A O   1 
ATOM   809  C  CB  . HIS A 1 105 ? -11.075 4.000   6.030   1.00 18.04 ? 105 HIS A CB  1 
ATOM   810  C  CG  . HIS A 1 105 ? -11.830 4.726   7.119   1.00 16.88 ? 105 HIS A CG  1 
ATOM   811  N  ND1 . HIS A 1 105 ? -12.337 5.998   6.948   1.00 17.27 ? 105 HIS A ND1 1 
ATOM   812  C  CD2 . HIS A 1 105 ? -12.116 4.383   8.396   1.00 16.44 ? 105 HIS A CD2 1 
ATOM   813  C  CE1 . HIS A 1 105 ? -12.970 6.374   8.053   1.00 16.63 ? 105 HIS A CE1 1 
ATOM   814  N  NE2 . HIS A 1 105 ? -12.836 5.423   8.950   1.00 16.62 ? 105 HIS A NE2 1 
ATOM   815  N  N   . ILE A 1 106 ? -8.374  2.285   5.186   1.00 16.71 ? 106 ILE A N   1 
ATOM   816  C  CA  . ILE A 1 106 ? -7.855  1.447   4.111   1.00 16.69 ? 106 ILE A CA  1 
ATOM   817  C  C   . ILE A 1 106 ? -8.843  0.311   3.803   1.00 15.98 ? 106 ILE A C   1 
ATOM   818  O  O   . ILE A 1 106 ? -9.535  -0.153  4.700   1.00 13.74 ? 106 ILE A O   1 
ATOM   819  C  CB  . ILE A 1 106 ? -6.442  0.878   4.451   1.00 16.20 ? 106 ILE A CB  1 
ATOM   820  C  CG1 . ILE A 1 106 ? -6.498  -0.112  5.630   1.00 16.13 ? 106 ILE A CG1 1 
ATOM   821  C  CG2 . ILE A 1 106 ? -5.477  2.037   4.729   1.00 14.76 ? 106 ILE A CG2 1 
ATOM   822  C  CD1 . ILE A 1 106 ? -5.264  -0.969  5.803   1.00 17.39 ? 106 ILE A CD1 1 
ATOM   823  N  N   . ILE A 1 107 ? -8.861  -0.117  2.544   1.00 14.34 ? 107 ILE A N   1 
ATOM   824  C  CA  . ILE A 1 107 ? -9.615  -1.249  2.091   1.00 15.65 ? 107 ILE A CA  1 
ATOM   825  C  C   . ILE A 1 107 ? -8.616  -2.246  1.503   1.00 16.83 ? 107 ILE A C   1 
ATOM   826  O  O   . ILE A 1 107 ? -7.905  -1.919  0.571   1.00 16.00 ? 107 ILE A O   1 
ATOM   827  C  CB  . ILE A 1 107 ? -10.693 -0.825  1.059   1.00 16.46 ? 107 ILE A CB  1 
ATOM   828  C  CG1 . ILE A 1 107 ? -11.597 0.255   1.722   1.00 16.68 ? 107 ILE A CG1 1 
ATOM   829  C  CG2 . ILE A 1 107 ? -11.474 -2.055  0.584   1.00 15.43 ? 107 ILE A CG2 1 
ATOM   830  C  CD1 . ILE A 1 107 ? -12.458 1.051   0.786   1.00 18.53 ? 107 ILE A CD1 1 
ATOM   831  N  N   . VAL A 1 108 ? -8.590  -3.458  2.076   1.00 16.97 ? 108 VAL A N   1 
ATOM   832  C  CA  . VAL A 1 108 ? -7.704  -4.530  1.656   1.00 16.43 ? 108 VAL A CA  1 
ATOM   833  C  C   . VAL A 1 108 ? -8.483  -5.793  1.310   1.00 16.21 ? 108 VAL A C   1 
ATOM   834  O  O   . VAL A 1 108 ? -9.509  -6.085  1.941   1.00 17.46 ? 108 VAL A O   1 
ATOM   835  C  CB  . VAL A 1 108 ? -6.632  -4.884  2.745   1.00 14.81 ? 108 VAL A CB  1 
ATOM   836  C  CG1 . VAL A 1 108 ? -5.681  -3.721  2.967   1.00 14.64 ? 108 VAL A CG1 1 
ATOM   837  C  CG2 . VAL A 1 108 ? -7.286  -5.243  4.083   1.00 15.99 ? 108 VAL A CG2 1 
ATOM   838  N  N   . ALA A 1 109 ? -7.955  -6.577  0.369   1.00 15.22 ? 109 ALA A N   1 
ATOM   839  C  CA  . ALA A 1 109 ? -8.484  -7.915  0.113   1.00 16.93 ? 109 ALA A CA  1 
ATOM   840  C  C   . ALA A 1 109 ? -7.715  -8.891  1.006   1.00 17.36 ? 109 ALA A C   1 
ATOM   841  O  O   . ALA A 1 109 ? -6.488  -8.765  1.163   1.00 17.51 ? 109 ALA A O   1 
ATOM   842  C  CB  . ALA A 1 109 ? -8.357  -8.311  -1.332  1.00 16.50 ? 109 ALA A CB  1 
ATOM   843  N  N   . CYS A 1 110 ? -8.459  -9.809  1.615   1.00 16.29 ? 110 CYS A N   1 
ATOM   844  C  CA  . CYS A 1 110 ? -7.910  -10.809 2.503   1.00 16.70 ? 110 CYS A CA  1 
ATOM   845  C  C   . CYS A 1 110 ? -8.029  -12.248 1.984   1.00 17.47 ? 110 CYS A C   1 
ATOM   846  O  O   . CYS A 1 110 ? -9.013  -12.616 1.375   1.00 17.17 ? 110 CYS A O   1 
ATOM   847  C  CB  . CYS A 1 110 ? -8.529  -10.646 3.891   1.00 15.79 ? 110 CYS A CB  1 
ATOM   848  S  SG  . CYS A 1 110 ? -8.169  -8.975  4.517   1.00 15.24 ? 110 CYS A SG  1 
ATOM   849  N  N   . GLU A 1 111 ? -7.016  -13.057 2.289   1.00 18.94 ? 111 GLU A N   1 
ATOM   850  C  CA  . GLU A 1 111 ? -7.013  -14.459 1.903   1.00 20.29 ? 111 GLU A CA  1 
ATOM   851  C  C   . GLU A 1 111 ? -6.159  -15.258 2.801   1.00 19.51 ? 111 GLU A C   1 
ATOM   852  O  O   . GLU A 1 111 ? -5.155  -14.765 3.320   1.00 16.28 ? 111 GLU A O   1 
ATOM   853  C  CB  . GLU A 1 111 ? -6.373  -14.627 0.537   1.00 24.20 ? 111 GLU A CB  1 
ATOM   854  C  CG  . GLU A 1 111 ? -7.308  -14.643 -0.626  1.00 29.24 ? 111 GLU A CG  1 
ATOM   855  C  CD  . GLU A 1 111 ? -6.543  -14.557 -1.947  1.00 34.86 ? 111 GLU A CD  1 
ATOM   856  O  OE1 . GLU A 1 111 ? -5.474  -15.215 -2.074  1.00 37.49 ? 111 GLU A OE1 1 
ATOM   857  O  OE2 . GLU A 1 111 ? -7.010  -13.803 -2.840  1.00 38.75 ? 111 GLU A OE2 1 
ATOM   858  N  N   . GLY A 1 112 ? -6.494  -16.551 2.853   1.00 20.23 ? 112 GLY A N   1 
ATOM   859  C  CA  . GLY A 1 112 ? -5.637  -17.557 3.421   1.00 19.80 ? 112 GLY A CA  1 
ATOM   860  C  C   . GLY A 1 112 ? -5.997  -17.993 4.810   1.00 19.57 ? 112 GLY A C   1 
ATOM   861  O  O   . GLY A 1 112 ? -6.973  -17.520 5.426   1.00 15.52 ? 112 GLY A O   1 
ATOM   862  N  N   . ASN A 1 113 ? -5.139  -18.873 5.324   1.00 20.88 ? 113 ASN A N   1 
ATOM   863  C  CA  . ASN A 1 113 ? -5.131  -19.217 6.745   1.00 22.99 ? 113 ASN A CA  1 
ATOM   864  C  C   . ASN A 1 113 ? -3.689  -19.155 7.284   1.00 22.84 ? 113 ASN A C   1 
ATOM   865  O  O   . ASN A 1 113 ? -2.863  -19.960 6.849   1.00 20.50 ? 113 ASN A O   1 
ATOM   866  C  CB  . ASN A 1 113 ? -5.714  -20.627 6.934   1.00 29.52 ? 113 ASN A CB  1 
ATOM   867  C  CG  . ASN A 1 113 ? -5.814  -21.019 8.410   1.00 35.78 ? 113 ASN A CG  1 
ATOM   868  O  OD1 . ASN A 1 113 ? -5.922  -20.160 9.278   1.00 40.56 ? 113 ASN A OD1 1 
ATOM   869  N  ND2 . ASN A 1 113 ? -5.705  -22.318 8.701   1.00 41.94 ? 113 ASN A ND2 1 
ATOM   870  N  N   . PRO A 1 114 ? -3.324  -18.206 8.168   1.00 21.09 ? 114 PRO A N   1 
ATOM   871  C  CA  . PRO A 1 114 ? -4.155  -17.076 8.629   1.00 20.04 ? 114 PRO A CA  1 
ATOM   872  C  C   . PRO A 1 114 ? -4.701  -16.151 7.512   1.00 18.40 ? 114 PRO A C   1 
ATOM   873  O  O   . PRO A 1 114 ? -4.098  -15.991 6.422   1.00 16.77 ? 114 PRO A O   1 
ATOM   874  C  CB  . PRO A 1 114 ? -3.183  -16.307 9.569   1.00 20.27 ? 114 PRO A CB  1 
ATOM   875  C  CG  . PRO A 1 114 ? -1.847  -16.552 8.943   1.00 21.29 ? 114 PRO A CG  1 
ATOM   876  C  CD  . PRO A 1 114 ? -1.912  -18.019 8.583   1.00 21.22 ? 114 PRO A CD  1 
ATOM   877  N  N   . TYR A 1 115 ? -5.863  -15.581 7.793   1.00 17.47 ? 115 TYR A N   1 
ATOM   878  C  CA  . TYR A 1 115 ? -6.612  -14.753 6.843   1.00 16.91 ? 115 TYR A CA  1 
ATOM   879  C  C   . TYR A 1 115 ? -6.032  -13.366 6.900   1.00 16.01 ? 115 TYR A C   1 
ATOM   880  O  O   . TYR A 1 115 ? -6.303  -12.633 7.867   1.00 15.05 ? 115 TYR A O   1 
ATOM   881  C  CB  . TYR A 1 115 ? -8.069  -14.763 7.278   1.00 18.20 ? 115 TYR A CB  1 
ATOM   882  C  CG  . TYR A 1 115 ? -9.057  -14.268 6.303   1.00 17.71 ? 115 TYR A CG  1 
ATOM   883  C  CD1 . TYR A 1 115 ? -9.293  -14.952 5.114   1.00 17.61 ? 115 TYR A CD1 1 
ATOM   884  C  CD2 . TYR A 1 115 ? -9.821  -13.116 6.580   1.00 18.69 ? 115 TYR A CD2 1 
ATOM   885  C  CE1 . TYR A 1 115 ? -10.242 -14.481 4.200   1.00 17.74 ? 115 TYR A CE1 1 
ATOM   886  C  CE2 . TYR A 1 115 ? -10.797 -12.673 5.703   1.00 17.86 ? 115 TYR A CE2 1 
ATOM   887  C  CZ  . TYR A 1 115 ? -11.031 -13.361 4.523   1.00 18.47 ? 115 TYR A CZ  1 
ATOM   888  O  OH  . TYR A 1 115 ? -11.990 -12.882 3.634   1.00 17.91 ? 115 TYR A OH  1 
ATOM   889  N  N   . VAL A 1 116 ? -5.190  -13.043 5.901   1.00 14.74 ? 116 VAL A N   1 
ATOM   890  C  CA  . VAL A 1 116 ? -4.363  -11.833 5.916   1.00 14.97 ? 116 VAL A CA  1 
ATOM   891  C  C   . VAL A 1 116 ? -4.497  -11.040 4.624   1.00 13.20 ? 116 VAL A C   1 
ATOM   892  O  O   . VAL A 1 116 ? -5.013  -11.568 3.669   1.00 12.06 ? 116 VAL A O   1 
ATOM   893  C  CB  . VAL A 1 116 ? -2.869  -12.145 6.183   1.00 15.88 ? 116 VAL A CB  1 
ATOM   894  C  CG1 . VAL A 1 116 ? -2.682  -12.769 7.578   1.00 17.60 ? 116 VAL A CG1 1 
ATOM   895  C  CG2 . VAL A 1 116 ? -2.342  -13.150 5.180   1.00 17.60 ? 116 VAL A CG2 1 
ATOM   896  N  N   . PRO A 1 117 ? -3.983  -9.781  4.610   1.00 13.51 ? 117 PRO A N   1 
ATOM   897  C  CA  . PRO A 1 117 ? -4.081  -8.979  3.398   1.00 13.44 ? 117 PRO A CA  1 
ATOM   898  C  C   . PRO A 1 117 ? -3.172  -9.474  2.268   1.00 13.20 ? 117 PRO A C   1 
ATOM   899  O  O   . PRO A 1 117 ? -2.002  -9.856  2.522   1.00 13.05 ? 117 PRO A O   1 
ATOM   900  C  CB  . PRO A 1 117 ? -3.688  -7.568  3.855   1.00 13.45 ? 117 PRO A CB  1 
ATOM   901  C  CG  . PRO A 1 117 ? -3.885  -7.558  5.314   1.00 13.61 ? 117 PRO A CG  1 
ATOM   902  C  CD  . PRO A 1 117 ? -3.536  -8.962  5.758   1.00 12.99 ? 117 PRO A CD  1 
ATOM   903  N  N   . VAL A 1 118 ? -3.751  -9.497  1.075   1.00 12.56 ? 118 VAL A N   1 
ATOM   904  C  CA  . VAL A 1 118 ? -3.085  -9.874  -0.178  1.00 13.08 ? 118 VAL A CA  1 
ATOM   905  C  C   . VAL A 1 118 ? -3.180  -8.806  -1.265  1.00 14.93 ? 118 VAL A C   1 
ATOM   906  O  O   . VAL A 1 118 ? -2.415  -8.863  -2.256  1.00 14.91 ? 118 VAL A O   1 
ATOM   907  C  CB  . VAL A 1 118 ? -3.556  -11.263 -0.686  1.00 12.66 ? 118 VAL A CB  1 
ATOM   908  C  CG1 . VAL A 1 118 ? -3.214  -12.321 0.365   1.00 12.05 ? 118 VAL A CG1 1 
ATOM   909  C  CG2 . VAL A 1 118 ? -5.039  -11.292 -1.011  1.00 12.06 ? 118 VAL A CG2 1 
ATOM   910  N  N   . HIS A 1 119 ? -4.049  -7.800  -1.087  1.00 15.12 ? 119 HIS A N   1 
ATOM   911  C  CA  . HIS A 1 119 ? -4.142  -6.730  -2.085  1.00 18.14 ? 119 HIS A CA  1 
ATOM   912  C  C   . HIS A 1 119 ? -4.599  -5.454  -1.378  1.00 16.24 ? 119 HIS A C   1 
ATOM   913  O  O   . HIS A 1 119 ? -5.419  -5.500  -0.452  1.00 15.73 ? 119 HIS A O   1 
ATOM   914  C  CB  . HIS A 1 119 ? -5.132  -7.057  -3.259  1.00 21.41 ? 119 HIS A CB  1 
ATOM   915  C  CG  . HIS A 1 119 ? -4.866  -8.349  -4.002  1.00 25.45 ? 119 HIS A CG  1 
ATOM   916  N  ND1 . HIS A 1 119 ? -3.750  -8.553  -4.803  1.00 27.76 ? 119 HIS A ND1 1 
ATOM   917  C  CD2 . HIS A 1 119 ? -5.627  -9.463  -4.137  1.00 27.83 ? 119 HIS A CD2 1 
ATOM   918  C  CE1 . HIS A 1 119 ? -3.822  -9.750  -5.360  1.00 29.07 ? 119 HIS A CE1 1 
ATOM   919  N  NE2 . HIS A 1 119 ? -4.954  -10.322 -4.970  1.00 30.34 ? 119 HIS A NE2 1 
ATOM   920  N  N   . PHE A 1 120 ? -4.027  -4.334  -1.773  1.00 15.88 ? 120 PHE A N   1 
ATOM   921  C  CA  . PHE A 1 120 ? -4.512  -3.020  -1.361  1.00 16.45 ? 120 PHE A CA  1 
ATOM   922  C  C   . PHE A 1 120 ? -5.549  -2.555  -2.428  1.00 19.05 ? 120 PHE A C   1 
ATOM   923  O  O   . PHE A 1 120 ? -5.173  -2.290  -3.564  1.00 18.45 ? 120 PHE A O   1 
ATOM   924  C  CB  . PHE A 1 120 ? -3.358  -2.018  -1.251  1.00 16.09 ? 120 PHE A CB  1 
ATOM   925  C  CG  . PHE A 1 120 ? -3.718  -0.753  -0.502  1.00 15.11 ? 120 PHE A CG  1 
ATOM   926  C  CD1 . PHE A 1 120 ? -4.256  0.344   -1.166  1.00 16.11 ? 120 PHE A CD1 1 
ATOM   927  C  CD2 . PHE A 1 120 ? -3.546  -0.678  0.869   1.00 15.20 ? 120 PHE A CD2 1 
ATOM   928  C  CE1 . PHE A 1 120 ? -4.616  1.497   -0.461  1.00 15.81 ? 120 PHE A CE1 1 
ATOM   929  C  CE2 . PHE A 1 120 ? -3.907  0.477   1.593   1.00 16.36 ? 120 PHE A CE2 1 
ATOM   930  C  CZ  . PHE A 1 120 ? -4.424  1.570   0.929   1.00 16.31 ? 120 PHE A CZ  1 
ATOM   931  N  N   . ASP A 1 121 ? -6.842  -2.503  -2.068  1.00 18.85 ? 121 ASP A N   1 
ATOM   932  C  CA  . ASP A 1 121 ? -7.900  -2.035  -2.943  1.00 20.70 ? 121 ASP A CA  1 
ATOM   933  C  C   . ASP A 1 121 ? -7.988  -0.516  -3.092  1.00 19.74 ? 121 ASP A C   1 
ATOM   934  O  O   . ASP A 1 121 ? -7.971  0.009   -4.204  1.00 17.76 ? 121 ASP A O   1 
ATOM   935  C  CB  . ASP A 1 121 ? -9.267  -2.541  -2.467  1.00 23.63 ? 121 ASP A CB  1 
ATOM   936  C  CG  . ASP A 1 121 ? -10.228 -2.791  -3.632  1.00 28.47 ? 121 ASP A CG  1 
ATOM   937  O  OD1 . ASP A 1 121 ? -9.818  -3.516  -4.560  1.00 34.99 ? 121 ASP A OD1 1 
ATOM   938  O  OD2 . ASP A 1 121 ? -11.380 -2.295  -3.648  1.00 28.80 ? 121 ASP A OD2 1 
ATOM   939  N  N   . ALA A 1 122 ? -8.102  0.186   -1.961  1.00 18.57 ? 122 ALA A N   1 
ATOM   940  C  CA  . ALA A 1 122 ? -8.308  1.634   -1.986  1.00 18.60 ? 122 ALA A CA  1 
ATOM   941  C  C   . ALA A 1 122 ? -8.181  2.172   -0.604  1.00 20.34 ? 122 ALA A C   1 
ATOM   942  O  O   . ALA A 1 122 ? -8.033  1.385   0.332   1.00 19.43 ? 122 ALA A O   1 
ATOM   943  C  CB  . ALA A 1 122 ? -9.693  1.994   -2.569  1.00 19.78 ? 122 ALA A CB  1 
ATOM   944  N  N   . SER A 1 123 ? -8.177  3.508   -0.485  1.00 20.25 ? 123 SER A N   1 
ATOM   945  C  CA  . SER A 1 123 ? -8.426  4.144   0.778   1.00 21.47 ? 123 SER A CA  1 
ATOM   946  C  C   . SER A 1 123 ? -9.595  5.142   0.645   1.00 20.04 ? 123 SER A C   1 
ATOM   947  O  O   . SER A 1 123 ? -9.896  5.598   -0.445  1.00 16.68 ? 123 SER A O   1 
ATOM   948  C  CB  . SER A 1 123 ? -7.171  4.833   1.319   1.00 21.53 ? 123 SER A CB  1 
ATOM   949  O  OG  . SER A 1 123 ? -6.928  6.018   0.589   1.00 27.62 ? 123 SER A OG  1 
ATOM   950  N  N   . VAL A 1 124 ? -10.227 5.447   1.774   1.00 19.93 ? 124 VAL A N   1 
ATOM   951  C  CA  . VAL A 1 124 ? -11.269 6.453   1.847   1.00 22.11 ? 124 VAL A CA  1 
ATOM   952  C  C   . VAL A 1 124 ? -10.947 7.376   2.997   1.00 23.69 ? 124 VAL A C   1 
ATOM   953  O  O   . VAL A 1 124 ? -10.594 8.535   2.746   1.00 25.44 ? 124 VAL A O   1 
ATOM   954  C  CB  . VAL A 1 124 ? -12.638 5.848   2.143   1.00 24.53 ? 124 VAL A CB  1 
ATOM   955  C  CG1 . VAL A 1 124 ? -13.685 6.973   2.206   1.00 25.84 ? 124 VAL A CG1 1 
ATOM   956  C  CG2 . VAL A 1 124 ? -12.953 4.775   1.129   1.00 24.95 ? 124 VAL A CG2 1 
ATOM   957  O  OXT . VAL A 1 124 ? -11.050 6.973   4.153   1.00 19.11 ? 124 VAL A OXT 1 
HETATM 958  N  N2  A QPT B 2 .   ? 11.433  6.417   5.925   0.25 41.37 ? 201 QPT A N2  1 
HETATM 959  PT PT1 A QPT B 2 .   ? 11.255  5.012   4.465   0.25 50.76 ? 201 QPT A PT1 1 
HETATM 960  PT PT1 B QPT B 2 .   ? 12.675  4.822   2.507   0.35 38.28 ? 201 QPT A PT1 1 
HETATM 961  N  N1  A QPT B 2 .   ? 10.666  3.598   5.795   0.25 35.73 ? 201 QPT A N1  1 
HETATM 962  N  N1  B QPT B 2 .   ? 13.542  2.992   2.258   0.35 31.94 ? 201 QPT A N1  1 
HETATM 963  O  O2  A QPT B 2 .   ? 11.888  6.507   3.033   0.25 36.75 ? 201 QPT A O2  1 
HETATM 964  O  O2  B QPT B 2 .   ? 11.818  6.788   2.743   0.35 26.25 ? 201 QPT A O2  1 
HETATM 965  CS CS  . CS  C 3 .   ? 0.839   5.624   13.094  0.30 20.45 ? 202 CS  A CS  1 
HETATM 966  CS CS  . CS  D 3 .   ? -16.719 -12.309 3.366   0.60 51.21 ? 203 CS  A CS  1 
HETATM 967  CS CS  A CS  E 3 .   ? 16.342  -2.960  -1.736  0.30 20.32 ? 204 CS  A CS  1 
HETATM 968  CS CS  B CS  E 3 .   ? 16.789  -1.488  -4.949  0.30 10.95 ? 204 CS  A CS  1 
HETATM 969  CS CS  . CS  F 3 .   ? 10.834  16.221  -4.539  0.50 20.92 ? 205 CS  A CS  1 
HETATM 970  CL CL  . CL  G 4 .   ? 12.270  -7.777  -3.297  1.00 23.60 ? 206 CL  A CL  1 
HETATM 971  CL CL  . CL  H 4 .   ? 4.158   -15.385 3.977   1.00 21.37 ? 207 CL  A CL  1 
HETATM 972  CL CL  . CL  I 4 .   ? 7.839   0.706   14.978  1.00 23.54 ? 208 CL  A CL  1 
HETATM 973  CL CL  . CL  J 4 .   ? 7.735   -2.635  -11.554 1.00 20.18 ? 209 CL  A CL  1 
HETATM 974  CL CL  . CL  K 4 .   ? 5.930   9.712   -17.059 1.00 41.81 ? 210 CL  A CL  1 
HETATM 975  CL CL  . CL  L 4 .   ? -2.294  -22.811 7.225   1.00 33.69 ? 211 CL  A CL  1 
HETATM 976  CL CL  . CL  M 4 .   ? 14.768  1.856   -11.776 1.00 35.18 ? 212 CL  A CL  1 
HETATM 977  CL CL  . CL  N 4 .   ? -3.256  -1.940  -5.686  1.00 34.79 ? 213 CL  A CL  1 
HETATM 978  CL CL  . CL  O 4 .   ? -1.672  0.667   -4.022  1.00 18.71 ? 214 CL  A CL  1 
HETATM 979  O  O   . HOH P 5 .   ? -12.854 5.261   -6.146  1.00 38.21 ? 301 HOH A O   1 
HETATM 980  O  O   . HOH P 5 .   ? -5.313  -12.732 -5.007  1.00 56.83 ? 302 HOH A O   1 
HETATM 981  O  O   . HOH P 5 .   ? -5.042  -10.941 9.116   1.00 25.29 ? 303 HOH A O   1 
HETATM 982  O  O   . HOH P 5 .   ? -2.884  3.661   14.643  1.00 22.16 ? 304 HOH A O   1 
HETATM 983  O  O   . HOH P 5 .   ? 0.144   -3.042  16.888  1.00 37.27 ? 305 HOH A O   1 
HETATM 984  O  O   . HOH P 5 .   ? -0.054  -9.657  -2.743  1.00 14.92 ? 306 HOH A O   1 
HETATM 985  O  O   . HOH P 5 .   ? 5.050   3.503   -15.481 1.00 31.18 ? 307 HOH A O   1 
HETATM 986  O  O   . HOH P 5 .   ? -15.128 -6.781  13.613  1.00 15.19 ? 308 HOH A O   1 
HETATM 987  O  O   . HOH P 5 .   ? 6.637   -10.938 -6.249  1.00 34.95 ? 309 HOH A O   1 
HETATM 988  O  O   . HOH P 5 .   ? 17.068  6.063   -3.020  1.00 17.80 ? 310 HOH A O   1 
HETATM 989  O  O   . HOH P 5 .   ? -8.000  -11.561 -3.733  1.00 21.56 ? 311 HOH A O   1 
HETATM 990  O  O   . HOH P 5 .   ? -20.794 -5.748  5.347   1.00 20.67 ? 312 HOH A O   1 
HETATM 991  O  O   . HOH P 5 .   ? 13.766  4.062   -8.918  1.00 21.46 ? 313 HOH A O   1 
HETATM 992  O  O   . HOH P 5 .   ? -1.968  -16.843 5.128   1.00 17.65 ? 314 HOH A O   1 
HETATM 993  O  O   . HOH P 5 .   ? -6.761  -2.252  12.760  1.00 14.22 ? 315 HOH A O   1 
HETATM 994  O  O   . HOH P 5 .   ? 2.667   15.989  -2.853  1.00 11.44 ? 316 HOH A O   1 
HETATM 995  O  O   . HOH P 5 .   ? -10.605 -6.648  13.939  1.00 23.62 ? 317 HOH A O   1 
HETATM 996  O  O   . HOH P 5 .   ? 1.145   -1.683  -10.992 1.00 45.18 ? 318 HOH A O   1 
HETATM 997  O  O   . HOH P 5 .   ? 8.974   11.298  -3.978  1.00 13.66 ? 319 HOH A O   1 
HETATM 998  O  O   . HOH P 5 .   ? 11.553  -12.394 -2.797  1.00 45.09 ? 320 HOH A O   1 
HETATM 999  O  O   . HOH P 5 .   ? -7.972  -19.472 10.810  1.00 41.72 ? 321 HOH A O   1 
HETATM 1000 O  O   . HOH P 5 .   ? -15.814 3.065   1.358   1.00 27.32 ? 322 HOH A O   1 
HETATM 1001 O  O   . HOH P 5 .   ? -3.609  -8.605  13.942  1.00 22.67 ? 323 HOH A O   1 
HETATM 1002 O  O   . HOH P 5 .   ? -10.630 -9.946  -4.463  1.00 35.51 ? 324 HOH A O   1 
HETATM 1003 O  O   . HOH P 5 .   ? 8.823   -17.124 -1.486  1.00 19.21 ? 325 HOH A O   1 
HETATM 1004 O  O   . HOH P 5 .   ? -3.735  -4.889  16.430  1.00 32.02 ? 326 HOH A O   1 
HETATM 1005 O  O   . HOH P 5 .   ? 14.395  4.836   -11.178 1.00 39.95 ? 327 HOH A O   1 
HETATM 1006 O  O   . HOH P 5 .   ? 15.369  7.995   -4.235  1.00 33.77 ? 328 HOH A O   1 
HETATM 1007 O  O   . HOH P 5 .   ? -0.144  -9.935  -7.377  1.00 36.58 ? 329 HOH A O   1 
HETATM 1008 O  O   . HOH P 5 .   ? 0.226   -6.476  -2.886  1.00 16.82 ? 330 HOH A O   1 
HETATM 1009 O  O   . HOH P 5 .   ? -16.102 -8.742  9.933   1.00 19.48 ? 331 HOH A O   1 
HETATM 1010 O  O   . HOH P 5 .   ? 0.959   11.220  -4.589  1.00 16.95 ? 332 HOH A O   1 
HETATM 1011 O  O   . HOH P 5 .   ? -7.655  -5.064  -4.066  1.00 31.66 ? 333 HOH A O   1 
HETATM 1012 O  O   . HOH P 5 .   ? 0.122   -9.560  4.174   1.00 9.58  ? 334 HOH A O   1 
HETATM 1013 O  O   . HOH P 5 .   ? -11.382 9.306   5.499   1.00 29.74 ? 335 HOH A O   1 
HETATM 1014 O  O   . HOH P 5 .   ? -1.018  12.125  7.901   1.00 39.46 ? 336 HOH A O   1 
HETATM 1015 O  O   . HOH P 5 .   ? -2.626  6.746   12.759  1.00 22.46 ? 337 HOH A O   1 
HETATM 1016 O  O   . HOH P 5 .   ? 2.197   18.101  -6.100  1.00 15.37 ? 338 HOH A O   1 
HETATM 1017 O  O   . HOH P 5 .   ? 8.507   -10.133 0.764   1.00 24.10 ? 339 HOH A O   1 
HETATM 1018 O  O   . HOH P 5 .   ? -15.021 -13.541 4.270   1.00 24.17 ? 340 HOH A O   1 
HETATM 1019 O  O   . HOH P 5 .   ? 8.604   5.696   -16.704 1.00 59.61 ? 341 HOH A O   1 
HETATM 1020 O  O   . HOH P 5 .   ? 0.757   -10.514 6.722   1.00 11.63 ? 342 HOH A O   1 
HETATM 1021 O  O   . HOH P 5 .   ? -9.525  3.406   -6.716  1.00 43.04 ? 343 HOH A O   1 
HETATM 1022 O  O   . HOH P 5 .   ? -10.734 -5.062  -6.650  1.00 25.21 ? 344 HOH A O   1 
HETATM 1023 O  O   . HOH P 5 .   ? 7.649   -10.082 3.574   1.00 13.97 ? 345 HOH A O   1 
HETATM 1024 O  O   . HOH P 5 .   ? -0.404  0.928   14.220  1.00 9.22  ? 346 HOH A O   1 
HETATM 1025 O  O   . HOH P 5 .   ? 8.379   14.472  -5.790  1.00 19.80 ? 347 HOH A O   1 
HETATM 1026 O  O   . HOH P 5 .   ? -8.575  12.410  7.589   1.00 32.44 ? 348 HOH A O   1 
HETATM 1027 O  O   . HOH P 5 .   ? 12.318  -0.171  2.233   1.00 18.27 ? 349 HOH A O   1 
HETATM 1028 O  O   . HOH P 5 .   ? 15.956  4.076   -1.829  1.00 21.99 ? 350 HOH A O   1 
HETATM 1029 O  O   . HOH P 5 .   ? 12.631  4.440   8.047   1.00 33.80 ? 351 HOH A O   1 
HETATM 1030 O  O   . HOH P 5 .   ? -12.840 -12.200 8.608   1.00 19.94 ? 352 HOH A O   1 
HETATM 1031 O  O   . HOH P 5 .   ? 7.404   -1.739  7.891   1.00 14.15 ? 353 HOH A O   1 
HETATM 1032 O  O   . HOH P 5 .   ? 9.371   18.705  -15.774 1.00 53.97 ? 354 HOH A O   1 
HETATM 1033 O  O   . HOH P 5 .   ? -5.372  -0.727  -5.890  1.00 32.89 ? 355 HOH A O   1 
HETATM 1034 O  O   . HOH P 5 .   ? 9.735   -3.589  -9.831  1.00 35.99 ? 356 HOH A O   1 
HETATM 1035 O  O   . HOH P 5 .   ? 13.412  -0.708  -7.315  1.00 21.16 ? 357 HOH A O   1 
HETATM 1036 O  O   . HOH P 5 .   ? -18.113 -11.303 -7.661  1.00 45.62 ? 358 HOH A O   1 
HETATM 1037 O  O   . HOH P 5 .   ? 1.493   -9.750  13.354  1.00 26.62 ? 359 HOH A O   1 
HETATM 1038 O  O   . HOH P 5 .   ? -8.518  -0.963  -6.801  1.00 47.59 ? 360 HOH A O   1 
HETATM 1039 O  O   . HOH P 5 .   ? 12.150  5.677   -7.296  1.00 19.18 ? 361 HOH A O   1 
HETATM 1040 O  O   . HOH P 5 .   ? 9.377   8.948   6.983   1.00 44.09 ? 362 HOH A O   1 
HETATM 1041 O  O   . HOH P 5 .   ? 7.402   -15.054 0.007   1.00 12.44 ? 363 HOH A O   1 
HETATM 1042 O  O   . HOH P 5 .   ? -9.272  11.030  4.593   1.00 47.69 ? 364 HOH A O   1 
HETATM 1043 O  O   . HOH P 5 .   ? 3.677   14.029  5.360   1.00 30.80 ? 365 HOH A O   1 
HETATM 1044 O  O   . HOH P 5 .   ? -1.411  -0.247  17.672  1.00 24.85 ? 366 HOH A O   1 
HETATM 1045 O  O   . HOH P 5 .   ? -9.225  0.154   12.070  1.00 11.80 ? 367 HOH A O   1 
HETATM 1046 O  O   . HOH P 5 .   ? -12.967 -14.778 1.719   1.00 28.75 ? 368 HOH A O   1 
HETATM 1047 O  O   . HOH P 5 .   ? -2.546  -15.591 2.465   1.00 19.66 ? 369 HOH A O   1 
HETATM 1048 O  O   . HOH P 5 .   ? 7.907   7.546   13.417  1.00 34.71 ? 370 HOH A O   1 
HETATM 1049 O  O   . HOH P 5 .   ? -3.733  14.501  2.053   1.00 26.22 ? 371 HOH A O   1 
HETATM 1050 O  O   . HOH P 5 .   ? 3.447   -13.118 -5.675  1.00 38.24 ? 372 HOH A O   1 
HETATM 1051 O  O   . HOH P 5 .   ? 9.154   -10.436 -6.227  1.00 43.81 ? 373 HOH A O   1 
HETATM 1052 O  O   . HOH P 5 .   ? -9.578  10.152  12.103  1.00 29.57 ? 374 HOH A O   1 
HETATM 1053 O  O   . HOH P 5 .   ? -3.526  -13.726 -3.593  1.00 54.38 ? 375 HOH A O   1 
HETATM 1054 O  O   . HOH P 5 .   ? 6.321   14.704  -3.564  1.00 11.74 ? 376 HOH A O   1 
HETATM 1055 O  O   . HOH P 5 .   ? 12.279  5.184   12.857  1.00 32.83 ? 377 HOH A O   1 
HETATM 1056 O  O   . HOH P 5 .   ? -21.977 -5.293  8.370   1.00 11.35 ? 378 HOH A O   1 
HETATM 1057 O  O   . HOH P 5 .   ? 9.517   17.848  1.651   1.00 28.78 ? 379 HOH A O   1 
HETATM 1058 O  O   . HOH P 5 .   ? -3.459  -21.443 10.299  1.00 50.47 ? 380 HOH A O   1 
HETATM 1059 O  O   . HOH P 5 .   ? 11.345  12.535  -18.333 1.00 49.66 ? 381 HOH A O   1 
HETATM 1060 O  O   . HOH P 5 .   ? -11.156 -13.756 -4.052  1.00 39.66 ? 382 HOH A O   1 
HETATM 1061 O  O   . HOH P 5 .   ? -9.671  -18.536 5.841   1.00 22.60 ? 383 HOH A O   1 
HETATM 1062 O  O   . HOH P 5 .   ? 6.477   16.556  -13.312 1.00 30.65 ? 384 HOH A O   1 
HETATM 1063 O  O   . HOH P 5 .   ? 10.317  0.425   6.143   1.00 29.55 ? 385 HOH A O   1 
HETATM 1064 O  O   . HOH P 5 .   ? 4.612   11.095  -19.392 1.00 52.57 ? 386 HOH A O   1 
HETATM 1065 O  O   . HOH P 5 .   ? 2.913   -5.585  14.221  1.00 17.54 ? 387 HOH A O   1 
HETATM 1066 O  O   . HOH P 5 .   ? 16.428  -0.803  -12.267 1.00 47.07 ? 388 HOH A O   1 
HETATM 1067 O  O   . HOH P 5 .   ? -13.754 6.802   11.376  1.00 22.96 ? 389 HOH A O   1 
HETATM 1068 O  O   . HOH P 5 .   ? -9.639  -15.086 -2.553  1.00 50.99 ? 390 HOH A O   1 
HETATM 1069 O  O   . HOH P 5 .   ? -5.094  8.036   11.624  1.00 13.37 ? 391 HOH A O   1 
HETATM 1070 O  O   . HOH P 5 .   ? 14.838  14.110  1.006   1.00 36.72 ? 392 HOH A O   1 
HETATM 1071 O  O   . HOH P 5 .   ? -8.264  -12.142 10.011  1.00 17.72 ? 393 HOH A O   1 
HETATM 1072 O  O   . HOH P 5 .   ? -17.054 -1.119  -9.024  1.00 25.99 ? 394 HOH A O   1 
HETATM 1073 O  O   . HOH P 5 .   ? -1.973  -11.068 13.466  1.00 26.11 ? 395 HOH A O   1 
HETATM 1074 O  O   . HOH P 5 .   ? -4.212  1.289   13.265  1.00 18.45 ? 396 HOH A O   1 
HETATM 1075 O  O   . HOH P 5 .   ? 7.352   10.840  10.717  1.00 41.86 ? 397 HOH A O   1 
HETATM 1076 O  O   . HOH P 5 .   ? 2.640   -16.610 -5.350  1.00 28.56 ? 398 HOH A O   1 
HETATM 1077 O  O   . HOH P 5 .   ? 9.523   5.889   14.163  1.00 44.44 ? 399 HOH A O   1 
HETATM 1078 O  O   . HOH P 5 .   ? 20.354  9.536   -14.464 1.00 37.18 ? 400 HOH A O   1 
HETATM 1079 O  O   . HOH P 5 .   ? 18.696  5.470   -12.518 1.00 18.47 ? 401 HOH A O   1 
HETATM 1080 O  O   . HOH P 5 .   ? -22.717 -0.666  6.843   1.00 21.96 ? 402 HOH A O   1 
HETATM 1081 O  O   . HOH P 5 .   ? -1.436  15.846  1.910   1.00 38.19 ? 403 HOH A O   1 
HETATM 1082 O  O   . HOH P 5 .   ? 7.037   -19.301 -1.129  1.00 47.15 ? 404 HOH A O   1 
HETATM 1083 O  O   . HOH P 5 .   ? 12.316  14.221  6.481   1.00 43.83 ? 405 HOH A O   1 
HETATM 1084 O  O   . HOH P 5 .   ? 6.696   13.365  -20.285 1.00 42.79 ? 406 HOH A O   1 
HETATM 1085 O  O   . HOH P 5 .   ? 11.222  16.835  7.283   1.00 40.31 ? 407 HOH A O   1 
HETATM 1086 O  O   . HOH P 5 .   ? 11.233  13.951  -7.411  1.00 35.99 ? 408 HOH A O   1 
HETATM 1087 O  O   . HOH P 5 .   ? 2.550   -5.634  -8.466  1.00 42.46 ? 409 HOH A O   1 
HETATM 1088 O  O   . HOH P 5 .   ? -7.154  -16.341 10.428  1.00 18.67 ? 410 HOH A O   1 
HETATM 1089 O  O   . HOH P 5 .   ? -5.806  -18.927 12.048  1.00 58.09 ? 411 HOH A O   1 
HETATM 1090 O  O   . HOH P 5 .   ? 10.763  3.280   14.200  1.00 35.64 ? 412 HOH A O   1 
HETATM 1091 O  O   . HOH P 5 .   ? -19.053 -6.793  7.939   1.00 18.04 ? 413 HOH A O   1 
HETATM 1092 O  O   . HOH P 5 .   ? 10.414  -6.747  -7.957  1.00 25.21 ? 414 HOH A O   1 
HETATM 1093 O  O   . HOH P 5 .   ? -4.039  14.743  9.404   1.00 41.20 ? 415 HOH A O   1 
HETATM 1094 O  O   . HOH P 5 .   ? 6.090   6.853   -17.061 1.00 24.56 ? 416 HOH A O   1 
HETATM 1095 O  O   . HOH P 5 .   ? 9.664   -17.186 -9.129  1.00 43.43 ? 417 HOH A O   1 
HETATM 1096 O  O   . HOH P 5 .   ? -6.824  0.502   13.505  1.00 18.30 ? 418 HOH A O   1 
HETATM 1097 O  O   . HOH P 5 .   ? -0.027  -15.830 1.239   1.00 16.48 ? 419 HOH A O   1 
HETATM 1098 O  O   . HOH P 5 .   ? 9.185   10.936  8.823   1.00 19.96 ? 420 HOH A O   1 
HETATM 1099 O  O   . HOH P 5 .   ? -6.612  12.408  4.655   1.00 47.68 ? 421 HOH A O   1 
HETATM 1100 O  O   . HOH P 5 .   ? 15.677  -3.358  -17.421 1.00 35.39 ? 422 HOH A O   1 
HETATM 1101 O  O   . HOH P 5 .   ? -5.190  13.688  6.270   1.00 21.90 ? 423 HOH A O   1 
HETATM 1102 O  O   . HOH P 5 .   ? -15.321 -7.067  -12.593 1.00 37.23 ? 424 HOH A O   1 
HETATM 1103 O  O   . HOH P 5 .   ? -16.535 -4.559  -11.035 1.00 30.14 ? 425 HOH A O   1 
HETATM 1104 O  O   . HOH P 5 .   ? -9.315  -17.464 1.873   1.00 13.78 ? 426 HOH A O   1 
HETATM 1105 O  O   . HOH P 5 .   ? -1.919  -4.757  -4.045  1.00 15.28 ? 427 HOH A O   1 
HETATM 1106 O  O   . HOH P 5 .   ? 4.845   -3.842  12.889  1.00 15.80 ? 428 HOH A O   1 
HETATM 1107 O  O   . HOH P 5 .   ? 13.696  17.694  -2.930  1.00 13.32 ? 429 HOH A O   1 
HETATM 1108 O  O   . HOH P 5 .   ? 12.369  6.315   11.184  1.00 22.96 ? 430 HOH A O   1 
HETATM 1109 O  O   . HOH P 5 .   ? 3.875   2.913   12.609  1.00 34.40 ? 431 HOH A O   1 
HETATM 1110 O  O   . HOH P 5 .   ? 7.211   11.030  14.602  1.00 35.48 ? 432 HOH A O   1 
HETATM 1111 O  O   . HOH P 5 .   ? 12.432  1.150   4.713   1.00 28.62 ? 433 HOH A O   1 
HETATM 1112 O  O   . HOH P 5 .   ? -15.191 0.425   8.240   1.00 16.61 ? 434 HOH A O   1 
HETATM 1113 O  O   . HOH P 5 .   ? -14.294 1.873   -8.739  1.00 39.58 ? 435 HOH A O   1 
HETATM 1114 O  O   . HOH P 5 .   ? 8.181   2.752   -16.785 1.00 32.14 ? 436 HOH A O   1 
HETATM 1115 O  O   . HOH P 5 .   ? -24.096 -1.878  9.934   1.00 14.34 ? 437 HOH A O   1 
HETATM 1116 O  O   . HOH P 5 .   ? -2.603  13.367  11.513  1.00 41.01 ? 438 HOH A O   1 
HETATM 1117 O  O   . HOH P 5 .   ? -2.600  14.168  6.916   1.00 45.48 ? 439 HOH A O   1 
HETATM 1118 O  O   . HOH P 5 .   ? -15.428 3.631   7.796   1.00 7.66  ? 440 HOH A O   1 
HETATM 1119 O  O   . HOH P 5 .   ? -8.050  -10.524 11.823  1.00 16.17 ? 441 HOH A O   1 
HETATM 1120 O  O   . HOH P 5 .   ? 6.706   -5.905  -7.418  1.00 16.07 ? 442 HOH A O   1 
HETATM 1121 O  O   . HOH P 5 .   ? 4.645   14.648  -19.298 1.00 37.45 ? 443 HOH A O   1 
HETATM 1122 O  O   . HOH P 5 .   ? 7.124   4.246   14.066  1.00 47.86 ? 444 HOH A O   1 
HETATM 1123 O  O   . HOH P 5 .   ? 0.423   -17.356 -1.616  1.00 23.14 ? 445 HOH A O   1 
HETATM 1124 O  O   . HOH P 5 .   ? 13.299  11.945  -13.702 1.00 27.87 ? 446 HOH A O   1 
HETATM 1125 O  O   . HOH P 5 .   ? -8.699  11.212  10.096  1.00 40.50 ? 447 HOH A O   1 
HETATM 1126 O  O   . HOH P 5 .   ? 13.069  -14.957 -4.736  1.00 41.68 ? 448 HOH A O   1 
HETATM 1127 O  O   . HOH P 5 .   ? 4.042   -18.791 -3.205  1.00 34.46 ? 449 HOH A O   1 
HETATM 1128 O  O   . HOH P 5 .   ? 11.405  17.670  -13.337 1.00 30.47 ? 450 HOH A O   1 
HETATM 1129 O  O   . HOH P 5 .   ? 3.380   7.043   -16.385 1.00 41.97 ? 451 HOH A O   1 
HETATM 1130 O  O   . HOH P 5 .   ? 9.215   15.067  -10.366 1.00 29.04 ? 452 HOH A O   1 
HETATM 1131 O  O   . HOH P 5 .   ? -7.732  4.715   -3.682  1.00 37.15 ? 453 HOH A O   1 
HETATM 1132 O  O   . HOH P 5 .   ? 16.945  1.654   -2.880  1.00 25.68 ? 454 HOH A O   1 
HETATM 1133 O  O   . HOH P 5 .   ? 0.386   -13.734 10.042  1.00 32.02 ? 455 HOH A O   1 
HETATM 1134 O  O   . HOH P 5 .   ? 12.517  17.385  0.869   1.00 19.10 ? 456 HOH A O   1 
HETATM 1135 O  O   . HOH P 5 .   ? 16.720  15.706  -3.610  1.00 42.66 ? 457 HOH A O   1 
HETATM 1136 O  O   . HOH P 5 .   ? -0.258  10.694  11.127  1.00 29.45 ? 458 HOH A O   1 
HETATM 1137 O  O   . HOH P 5 .   ? 14.920  6.157   5.620   1.00 36.94 ? 459 HOH A O   1 
HETATM 1138 O  O   . HOH P 5 .   ? 3.941   0.740   14.269  1.00 30.96 ? 460 HOH A O   1 
HETATM 1139 O  O   . HOH P 5 .   ? -9.758  -8.036  -11.429 1.00 44.07 ? 461 HOH A O   1 
HETATM 1140 O  O   . HOH P 5 .   ? -5.729  -4.638  -6.174  1.00 30.07 ? 462 HOH A O   1 
HETATM 1141 O  O   . HOH P 5 .   ? 7.877   17.995  -3.965  1.00 24.77 ? 463 HOH A O   1 
HETATM 1142 O  O   . HOH P 5 .   ? -13.690 -14.253 6.831   1.00 32.77 ? 464 HOH A O   1 
HETATM 1143 O  O   . HOH P 5 .   ? 0.251   -4.891  -7.468  1.00 42.12 ? 465 HOH A O   1 
HETATM 1144 O  O   . HOH P 5 .   ? 10.237  18.277  4.859   1.00 27.02 ? 466 HOH A O   1 
HETATM 1145 O  O   . HOH P 5 .   ? -7.787  -8.648  -6.838  1.00 31.90 ? 467 HOH A O   1 
HETATM 1146 O  O   . HOH P 5 .   ? 14.326  -12.258 -5.595  1.00 42.10 ? 468 HOH A O   1 
HETATM 1147 O  O   . HOH P 5 .   ? -15.961 -10.986 8.436   1.00 48.83 ? 469 HOH A O   1 
HETATM 1148 O  O   . HOH P 5 .   ? 12.886  -11.557 -8.058  1.00 42.95 ? 470 HOH A O   1 
HETATM 1149 O  O   . HOH P 5 .   ? -9.455  -7.281  -5.029  1.00 32.43 ? 471 HOH A O   1 
HETATM 1150 O  O   . HOH P 5 .   ? -11.079 -16.054 -7.330  1.00 58.18 ? 472 HOH A O   1 
HETATM 1151 O  O   . HOH P 5 .   ? 9.247   8.870   12.082  1.00 31.35 ? 473 HOH A O   1 
HETATM 1152 O  O   . HOH P 5 .   ? 15.173  10.998  -3.932  1.00 22.50 ? 474 HOH A O   1 
HETATM 1153 O  O   . HOH P 5 .   ? -5.616  -10.402 13.032  1.00 23.34 ? 475 HOH A O   1 
HETATM 1154 O  O   . HOH P 5 .   ? -6.743  -17.132 -5.115  1.00 64.10 ? 476 HOH A O   1 
HETATM 1155 O  O   . HOH P 5 .   ? -18.163 -11.398 6.708   1.00 41.97 ? 477 HOH A O   1 
HETATM 1156 O  O   . HOH P 5 .   ? -4.202  -12.391 11.085  1.00 26.26 ? 478 HOH A O   1 
HETATM 1157 O  O   . HOH P 5 .   ? 16.220  6.341   -9.835  1.00 32.54 ? 479 HOH A O   1 
HETATM 1158 O  O   . HOH P 5 .   ? 18.573  10.885  1.556   1.00 56.87 ? 480 HOH A O   1 
HETATM 1159 O  O   . HOH P 5 .   ? 11.207  -8.135  -5.950  1.00 37.85 ? 481 HOH A O   1 
HETATM 1160 O  O   . HOH P 5 .   ? 16.568  0.392   -8.350  1.00 46.06 ? 482 HOH A O   1 
HETATM 1161 O  O   . HOH P 5 .   ? 6.119   -8.768  -8.341  1.00 39.20 ? 483 HOH A O   1 
HETATM 1162 O  O   . HOH P 5 .   ? -2.163  -16.767 -3.535  1.00 42.26 ? 484 HOH A O   1 
HETATM 1163 O  O   . HOH P 5 .   ? -0.396  -11.015 -4.865  1.00 33.61 ? 485 HOH A O   1 
HETATM 1164 O  O   . HOH P 5 .   ? -16.708 6.114   8.547   1.00 17.62 ? 486 HOH A O   1 
HETATM 1165 O  O   . HOH P 5 .   ? 9.460   0.725   -19.058 1.00 49.17 ? 487 HOH A O   1 
HETATM 1166 O  O   . HOH P 5 .   ? 2.546   -4.883  16.896  1.00 27.93 ? 488 HOH A O   1 
HETATM 1167 O  O   . HOH P 5 .   ? -8.597  -17.978 -2.103  1.00 49.93 ? 489 HOH A O   1 
HETATM 1168 O  O   . HOH P 5 .   ? 1.579   1.426   16.087  1.00 40.31 ? 490 HOH A O   1 
HETATM 1169 O  O   . HOH P 5 .   ? 5.514   9.189   16.592  1.00 54.60 ? 491 HOH A O   1 
HETATM 1170 O  O   . HOH P 5 .   ? 5.383   -1.690  14.385  1.00 10.40 ? 492 HOH A O   1 
HETATM 1171 O  O   . HOH P 5 .   ? -1.790  -13.640 11.514  1.00 32.48 ? 493 HOH A O   1 
HETATM 1172 O  O   . HOH P 5 .   ? 8.914   4.226   -19.981 1.00 54.94 ? 494 HOH A O   1 
HETATM 1173 O  O   . HOH P 5 .   ? -10.515 -13.679 10.146  1.00 33.28 ? 495 HOH A O   1 
HETATM 1174 O  O   . HOH P 5 .   ? -0.134  -16.440 -4.989  1.00 45.08 ? 496 HOH A O   1 
HETATM 1175 O  O   . HOH P 5 .   ? 7.198   13.318  10.224  1.00 38.71 ? 497 HOH A O   1 
HETATM 1176 O  O   . HOH P 5 .   ? 11.656  15.182  -11.667 1.00 38.13 ? 498 HOH A O   1 
HETATM 1177 O  O   . HOH P 5 .   ? 8.061   16.035  -7.817  1.00 28.04 ? 499 HOH A O   1 
HETATM 1178 O  O   . HOH P 5 .   ? 0.384   -15.619 6.059   1.00 16.72 ? 500 HOH A O   1 
HETATM 1179 O  O   . HOH P 5 .   ? -13.566 -4.860  -12.973 1.00 49.86 ? 501 HOH A O   1 
HETATM 1180 O  O   . HOH P 5 .   ? -11.901 -16.405 6.663   1.00 14.64 ? 502 HOH A O   1 
HETATM 1181 O  O   . HOH P 5 .   ? -5.807  -14.192 12.316  1.00 35.93 ? 503 HOH A O   1 
HETATM 1182 O  O   . HOH P 5 .   ? 11.995  -15.674 -8.894  1.00 54.24 ? 504 HOH A O   1 
HETATM 1183 O  O   . HOH P 5 .   ? 19.537  9.041   -9.376  1.00 62.95 ? 505 HOH A O   1 
HETATM 1184 O  O   . HOH P 5 .   ? -10.325 -21.213 5.300   1.00 50.38 ? 506 HOH A O   1 
HETATM 1185 O  O   . HOH P 5 .   ? 11.550  13.298  10.077  1.00 41.89 ? 507 HOH A O   1 
HETATM 1186 O  O   . HOH P 5 .   ? 2.380   -17.201 -7.925  1.00 49.97 ? 508 HOH A O   1 
HETATM 1187 O  O   . HOH P 5 .   ? 19.937  3.621   -8.949  1.00 46.38 ? 509 HOH A O   1 
HETATM 1188 O  O   . HOH P 5 .   ? 11.353  19.959  7.573   1.00 53.83 ? 510 HOH A O   1 
HETATM 1189 O  O   . HOH P 5 .   ? 11.102  -0.719  -23.178 1.00 57.80 ? 511 HOH A O   1 
HETATM 1190 O  O   . HOH P 5 .   ? -13.280 -19.106 8.847   1.00 47.00 ? 512 HOH A O   1 
HETATM 1191 O  O   . HOH P 5 .   ? 4.607   17.302  12.010  1.00 43.54 ? 513 HOH A O   1 
HETATM 1192 O  O   . HOH P 5 .   ? 6.643   -1.940  19.498  1.00 41.78 ? 514 HOH A O   1 
HETATM 1193 O  O   . HOH P 5 .   ? 10.185  8.697   19.436  1.00 41.94 ? 515 HOH A O   1 
# 
